data_7L8C
#
_entry.id   7L8C
#
_cell.length_a   1.00
_cell.length_b   1.00
_cell.length_c   1.00
_cell.angle_alpha   90.00
_cell.angle_beta   90.00
_cell.angle_gamma   90.00
#
_symmetry.space_group_name_H-M   'P 1'
#
loop_
_entity.id
_entity.type
_entity.pdbx_description
1 polymer 'BG505 SOSIP MD39 - gp120'
2 polymer 'BG505 SOSIP MD39 - gp41'
3 polymer 'Rh.33104 pAbC-3 - Heavy Chain'
4 polymer 'Rh.33104 pAbC-3 - Light Chain'
5 branched 2-acetamido-2-deoxy-beta-D-glucopyranose-(1-4)-2-acetamido-2-deoxy-beta-D-glucopyranose
6 branched alpha-D-mannopyranose-(1-3)-[alpha-D-mannopyranose-(1-6)]beta-D-mannopyranose-(1-4)-2-acetamido-2-deoxy-beta-D-glucopyranose-(1-4)-2-acetamido-2-deoxy-beta-D-glucopyranose
7 branched beta-D-mannopyranose-(1-4)-2-acetamido-2-deoxy-beta-D-glucopyranose-(1-4)-2-acetamido-2-deoxy-beta-D-glucopyranose
8 non-polymer 2-acetamido-2-deoxy-beta-D-glucopyranose
#
loop_
_entity_poly.entity_id
_entity_poly.type
_entity_poly.pdbx_seq_one_letter_code
_entity_poly.pdbx_strand_id
1 'polypeptide(L)'
;NLWVTVYYGVPVWKDAETTLFCASDAKAYETEKHNVWATHACVPTDPNPQEIHLENVTEEFNMWKNNMVEQMHEDIISLW
DQSLKPCVKLTPLCVTLQCTNVTNNITDDMRGELKNCSFNMTTELRDKKQKVYSLFYRLDVVQINENQGNRSNNSNKEYR
LINCNTSAITQACPKVSFEPIPIHYCAPAGFAILKCKDKKFNGTGPCPSVSTVQCTHGIKPVVSTQLLLNGSLAEEEVII
RSENITNNAKNILVQLNTPVQINCTRPNNNTVKSIRIGPGQAFYYTGDIIGDIRQAHCNVSKATWNETLGKVVKQLRKHF
GNNTIIRFAQSSGGDLEVTTHSFNCGGEFFYCNTSGLFNSTWISNTSVQGSNSTGSNDSITLPCRIKQIINMWQRIGQAM
YAPPIQGVIRCVSNITGLILTRDGGSTNSTTETFRPGGGDMRDNWRSELYKYKVVKIEPLGVAPTRCKR
;
A,C,D
2 'polypeptide(L)'
;VSLGFLGAAGSTMGAASMTLTVQARNLLSGIVQQQSNLLRAPEPQQHLLKDTHWGIKQLQARVLAVEHYLRDQQLLGIWG
CSGKLICCTNVPWNSSWSNRNLSEIWDNMTWLQWDKEISNYTQIIYGLLEESQNQQEKNEQDLLALD
;
B,E,F
3 'polypeptide(L)'
;(UNK)(UNK)(UNK)(UNK)(UNK)(UNK)(UNK)(UNK)(UNK)(UNK)(UNK)(UNK)(UNK)(UNK)(UNK)(UNK)
(UNK)(UNK)(UNK)(UNK)(UNK)(UNK)(UNK)(UNK)(UNK)(UNK)(UNK)(UNK)(UNK)(UNK)(UNK)(UNK)
(UNK)(UNK)(UNK)(UNK)(UNK)(UNK)(UNK)(UNK)(UNK)(UNK)(UNK)(UNK)(UNK)(UNK)(UNK)(UNK)
(UNK)(UNK)(UNK)(UNK)(UNK)(UNK)(UNK)(UNK)(UNK)(UNK)(UNK)(UNK)(UNK)(UNK)(UNK)(UNK)
(UNK)(UNK)(UNK)(UNK)(UNK)(UNK)(UNK)(UNK)(UNK)(UNK)(UNK)(UNK)(UNK)(UNK)(UNK)(UNK)
(UNK)(UNK)(UNK)(UNK)(UNK)(UNK)(UNK)(UNK)(UNK)(UNK)(UNK)(UNK)(UNK)(UNK)(UNK)(UNK)
(UNK)(UNK)(UNK)(UNK)(UNK)(UNK)(UNK)(UNK)(UNK)(UNK)(UNK)(UNK)(UNK)(UNK)(UNK)(UNK)
(UNK)
;
H
4 'polypeptide(L)'
;(UNK)(UNK)(UNK)(UNK)(UNK)(UNK)(UNK)(UNK)(UNK)(UNK)(UNK)(UNK)(UNK)(UNK)(UNK)(UNK)
(UNK)(UNK)(UNK)(UNK)(UNK)(UNK)(UNK)(UNK)(UNK)(UNK)(UNK)(UNK)(UNK)(UNK)(UNK)(UNK)
(UNK)(UNK)(UNK)(UNK)(UNK)(UNK)(UNK)(UNK)(UNK)(UNK)(UNK)(UNK)(UNK)(UNK)(UNK)(UNK)
(UNK)(UNK)(UNK)(UNK)(UNK)(UNK)(UNK)(UNK)(UNK)(UNK)(UNK)(UNK)(UNK)(UNK)(UNK)(UNK)
(UNK)(UNK)(UNK)(UNK)(UNK)(UNK)(UNK)(UNK)(UNK)(UNK)(UNK)(UNK)(UNK)(UNK)(UNK)(UNK)
(UNK)(UNK)(UNK)(UNK)(UNK)(UNK)(UNK)(UNK)(UNK)(UNK)(UNK)(UNK)(UNK)(UNK)(UNK)(UNK)
(UNK)(UNK)(UNK)(UNK)(UNK)(UNK)(UNK)(UNK)(UNK)(UNK)(UNK)
;
L
#
loop_
_chem_comp.id
_chem_comp.type
_chem_comp.name
_chem_comp.formula
BMA D-saccharide, beta linking beta-D-mannopyranose 'C6 H12 O6'
MAN D-saccharide, alpha linking alpha-D-mannopyranose 'C6 H12 O6'
NAG D-saccharide, beta linking 2-acetamido-2-deoxy-beta-D-glucopyranose 'C8 H15 N O6'
#
# COMPACT_ATOMS: atom_id res chain seq x y z
N ASN A 1 -13.58 -49.38 9.09
CA ASN A 1 -14.32 -48.61 8.09
C ASN A 1 -14.41 -47.14 8.56
N LEU A 2 -13.30 -46.40 8.41
CA LEU A 2 -13.11 -45.00 8.80
C LEU A 2 -13.16 -44.08 7.62
N TRP A 3 -13.46 -42.82 7.92
CA TRP A 3 -13.63 -41.75 6.96
C TRP A 3 -12.71 -40.57 7.25
N VAL A 4 -12.37 -39.82 6.23
CA VAL A 4 -11.51 -38.66 6.37
C VAL A 4 -12.25 -37.48 6.96
N THR A 5 -11.71 -36.86 7.98
CA THR A 5 -12.29 -35.65 8.54
C THR A 5 -11.30 -34.53 8.55
N VAL A 6 -11.76 -33.38 8.10
CA VAL A 6 -10.95 -32.20 7.97
C VAL A 6 -11.09 -31.31 9.18
N TYR A 7 -9.97 -30.88 9.72
CA TYR A 7 -9.99 -29.98 10.87
C TYR A 7 -9.23 -28.71 10.59
N TYR A 8 -9.80 -27.58 10.98
CA TYR A 8 -9.13 -26.31 10.78
C TYR A 8 -8.92 -25.61 12.09
N GLY A 9 -7.68 -25.21 12.34
CA GLY A 9 -7.30 -24.59 13.59
C GLY A 9 -6.43 -25.58 14.36
N VAL A 10 -5.81 -26.48 13.64
CA VAL A 10 -4.96 -27.49 14.23
C VAL A 10 -3.65 -26.88 14.72
N PRO A 11 -3.22 -27.09 15.97
CA PRO A 11 -2.03 -26.52 16.56
C PRO A 11 -0.70 -27.13 16.14
N VAL A 12 -0.36 -26.99 14.87
CA VAL A 12 0.90 -27.50 14.35
C VAL A 12 1.67 -26.43 13.60
N TRP A 13 2.96 -26.65 13.41
CA TRP A 13 3.79 -25.69 12.72
C TRP A 13 4.99 -26.30 12.04
N LYS A 14 5.63 -25.55 11.21
CA LYS A 14 6.81 -26.07 10.55
C LYS A 14 7.84 -24.97 10.40
N ASP A 15 9.13 -25.22 10.35
CA ASP A 15 10.19 -24.20 10.34
C ASP A 15 9.99 -23.26 9.17
N ALA A 16 10.20 -21.96 9.38
CA ALA A 16 10.03 -21.07 8.25
C ALA A 16 10.83 -19.80 8.35
N GLU A 17 11.11 -19.19 7.21
CA GLU A 17 11.74 -17.89 7.21
C GLU A 17 10.71 -16.89 6.77
N THR A 18 10.73 -15.74 7.39
CA THR A 18 9.81 -14.68 7.00
C THR A 18 10.36 -13.35 7.38
N THR A 19 9.56 -12.34 7.17
CA THR A 19 9.90 -10.98 7.48
C THR A 19 9.35 -10.65 8.84
N LEU A 20 10.19 -10.22 9.75
CA LEU A 20 9.74 -9.84 11.07
C LEU A 20 9.68 -8.36 11.13
N PHE A 21 8.85 -7.81 11.99
CA PHE A 21 8.76 -6.37 12.08
C PHE A 21 9.22 -5.89 13.45
N CYS A 22 9.58 -4.61 13.54
CA CYS A 22 10.08 -3.94 14.74
C CYS A 22 8.99 -3.28 15.55
N ALA A 23 9.05 -3.52 16.85
CA ALA A 23 8.27 -2.85 17.85
C ALA A 23 9.29 -2.23 18.79
N SER A 24 9.02 -1.04 19.30
CA SER A 24 10.01 -0.42 20.18
C SER A 24 9.54 0.12 21.52
N ASP A 25 8.29 0.64 21.63
CA ASP A 25 7.78 1.27 22.88
C ASP A 25 6.39 1.85 22.67
N HIS A 34 15.61 11.24 16.81
CA HIS A 34 16.31 11.32 18.09
C HIS A 34 17.55 10.41 18.18
N ASN A 35 17.55 9.26 17.47
CA ASN A 35 18.61 8.24 17.50
C ASN A 35 18.80 7.54 16.18
N VAL A 36 19.92 6.85 16.09
CA VAL A 36 20.31 6.15 14.88
C VAL A 36 19.46 4.94 14.51
N TRP A 37 18.54 4.52 15.36
CA TRP A 37 17.72 3.37 15.01
C TRP A 37 16.37 3.75 14.48
N ALA A 38 16.11 5.05 14.33
CA ALA A 38 14.83 5.48 13.77
C ALA A 38 13.70 4.76 14.42
N THR A 39 13.65 4.77 15.73
CA THR A 39 12.68 4.01 16.48
C THR A 39 11.27 4.50 16.30
N HIS A 40 11.11 5.68 15.71
CA HIS A 40 9.79 6.22 15.43
C HIS A 40 9.15 5.45 14.30
N ALA A 41 9.96 4.69 13.56
CA ALA A 41 9.50 3.86 12.47
C ALA A 41 8.96 2.48 12.91
N CYS A 42 9.09 2.12 14.21
CA CYS A 42 8.70 0.87 14.84
C CYS A 42 7.34 1.05 15.48
N VAL A 43 6.66 -0.04 15.74
CA VAL A 43 5.35 0.09 16.34
C VAL A 43 5.46 0.10 17.87
N PRO A 44 4.42 0.48 18.59
CA PRO A 44 4.33 0.35 20.02
C PRO A 44 4.42 -1.10 20.40
N THR A 45 4.94 -1.39 21.58
CA THR A 45 5.00 -2.76 22.02
C THR A 45 3.73 -3.13 22.68
N ASP A 46 3.57 -4.42 22.89
CA ASP A 46 2.44 -4.91 23.63
C ASP A 46 2.70 -4.59 25.10
N PRO A 47 1.89 -3.75 25.78
CA PRO A 47 2.09 -3.37 27.16
C PRO A 47 1.87 -4.55 28.11
N ASN A 48 1.21 -5.60 27.61
CA ASN A 48 0.94 -6.77 28.42
C ASN A 48 1.29 -8.00 27.60
N PRO A 49 2.57 -8.23 27.28
CA PRO A 49 2.99 -9.23 26.34
C PRO A 49 2.63 -10.58 26.86
N GLN A 50 2.21 -11.44 25.98
CA GLN A 50 1.86 -12.77 26.38
C GLN A 50 2.95 -13.75 26.11
N GLU A 51 2.97 -14.77 26.93
CA GLU A 51 3.86 -15.88 26.76
C GLU A 51 3.13 -17.09 27.25
N ILE A 52 3.11 -18.13 26.45
CA ILE A 52 2.39 -19.30 26.91
C ILE A 52 3.32 -20.49 26.95
N HIS A 53 3.16 -21.34 27.94
CA HIS A 53 4.00 -22.51 28.06
C HIS A 53 3.43 -23.68 27.31
N LEU A 54 4.24 -24.39 26.54
CA LEU A 54 3.70 -25.53 25.83
C LEU A 54 4.09 -26.82 26.52
N GLU A 55 3.16 -27.43 27.20
CA GLU A 55 3.53 -28.62 27.93
C GLU A 55 3.84 -29.72 26.94
N ASN A 56 4.87 -30.54 27.24
CA ASN A 56 5.29 -31.74 26.48
C ASN A 56 5.77 -31.46 25.04
N VAL A 57 6.11 -30.20 24.68
CA VAL A 57 6.63 -29.87 23.35
C VAL A 57 8.14 -29.78 23.35
N THR A 58 8.76 -30.59 22.52
CA THR A 58 10.21 -30.58 22.40
C THR A 58 10.54 -30.16 21.00
N GLU A 59 11.33 -29.12 20.87
CA GLU A 59 11.68 -28.58 19.56
C GLU A 59 13.15 -28.52 19.35
N GLU A 60 13.59 -28.61 18.11
CA GLU A 60 15.00 -28.45 17.87
C GLU A 60 15.32 -27.04 17.46
N PHE A 61 16.37 -26.50 18.05
CA PHE A 61 16.82 -25.17 17.77
C PHE A 61 18.21 -25.22 17.23
N ASN A 62 18.56 -24.27 16.38
CA ASN A 62 19.93 -24.20 15.89
C ASN A 62 20.31 -22.77 15.70
N MET A 63 20.99 -22.21 16.67
CA MET A 63 21.32 -20.81 16.67
C MET A 63 22.25 -20.42 15.54
N TRP A 64 22.94 -21.36 14.95
CA TRP A 64 23.92 -21.05 13.95
C TRP A 64 23.30 -20.97 12.56
N LYS A 65 22.04 -21.36 12.45
CA LYS A 65 21.33 -21.39 11.20
C LYS A 65 20.08 -20.56 11.33
N ASN A 66 20.07 -19.70 12.34
CA ASN A 66 18.92 -18.91 12.67
C ASN A 66 18.84 -17.66 11.85
N ASN A 67 17.88 -17.61 10.95
CA ASN A 67 17.70 -16.51 10.01
C ASN A 67 17.41 -15.18 10.67
N MET A 68 16.98 -15.21 11.92
CA MET A 68 16.67 -13.97 12.59
C MET A 68 17.91 -13.15 12.73
N VAL A 69 19.07 -13.79 12.81
CA VAL A 69 20.32 -13.08 12.99
C VAL A 69 20.64 -12.31 11.75
N GLU A 70 20.47 -12.94 10.60
CA GLU A 70 20.78 -12.28 9.36
C GLU A 70 19.88 -11.12 9.14
N GLN A 71 18.62 -11.28 9.51
CA GLN A 71 17.70 -10.20 9.28
C GLN A 71 17.98 -9.05 10.21
N MET A 72 18.34 -9.33 11.47
CA MET A 72 18.65 -8.24 12.38
C MET A 72 19.87 -7.49 11.89
N HIS A 73 20.84 -8.21 11.36
CA HIS A 73 22.04 -7.59 10.87
C HIS A 73 21.72 -6.61 9.77
N GLU A 74 20.92 -7.04 8.80
CA GLU A 74 20.59 -6.14 7.72
C GLU A 74 19.79 -4.95 8.20
N ASP A 75 18.87 -5.14 9.14
CA ASP A 75 18.11 -4.00 9.58
C ASP A 75 18.95 -2.97 10.25
N ILE A 76 19.91 -3.41 11.05
CA ILE A 76 20.75 -2.46 11.74
C ILE A 76 21.57 -1.67 10.79
N ILE A 77 22.15 -2.30 9.80
CA ILE A 77 22.94 -1.52 8.89
C ILE A 77 22.08 -0.54 8.15
N SER A 78 20.90 -0.95 7.68
CA SER A 78 20.09 -0.01 6.96
C SER A 78 19.65 1.16 7.82
N LEU A 79 19.30 0.93 9.07
CA LEU A 79 18.89 2.04 9.92
C LEU A 79 20.05 2.99 10.12
N TRP A 80 21.23 2.42 10.29
CA TRP A 80 22.43 3.19 10.48
C TRP A 80 22.63 4.12 9.31
N ASP A 81 22.57 3.58 8.10
CA ASP A 81 22.81 4.43 6.96
C ASP A 81 21.78 5.50 6.80
N GLN A 82 20.52 5.20 7.09
CA GLN A 82 19.53 6.22 6.92
C GLN A 82 19.77 7.41 7.81
N SER A 83 20.28 7.16 9.01
CA SER A 83 20.50 8.25 9.94
C SER A 83 21.59 9.20 9.48
N LEU A 84 22.42 8.79 8.53
CA LEU A 84 23.49 9.63 8.05
C LEU A 84 23.15 10.34 6.76
N LYS A 85 21.97 10.11 6.21
CA LYS A 85 21.70 10.77 4.95
C LYS A 85 21.57 12.28 5.09
N PRO A 86 20.69 12.81 5.95
CA PRO A 86 20.49 14.23 6.08
C PRO A 86 21.53 14.88 6.99
N CYS A 87 22.83 14.80 6.63
CA CYS A 87 23.94 15.31 7.44
C CYS A 87 24.95 16.00 6.54
N VAL A 88 25.87 16.71 7.18
CA VAL A 88 26.89 17.48 6.50
C VAL A 88 27.95 16.60 5.90
N LYS A 89 28.26 16.81 4.64
CA LYS A 89 29.30 16.04 3.99
C LYS A 89 30.57 16.77 4.28
N LEU A 90 31.66 16.05 4.46
CA LEU A 90 32.91 16.71 4.75
C LEU A 90 33.91 16.68 3.63
N THR A 91 33.43 16.52 2.41
CA THR A 91 34.32 16.53 1.26
C THR A 91 35.37 17.64 1.30
N PRO A 92 35.07 18.91 1.65
CA PRO A 92 35.98 20.01 1.68
C PRO A 92 37.18 19.82 2.61
N LEU A 93 37.17 18.81 3.48
CA LEU A 93 38.32 18.58 4.36
C LEU A 93 39.49 17.83 3.74
N CYS A 94 39.36 17.26 2.51
CA CYS A 94 40.45 16.56 1.86
C CYS A 94 41.41 17.55 1.22
N VAL A 95 42.19 18.14 2.08
CA VAL A 95 43.18 19.14 1.75
C VAL A 95 44.47 18.74 2.39
N THR A 96 45.55 19.36 1.98
CA THR A 96 46.76 19.07 2.69
C THR A 96 46.71 19.78 4.02
N LEU A 97 46.99 19.06 5.08
CA LEU A 97 47.01 19.61 6.40
C LEU A 97 48.45 19.87 6.80
N GLN A 98 48.71 20.98 7.47
CA GLN A 98 50.05 21.23 7.98
C GLN A 98 49.99 20.88 9.46
N CYS A 99 50.73 19.84 9.95
CA CYS A 99 50.57 19.35 11.33
C CYS A 99 51.87 19.27 12.09
N THR A 100 51.78 19.66 13.35
CA THR A 100 52.86 19.57 14.31
C THR A 100 52.37 18.77 15.52
N ASN A 101 53.29 18.32 16.40
CA ASN A 101 52.96 17.56 17.63
C ASN A 101 52.35 18.46 18.69
N VAL A 102 51.39 17.93 19.49
CA VAL A 102 50.90 18.63 20.68
C VAL A 102 51.79 18.19 21.80
N THR A 103 52.58 19.13 22.32
CA THR A 103 53.57 18.83 23.34
C THR A 103 53.34 19.62 24.61
N ASN A 104 52.25 20.36 24.66
CA ASN A 104 52.04 21.28 25.77
C ASN A 104 52.06 20.69 27.19
N ASN A 105 51.20 19.69 27.47
CA ASN A 105 51.12 19.03 28.77
C ASN A 105 50.83 17.54 28.56
N ILE A 106 51.90 16.78 28.26
CA ILE A 106 51.85 15.36 27.90
C ILE A 106 52.35 14.53 29.05
N THR A 107 51.57 13.53 29.45
CA THR A 107 51.91 12.69 30.59
C THR A 107 52.72 11.46 30.17
N ASP A 108 53.07 11.44 28.90
CA ASP A 108 53.84 10.44 28.16
C ASP A 108 53.10 9.14 27.92
N ASP A 109 51.82 9.16 28.19
CA ASP A 109 50.97 8.03 27.87
C ASP A 109 50.53 8.24 26.44
N MET A 110 50.46 9.52 26.07
CA MET A 110 50.04 9.94 24.76
C MET A 110 51.11 10.72 24.06
N ARG A 111 52.34 10.27 24.13
CA ARG A 111 53.34 11.07 23.46
C ARG A 111 53.24 10.90 21.96
N GLY A 112 52.89 12.01 21.34
CA GLY A 112 52.71 12.09 19.91
C GLY A 112 51.32 11.65 19.45
N GLU A 113 50.41 11.32 20.35
CA GLU A 113 49.10 10.88 19.89
C GLU A 113 48.31 11.98 19.25
N LEU A 114 48.44 13.19 19.74
CA LEU A 114 47.68 14.25 19.14
C LEU A 114 48.54 15.08 18.27
N LYS A 115 47.93 15.54 17.20
CA LYS A 115 48.57 16.46 16.30
C LYS A 115 47.70 17.69 16.11
N ASN A 116 48.37 18.83 16.04
CA ASN A 116 47.82 20.17 15.86
C ASN A 116 47.96 20.55 14.39
N CYS A 117 46.83 20.50 13.65
CA CYS A 117 46.79 20.67 12.20
C CYS A 117 46.11 21.97 11.80
N SER A 118 46.58 22.54 10.70
CA SER A 118 45.92 23.70 10.17
C SER A 118 45.73 23.58 8.69
N PHE A 119 44.66 24.20 8.22
CA PHE A 119 44.30 24.13 6.83
C PHE A 119 43.42 25.28 6.34
N ASN A 120 43.34 25.46 4.99
CA ASN A 120 42.49 26.45 4.33
C ASN A 120 41.14 25.82 3.95
N MET A 121 40.09 26.12 4.74
CA MET A 121 38.74 25.57 4.68
C MET A 121 37.82 26.48 3.91
N THR A 122 36.77 25.94 3.31
CA THR A 122 35.81 26.74 2.60
C THR A 122 34.92 27.49 3.57
N THR A 123 34.18 28.47 3.07
CA THR A 123 33.29 29.30 3.88
C THR A 123 31.91 29.36 3.27
N GLU A 124 31.02 30.17 3.85
CA GLU A 124 29.65 30.28 3.34
C GLU A 124 29.65 30.75 1.90
N LEU A 125 30.60 31.61 1.55
CA LEU A 125 30.66 32.11 0.20
C LEU A 125 31.74 31.34 -0.51
N ARG A 126 31.53 31.03 -1.77
CA ARG A 126 32.52 30.22 -2.46
C ARG A 126 33.76 30.98 -2.89
N ASP A 127 33.75 32.28 -2.76
CA ASP A 127 34.89 33.07 -3.10
C ASP A 127 35.71 33.47 -1.87
N LYS A 128 35.40 32.88 -0.70
CA LYS A 128 36.15 33.19 0.52
C LYS A 128 36.63 31.93 1.21
N LYS A 129 37.83 32.01 1.79
CA LYS A 129 38.44 30.91 2.52
C LYS A 129 38.74 31.33 3.94
N GLN A 130 38.88 30.36 4.85
CA GLN A 130 39.23 30.65 6.23
C GLN A 130 40.32 29.70 6.72
N LYS A 131 41.16 30.16 7.64
CA LYS A 131 42.16 29.26 8.19
C LYS A 131 41.64 28.67 9.48
N VAL A 132 41.76 27.36 9.57
CA VAL A 132 41.26 26.62 10.70
C VAL A 132 42.33 25.79 11.36
N TYR A 133 42.32 25.78 12.70
CA TYR A 133 43.23 24.94 13.48
C TYR A 133 42.40 23.92 14.22
N SER A 134 42.84 22.68 14.27
CA SER A 134 42.11 21.64 14.98
C SER A 134 42.99 20.50 15.46
N LEU A 135 42.50 19.72 16.41
CA LEU A 135 43.29 18.59 16.87
C LEU A 135 42.78 17.24 16.37
N PHE A 136 43.74 16.38 16.03
CA PHE A 136 43.48 15.02 15.56
C PHE A 136 44.29 13.99 16.33
N TYR A 137 43.88 12.72 16.29
CA TYR A 137 44.51 11.64 17.07
C TYR A 137 45.55 10.71 16.44
N ARG A 138 46.09 11.07 15.29
CA ARG A 138 47.12 10.27 14.62
C ARG A 138 46.65 8.85 14.30
N LEU A 139 45.38 8.70 13.98
CA LEU A 139 44.82 7.45 13.53
C LEU A 139 44.05 7.87 12.34
N ASP A 140 43.57 9.09 12.44
CA ASP A 140 42.73 9.69 11.45
C ASP A 140 43.53 10.46 10.42
N VAL A 141 44.81 10.61 10.68
CA VAL A 141 45.69 11.40 9.87
C VAL A 141 46.90 10.61 9.43
N VAL A 142 47.20 10.64 8.13
CA VAL A 142 48.32 9.91 7.56
C VAL A 142 49.25 10.85 6.82
N GLN A 143 50.55 10.64 6.98
CA GLN A 143 51.54 11.49 6.34
C GLN A 143 51.56 11.27 4.85
N ILE A 144 51.67 12.35 4.09
CA ILE A 144 51.68 12.17 2.64
C ILE A 144 53.08 11.98 1.98
N ASN A 145 54.14 12.57 2.55
CA ASN A 145 55.51 12.55 2.02
C ASN A 145 56.29 11.44 2.73
N LYS A 157 55.94 17.53 7.49
CA LYS A 157 54.81 18.14 8.20
C LYS A 157 53.46 18.11 7.43
N GLU A 158 53.42 17.54 6.20
CA GLU A 158 52.19 17.44 5.39
C GLU A 158 51.47 16.13 5.57
N TYR A 159 50.21 16.25 5.92
CA TYR A 159 49.30 15.14 6.22
C TYR A 159 47.96 15.25 5.54
N ARG A 160 47.25 14.14 5.43
CA ARG A 160 45.89 14.14 4.91
C ARG A 160 45.02 13.28 5.79
N LEU A 161 43.72 13.41 5.69
CA LEU A 161 42.90 12.52 6.47
C LEU A 161 43.00 11.13 5.88
N ILE A 162 42.97 10.15 6.73
CA ILE A 162 43.13 8.77 6.33
C ILE A 162 42.17 8.24 5.31
N ASN A 163 40.94 8.72 5.27
CA ASN A 163 40.03 8.17 4.26
C ASN A 163 39.91 8.91 2.94
N CYS A 164 40.75 9.94 2.65
CA CYS A 164 40.65 10.70 1.40
C CYS A 164 41.01 9.86 0.18
N ASN A 165 41.72 8.76 0.34
CA ASN A 165 42.00 7.96 -0.84
C ASN A 165 41.06 6.74 -1.01
N THR A 166 40.01 6.56 -0.16
CA THR A 166 39.05 5.44 -0.29
C THR A 166 37.59 5.82 -0.23
N SER A 167 37.23 6.91 0.41
CA SER A 167 35.81 7.16 0.60
C SER A 167 35.43 8.59 0.87
N ALA A 168 34.15 8.87 0.72
CA ALA A 168 33.63 10.14 1.15
C ALA A 168 33.46 10.04 2.65
N ILE A 169 33.60 11.16 3.33
CA ILE A 169 33.43 11.18 4.76
C ILE A 169 32.22 12.02 5.10
N THR A 170 31.29 11.47 5.87
CA THR A 170 30.08 12.18 6.29
C THR A 170 30.08 12.46 7.77
N GLN A 171 29.77 13.67 8.17
CA GLN A 171 29.73 13.97 9.59
C GLN A 171 28.47 13.44 10.17
N ALA A 172 28.58 12.73 11.26
CA ALA A 172 27.38 12.27 11.91
C ALA A 172 26.67 13.48 12.46
N CYS A 173 25.33 13.52 12.42
CA CYS A 173 24.53 14.60 12.96
C CYS A 173 24.65 14.64 14.50
N PRO A 174 24.98 15.79 15.10
CA PRO A 174 25.20 15.99 16.51
C PRO A 174 23.94 15.85 17.34
N LYS A 175 22.80 15.87 16.67
CA LYS A 175 21.54 15.77 17.33
C LYS A 175 21.02 14.35 17.41
N VAL A 176 21.74 13.38 16.85
CA VAL A 176 21.25 12.03 16.83
C VAL A 176 22.06 11.10 17.72
N SER A 177 21.41 10.52 18.71
CA SER A 177 22.04 9.63 19.67
C SER A 177 22.46 8.27 19.15
N PHE A 178 23.57 7.76 19.69
CA PHE A 178 24.07 6.43 19.38
C PHE A 178 23.83 5.46 20.52
N GLU A 179 23.03 5.83 21.50
CA GLU A 179 22.78 4.97 22.65
C GLU A 179 21.77 3.88 22.30
N PRO A 180 22.09 2.58 22.42
CA PRO A 180 21.24 1.48 22.08
C PRO A 180 19.92 1.52 22.81
N ILE A 181 18.86 1.23 22.09
CA ILE A 181 17.50 1.19 22.58
C ILE A 181 17.00 -0.21 22.35
N PRO A 182 16.40 -0.89 23.32
CA PRO A 182 15.92 -2.23 23.12
C PRO A 182 14.92 -2.30 21.97
N ILE A 183 15.12 -3.27 21.11
CA ILE A 183 14.28 -3.53 19.96
C ILE A 183 13.61 -4.86 20.08
N HIS A 184 12.32 -4.92 19.85
CA HIS A 184 11.61 -6.18 19.92
C HIS A 184 11.27 -6.64 18.52
N TYR A 185 11.61 -7.87 18.16
CA TYR A 185 11.19 -8.36 16.86
C TYR A 185 9.90 -9.08 17.04
N CYS A 186 8.93 -8.88 16.13
CA CYS A 186 7.59 -9.45 16.19
C CYS A 186 7.24 -10.20 14.91
N ALA A 187 6.63 -11.35 15.08
CA ALA A 187 6.22 -12.13 13.94
C ALA A 187 4.90 -11.59 13.38
N PRO A 188 4.66 -11.71 12.08
CA PRO A 188 3.44 -11.39 11.41
C PRO A 188 2.38 -12.42 11.71
N ALA A 189 1.14 -12.07 11.52
CA ALA A 189 0.10 -13.05 11.76
C ALA A 189 0.31 -14.26 10.91
N GLY A 190 0.09 -15.43 11.48
CA GLY A 190 0.26 -16.70 10.77
C GLY A 190 1.58 -17.35 11.16
N PHE A 191 2.41 -16.61 11.86
CA PHE A 191 3.70 -17.04 12.33
C PHE A 191 3.81 -16.90 13.83
N ALA A 192 4.74 -17.61 14.42
CA ALA A 192 4.94 -17.52 15.85
C ALA A 192 6.39 -17.67 16.21
N ILE A 193 6.80 -17.11 17.34
CA ILE A 193 8.17 -17.26 17.75
C ILE A 193 8.25 -18.18 18.93
N LEU A 194 9.03 -19.22 18.81
CA LEU A 194 9.15 -20.13 19.91
C LEU A 194 10.39 -19.76 20.68
N LYS A 195 10.27 -19.76 21.99
CA LYS A 195 11.38 -19.43 22.86
C LYS A 195 11.79 -20.63 23.70
N CYS A 196 13.10 -20.93 23.74
CA CYS A 196 13.67 -22.02 24.53
C CYS A 196 13.98 -21.53 25.94
N LYS A 197 13.38 -22.18 26.92
CA LYS A 197 13.54 -21.81 28.31
C LYS A 197 14.45 -22.76 29.05
N ASP A 198 15.08 -23.65 28.33
CA ASP A 198 15.91 -24.63 28.98
C ASP A 198 17.17 -23.97 29.47
N LYS A 199 17.34 -23.97 30.77
CA LYS A 199 18.47 -23.29 31.36
C LYS A 199 19.68 -24.02 30.88
N LYS A 200 20.74 -23.32 30.62
CA LYS A 200 21.98 -23.94 30.14
C LYS A 200 21.86 -24.50 28.73
N PHE A 201 20.85 -24.09 27.96
CA PHE A 201 20.77 -24.54 26.60
C PHE A 201 21.94 -23.97 25.81
N ASN A 202 22.64 -24.83 25.03
CA ASN A 202 23.83 -24.46 24.26
C ASN A 202 23.53 -23.97 22.82
N GLY A 203 22.27 -23.94 22.39
CA GLY A 203 21.85 -23.47 21.07
C GLY A 203 21.67 -24.48 19.95
N THR A 204 22.11 -25.74 20.09
CA THR A 204 21.89 -26.65 18.94
C THR A 204 21.10 -27.93 19.15
N GLY A 205 20.85 -28.31 20.37
CA GLY A 205 20.13 -29.56 20.57
C GLY A 205 18.63 -29.33 20.68
N PRO A 206 17.88 -30.38 21.01
CA PRO A 206 16.47 -30.37 21.30
C PRO A 206 16.33 -29.55 22.56
N CYS A 207 15.22 -28.82 22.71
CA CYS A 207 14.87 -28.02 23.87
C CYS A 207 13.54 -28.55 24.41
N PRO A 208 13.52 -29.19 25.58
CA PRO A 208 12.39 -29.82 26.21
C PRO A 208 11.38 -28.87 26.82
N SER A 209 11.72 -27.60 26.91
CA SER A 209 10.81 -26.67 27.53
C SER A 209 10.73 -25.40 26.74
N VAL A 210 9.60 -25.22 26.06
CA VAL A 210 9.45 -24.06 25.20
C VAL A 210 8.17 -23.34 25.48
N SER A 211 8.14 -22.11 25.03
CA SER A 211 6.98 -21.26 25.13
C SER A 211 6.79 -20.48 23.87
N THR A 212 5.60 -19.96 23.69
CA THR A 212 5.32 -19.19 22.50
C THR A 212 5.07 -17.75 22.80
N VAL A 213 5.74 -16.90 22.03
CA VAL A 213 5.59 -15.48 22.17
C VAL A 213 5.32 -14.89 20.80
N GLN A 214 4.79 -13.69 20.77
CA GLN A 214 4.63 -13.04 19.47
C GLN A 214 5.83 -12.13 19.14
N CYS A 215 6.44 -11.52 20.18
CA CYS A 215 7.57 -10.59 20.11
C CYS A 215 8.68 -11.09 21.03
N THR A 216 9.91 -10.81 20.66
CA THR A 216 11.08 -11.14 21.44
C THR A 216 11.18 -10.13 22.54
N HIS A 217 12.08 -10.36 23.48
CA HIS A 217 12.28 -9.40 24.53
C HIS A 217 13.03 -8.28 23.88
N GLY A 218 13.24 -7.18 24.58
CA GLY A 218 13.96 -6.13 23.90
C GLY A 218 15.42 -6.47 23.86
N ILE A 219 16.03 -6.32 22.71
CA ILE A 219 17.44 -6.56 22.55
C ILE A 219 18.17 -5.30 22.28
N LYS A 220 19.17 -5.00 23.06
CA LYS A 220 19.90 -3.78 22.84
C LYS A 220 20.95 -4.02 21.78
N PRO A 221 20.96 -3.27 20.67
CA PRO A 221 21.89 -3.40 19.59
C PRO A 221 23.22 -2.78 19.93
N VAL A 222 23.90 -3.38 20.88
CA VAL A 222 25.18 -2.88 21.33
C VAL A 222 26.24 -3.37 20.37
N VAL A 223 27.08 -2.49 19.91
CA VAL A 223 28.13 -2.88 18.99
C VAL A 223 29.49 -2.89 19.62
N SER A 224 30.11 -4.07 19.66
CA SER A 224 31.42 -4.23 20.27
C SER A 224 32.16 -5.44 19.73
N THR A 225 33.45 -5.48 20.02
CA THR A 225 34.27 -6.65 19.68
C THR A 225 34.88 -7.24 20.90
N GLN A 226 35.23 -8.52 20.84
CA GLN A 226 35.91 -9.30 21.88
C GLN A 226 35.08 -9.49 23.15
N LEU A 227 34.67 -8.42 23.77
CA LEU A 227 33.83 -8.50 24.94
C LEU A 227 32.46 -8.00 24.56
N LEU A 228 31.47 -8.75 24.97
CA LEU A 228 30.08 -8.42 24.73
C LEU A 228 29.59 -7.70 25.93
N LEU A 229 29.11 -6.50 25.70
CA LEU A 229 28.64 -5.67 26.77
C LEU A 229 27.12 -5.60 26.80
N ASN A 230 26.55 -5.41 28.01
CA ASN A 230 25.15 -5.15 28.33
C ASN A 230 24.15 -6.17 27.72
N GLY A 231 24.48 -7.47 27.70
CA GLY A 231 23.63 -8.54 27.20
C GLY A 231 22.98 -9.29 28.32
N SER A 232 22.46 -10.46 28.00
CA SER A 232 21.80 -11.30 28.97
C SER A 232 22.79 -12.19 29.69
N LEU A 233 22.48 -12.59 30.91
CA LEU A 233 23.33 -13.51 31.64
C LEU A 233 22.81 -14.91 31.62
N ALA A 234 23.72 -15.85 31.80
CA ALA A 234 23.43 -17.27 31.88
C ALA A 234 22.62 -17.47 33.11
N GLU A 235 21.69 -18.40 33.10
CA GLU A 235 20.84 -18.55 34.26
C GLU A 235 21.55 -19.07 35.49
N GLU A 236 22.48 -20.00 35.29
CA GLU A 236 23.16 -20.62 36.41
C GLU A 236 24.67 -20.67 36.31
N GLU A 237 25.19 -21.05 35.14
CA GLU A 237 26.61 -21.29 34.99
C GLU A 237 27.06 -20.81 33.64
N VAL A 238 28.34 -20.58 33.49
CA VAL A 238 28.85 -20.11 32.23
C VAL A 238 28.55 -21.10 31.11
N ILE A 239 28.06 -20.61 29.99
CA ILE A 239 27.69 -21.50 28.90
C ILE A 239 28.62 -21.33 27.71
N ILE A 240 29.22 -22.42 27.26
CA ILE A 240 30.11 -22.37 26.11
C ILE A 240 29.37 -22.78 24.87
N ARG A 241 29.21 -21.87 23.91
CA ARG A 241 28.45 -22.17 22.72
C ARG A 241 29.29 -22.05 21.48
N SER A 242 29.25 -23.04 20.62
CA SER A 242 30.00 -22.96 19.39
C SER A 242 29.31 -23.78 18.34
N GLU A 243 29.54 -23.48 17.07
CA GLU A 243 28.96 -24.28 16.01
C GLU A 243 29.53 -25.70 15.96
N ASN A 244 30.86 -25.82 16.15
CA ASN A 244 31.64 -27.05 16.17
C ASN A 244 32.88 -26.79 17.05
N ILE A 245 32.88 -27.29 18.30
CA ILE A 245 33.91 -26.97 19.31
C ILE A 245 35.31 -27.48 18.95
N THR A 246 35.38 -28.55 18.17
CA THR A 246 36.67 -29.11 17.81
C THR A 246 37.21 -28.49 16.53
N ASN A 247 36.46 -27.59 15.94
CA ASN A 247 36.88 -26.92 14.73
C ASN A 247 37.55 -25.60 15.12
N ASN A 248 38.83 -25.45 14.87
CA ASN A 248 39.53 -24.26 15.33
C ASN A 248 39.28 -23.05 14.44
N ALA A 249 38.44 -23.22 13.43
CA ALA A 249 38.05 -22.14 12.55
C ALA A 249 36.79 -21.44 13.04
N LYS A 250 36.20 -21.93 14.12
CA LYS A 250 34.97 -21.33 14.61
C LYS A 250 35.16 -20.46 15.84
N ASN A 251 34.29 -19.49 16.02
CA ASN A 251 34.36 -18.68 17.22
C ASN A 251 33.58 -19.34 18.34
N ILE A 252 33.98 -19.09 19.56
CA ILE A 252 33.32 -19.59 20.73
C ILE A 252 32.66 -18.45 21.47
N LEU A 253 31.38 -18.58 21.71
CA LEU A 253 30.71 -17.53 22.43
C LEU A 253 30.56 -17.98 23.86
N VAL A 254 30.90 -17.13 24.80
CA VAL A 254 30.81 -17.49 26.18
C VAL A 254 29.82 -16.62 26.88
N GLN A 255 28.80 -17.21 27.47
CA GLN A 255 27.84 -16.41 28.20
C GLN A 255 28.09 -16.50 29.68
N LEU A 256 28.29 -15.38 30.32
CA LEU A 256 28.63 -15.39 31.74
C LEU A 256 27.40 -15.41 32.60
N ASN A 257 27.53 -15.97 33.79
CA ASN A 257 26.43 -16.02 34.76
C ASN A 257 26.49 -14.96 35.81
N THR A 258 27.33 -13.98 35.59
CA THR A 258 27.51 -12.85 36.48
C THR A 258 28.19 -11.80 35.62
N PRO A 259 27.89 -10.52 35.76
CA PRO A 259 28.52 -9.46 35.02
C PRO A 259 29.88 -9.13 35.56
N VAL A 260 30.74 -8.61 34.72
CA VAL A 260 31.98 -8.03 35.21
C VAL A 260 31.91 -6.54 34.91
N GLN A 261 32.05 -5.71 35.92
CA GLN A 261 31.89 -4.30 35.66
C GLN A 261 33.14 -3.69 35.09
N ILE A 262 32.96 -2.90 34.04
CA ILE A 262 34.05 -2.18 33.40
C ILE A 262 33.74 -0.65 33.38
N ASN A 263 34.70 0.16 33.87
CA ASN A 263 34.61 1.62 33.97
C ASN A 263 35.56 2.30 32.98
N CYS A 264 35.03 2.96 31.93
CA CYS A 264 35.81 3.57 30.86
C CYS A 264 35.75 5.09 30.90
N THR A 265 36.87 5.70 30.58
CA THR A 265 36.90 7.13 30.55
C THR A 265 37.84 7.74 29.54
N ARG A 266 37.49 8.95 29.15
CA ARG A 266 38.26 9.79 28.29
C ARG A 266 38.45 11.06 29.11
N PRO A 267 39.49 11.11 29.93
CA PRO A 267 39.74 12.09 30.97
C PRO A 267 40.06 13.51 30.50
N ASN A 268 40.44 13.66 29.24
CA ASN A 268 40.82 14.97 28.76
C ASN A 268 39.58 15.81 28.57
N ASN A 269 39.59 17.06 29.09
CA ASN A 269 38.47 18.00 28.95
C ASN A 269 38.59 18.80 27.66
N ASN A 270 37.75 18.43 26.66
CA ASN A 270 37.73 19.01 25.32
C ASN A 270 36.85 20.22 25.18
N THR A 271 37.38 21.18 24.44
CA THR A 271 36.64 22.35 24.06
C THR A 271 36.35 22.21 22.61
N VAL A 272 35.07 22.20 22.27
CA VAL A 272 34.62 21.98 20.92
C VAL A 272 34.19 23.25 20.24
N LYS A 273 34.69 23.42 19.04
CA LYS A 273 34.45 24.58 18.20
C LYS A 273 33.60 24.18 17.01
N SER A 274 32.97 25.17 16.40
CA SER A 274 32.18 24.91 15.21
C SER A 274 32.28 26.03 14.22
N ILE A 275 32.44 25.67 12.96
CA ILE A 275 32.51 26.67 11.90
C ILE A 275 31.58 26.36 10.77
N ARG A 276 31.21 27.37 9.99
CA ARG A 276 30.44 27.06 8.82
C ARG A 276 31.42 26.77 7.73
N ILE A 277 31.12 25.79 6.92
CA ILE A 277 31.93 25.43 5.80
C ILE A 277 31.16 25.64 4.53
N GLY A 278 29.90 25.96 4.69
CA GLY A 278 29.03 26.21 3.55
C GLY A 278 27.67 26.71 4.01
N PRO A 279 26.70 26.81 3.12
CA PRO A 279 25.39 27.37 3.35
C PRO A 279 24.51 26.52 4.23
N GLY A 280 24.71 26.69 5.53
CA GLY A 280 23.99 25.91 6.52
C GLY A 280 24.73 24.62 6.86
N GLN A 281 25.98 24.55 6.42
CA GLN A 281 26.79 23.38 6.64
C GLN A 281 27.78 23.63 7.75
N ALA A 282 27.60 22.97 8.88
CA ALA A 282 28.49 23.20 10.01
C ALA A 282 29.39 22.02 10.28
N PHE A 283 30.63 22.32 10.63
CA PHE A 283 31.66 21.35 10.96
C PHE A 283 32.13 21.46 12.39
N TYR A 284 32.16 20.35 13.10
CA TYR A 284 32.56 20.37 14.50
C TYR A 284 33.93 19.77 14.72
N TYR A 285 34.72 20.40 15.56
CA TYR A 285 36.06 19.89 15.82
C TYR A 285 36.60 20.25 17.17
N THR A 286 37.63 19.53 17.62
CA THR A 286 38.22 19.86 18.90
C THR A 286 39.15 21.01 18.71
N GLY A 287 38.93 22.04 19.50
CA GLY A 287 39.70 23.26 19.46
C GLY A 287 40.90 23.13 20.36
N ASP A 288 40.64 22.77 21.61
CA ASP A 288 41.70 22.65 22.57
C ASP A 288 41.38 21.67 23.69
N ILE A 289 42.37 21.47 24.56
CA ILE A 289 42.27 20.65 25.77
C ILE A 289 42.67 21.52 26.94
N ILE A 290 41.79 21.59 27.91
CA ILE A 290 41.98 22.45 29.06
C ILE A 290 43.06 22.04 30.07
N GLY A 291 43.10 20.78 30.44
CA GLY A 291 44.06 20.31 31.43
C GLY A 291 45.15 19.48 30.80
N ASP A 292 45.68 18.55 31.58
CA ASP A 292 46.75 17.68 31.12
C ASP A 292 46.19 16.67 30.14
N ILE A 293 47.04 16.18 29.26
CA ILE A 293 46.65 15.18 28.32
C ILE A 293 47.06 13.78 28.75
N ARG A 294 46.03 12.98 29.01
CA ARG A 294 46.15 11.63 29.52
C ARG A 294 45.46 10.64 28.59
N GLN A 295 45.88 9.39 28.62
CA GLN A 295 45.25 8.41 27.76
C GLN A 295 43.89 7.98 28.27
N ALA A 296 43.04 7.62 27.32
CA ALA A 296 41.77 7.03 27.63
C ALA A 296 42.07 5.68 28.17
N HIS A 297 41.26 5.20 29.08
CA HIS A 297 41.50 3.89 29.64
C HIS A 297 40.24 3.29 30.25
N CYS A 298 40.25 1.96 30.51
CA CYS A 298 39.17 1.24 31.19
C CYS A 298 39.69 0.42 32.37
N ASN A 299 38.93 0.42 33.45
CA ASN A 299 39.25 -0.33 34.66
C ASN A 299 38.31 -1.52 34.87
N VAL A 300 38.91 -2.71 35.06
CA VAL A 300 38.24 -3.99 35.35
C VAL A 300 38.70 -4.49 36.71
N SER A 301 37.79 -4.80 37.62
CA SER A 301 38.24 -5.24 38.93
C SER A 301 39.05 -6.49 38.78
N LYS A 302 40.22 -6.54 39.39
CA LYS A 302 41.08 -7.69 39.18
C LYS A 302 40.52 -8.95 39.77
N ALA A 303 39.99 -8.87 40.97
CA ALA A 303 39.49 -10.08 41.59
C ALA A 303 38.32 -10.66 40.82
N THR A 304 37.45 -9.78 40.34
CA THR A 304 36.27 -10.22 39.64
C THR A 304 36.68 -10.88 38.36
N TRP A 305 37.61 -10.26 37.65
CA TRP A 305 38.06 -10.84 36.40
C TRP A 305 38.68 -12.22 36.60
N ASN A 306 39.53 -12.41 37.65
CA ASN A 306 40.18 -13.69 37.92
C ASN A 306 39.17 -14.81 38.23
N GLU A 307 38.06 -14.49 38.97
CA GLU A 307 37.00 -15.45 39.27
C GLU A 307 36.25 -15.83 38.01
N THR A 308 36.04 -14.84 37.16
CA THR A 308 35.32 -15.06 35.93
C THR A 308 36.10 -16.00 35.05
N LEU A 309 37.39 -15.80 34.93
CA LEU A 309 38.12 -16.73 34.10
C LEU A 309 38.12 -18.10 34.71
N GLY A 310 38.22 -18.23 36.02
CA GLY A 310 38.24 -19.57 36.55
C GLY A 310 36.98 -20.34 36.15
N LYS A 311 35.83 -19.65 36.15
CA LYS A 311 34.59 -20.30 35.74
C LYS A 311 34.61 -20.69 34.27
N VAL A 312 35.15 -19.82 33.43
CA VAL A 312 35.22 -20.11 32.01
C VAL A 312 36.10 -21.31 31.75
N VAL A 313 37.23 -21.38 32.42
CA VAL A 313 38.15 -22.46 32.20
C VAL A 313 37.52 -23.77 32.60
N LYS A 314 36.85 -23.81 33.74
CA LYS A 314 36.22 -25.06 34.14
C LYS A 314 35.26 -25.57 33.07
N GLN A 315 34.49 -24.68 32.49
CA GLN A 315 33.56 -25.12 31.48
C GLN A 315 34.28 -25.53 30.21
N LEU A 316 35.39 -24.89 29.88
CA LEU A 316 36.14 -25.33 28.71
C LEU A 316 36.69 -26.73 28.94
N ARG A 317 37.08 -27.07 30.17
CA ARG A 317 37.64 -28.39 30.44
C ARG A 317 36.66 -29.48 30.06
N LYS A 318 35.37 -29.20 30.21
CA LYS A 318 34.38 -30.20 29.84
C LYS A 318 34.46 -30.61 28.36
N HIS A 319 35.06 -29.77 27.53
CA HIS A 319 35.22 -30.08 26.13
C HIS A 319 36.65 -30.43 25.77
N PHE A 320 37.62 -29.93 26.55
CA PHE A 320 39.01 -30.13 26.21
C PHE A 320 39.86 -31.07 27.05
N GLY A 321 39.36 -31.54 28.19
CA GLY A 321 40.09 -32.49 29.06
C GLY A 321 40.54 -31.97 30.44
N ASN A 322 40.51 -32.88 31.45
CA ASN A 322 40.84 -32.61 32.86
C ASN A 322 42.36 -32.51 33.14
N ASN A 323 43.21 -32.80 32.15
CA ASN A 323 44.65 -32.73 32.21
C ASN A 323 45.15 -31.75 31.16
N THR A 324 44.24 -30.94 30.65
CA THR A 324 44.59 -29.98 29.64
C THR A 324 44.88 -28.65 30.28
N ILE A 325 45.92 -28.03 29.82
CA ILE A 325 46.33 -26.74 30.28
C ILE A 325 45.68 -25.72 29.40
N ILE A 326 44.99 -24.79 30.04
CA ILE A 326 44.31 -23.78 29.28
C ILE A 326 44.94 -22.43 29.48
N ARG A 327 45.43 -21.85 28.41
CA ARG A 327 46.06 -20.57 28.54
C ARG A 327 45.38 -19.55 27.67
N PHE A 328 45.43 -18.32 28.11
CA PHE A 328 44.87 -17.23 27.37
C PHE A 328 46.00 -16.33 26.92
N ALA A 329 45.81 -15.76 25.76
CA ALA A 329 46.77 -14.87 25.16
C ALA A 329 46.04 -13.75 24.46
N GLN A 330 46.75 -12.70 24.11
CA GLN A 330 46.12 -11.58 23.45
C GLN A 330 45.82 -11.90 22.02
N SER A 331 45.21 -10.95 21.32
CA SER A 331 44.83 -11.16 19.97
C SER A 331 46.05 -11.31 19.10
N SER A 332 45.89 -12.01 17.97
CA SER A 332 47.02 -12.32 17.10
C SER A 332 47.51 -11.23 16.17
N GLY A 333 46.70 -10.25 15.85
CA GLY A 333 47.14 -9.22 14.92
C GLY A 333 46.02 -8.79 14.00
N GLY A 334 46.31 -7.82 13.14
CA GLY A 334 45.30 -7.26 12.26
C GLY A 334 44.95 -5.84 12.68
N ASP A 335 43.89 -5.33 12.09
CA ASP A 335 43.41 -3.97 12.29
C ASP A 335 42.87 -3.76 13.70
N LEU A 336 42.82 -2.52 14.17
CA LEU A 336 42.31 -2.29 15.53
C LEU A 336 40.89 -2.80 15.67
N GLU A 337 40.12 -2.75 14.63
CA GLU A 337 38.75 -3.19 14.73
C GLU A 337 38.62 -4.66 15.16
N VAL A 338 39.66 -5.47 15.00
CA VAL A 338 39.61 -6.86 15.45
C VAL A 338 40.61 -7.18 16.56
N THR A 339 41.71 -6.41 16.66
CA THR A 339 42.70 -6.72 17.66
C THR A 339 42.41 -6.11 19.00
N THR A 340 41.58 -5.09 19.03
CA THR A 340 41.20 -4.45 20.26
C THR A 340 39.72 -4.59 20.50
N HIS A 341 39.32 -4.18 21.69
CA HIS A 341 37.95 -4.14 22.12
C HIS A 341 37.37 -2.82 21.76
N SER A 342 36.49 -2.80 20.78
CA SER A 342 35.95 -1.53 20.40
C SER A 342 34.58 -1.37 20.97
N PHE A 343 34.24 -0.12 21.25
CA PHE A 343 32.91 0.25 21.72
C PHE A 343 32.63 1.74 21.59
N ASN A 344 31.36 2.09 21.68
CA ASN A 344 30.90 3.48 21.66
C ASN A 344 30.53 3.94 23.08
N CYS A 345 31.34 4.83 23.70
CA CYS A 345 31.22 5.31 25.09
C CYS A 345 30.92 6.80 25.11
N GLY A 346 29.67 7.13 25.33
CA GLY A 346 29.28 8.52 25.39
C GLY A 346 29.18 9.16 24.03
N GLY A 347 29.40 8.37 23.00
CA GLY A 347 29.43 8.83 21.64
C GLY A 347 30.85 8.83 21.08
N GLU A 348 31.87 8.61 21.90
CA GLU A 348 33.22 8.54 21.36
C GLU A 348 33.54 7.11 21.00
N PHE A 349 34.43 6.92 20.05
CA PHE A 349 34.81 5.58 19.67
C PHE A 349 36.16 5.15 20.21
N PHE A 350 36.11 4.16 21.09
CA PHE A 350 37.24 3.62 21.81
C PHE A 350 37.73 2.32 21.23
N TYR A 351 39.04 2.16 21.26
CA TYR A 351 39.76 0.95 20.87
C TYR A 351 40.71 0.52 21.99
N CYS A 352 40.25 -0.37 22.91
CA CYS A 352 40.94 -0.73 24.15
C CYS A 352 41.77 -2.01 24.01
N ASN A 353 42.95 -1.94 24.55
CA ASN A 353 43.90 -3.05 24.52
C ASN A 353 43.63 -4.02 25.69
N THR A 354 43.20 -5.24 25.35
CA THR A 354 42.78 -6.32 26.24
C THR A 354 43.86 -7.33 26.55
N SER A 355 45.10 -7.06 26.18
CA SER A 355 46.19 -8.00 26.47
C SER A 355 46.43 -8.09 27.95
N GLY A 356 45.92 -7.11 28.69
CA GLY A 356 46.05 -7.09 30.13
C GLY A 356 45.02 -7.98 30.80
N LEU A 357 44.06 -8.48 30.03
CA LEU A 357 43.04 -9.36 30.57
C LEU A 357 43.33 -10.79 30.20
N PHE A 358 43.64 -11.00 28.93
CA PHE A 358 43.87 -12.36 28.44
C PHE A 358 45.32 -12.76 28.49
N ASN A 359 45.85 -12.90 29.71
CA ASN A 359 47.25 -13.24 29.98
C ASN A 359 47.36 -14.13 31.22
N SER A 360 47.15 -15.46 31.05
CA SER A 360 47.19 -16.44 32.17
C SER A 360 47.34 -17.87 31.70
N THR A 361 47.84 -18.73 32.58
CA THR A 361 47.87 -20.17 32.31
C THR A 361 47.21 -20.91 33.45
N TRP A 362 46.22 -21.73 33.14
CA TRP A 362 45.49 -22.45 34.13
C TRP A 362 45.76 -23.95 34.13
N ILE A 363 46.35 -24.43 35.22
CA ILE A 363 46.72 -25.83 35.31
C ILE A 363 45.98 -26.51 36.46
N SER A 364 45.31 -27.66 36.17
CA SER A 364 44.54 -28.50 37.09
C SER A 364 45.23 -28.69 38.45
N SER A 376 44.09 -6.62 48.30
CA SER A 376 43.22 -6.80 47.16
C SER A 376 42.63 -5.43 46.76
N ASN A 377 41.45 -5.44 46.10
CA ASN A 377 40.66 -4.29 45.58
C ASN A 377 41.42 -3.41 44.59
N ASP A 378 42.23 -4.01 43.74
CA ASP A 378 42.94 -3.29 42.72
C ASP A 378 42.27 -3.57 41.39
N SER A 379 42.84 -3.03 40.31
CA SER A 379 42.21 -3.20 39.02
C SER A 379 43.19 -3.34 37.90
N ILE A 380 42.68 -3.84 36.80
CA ILE A 380 43.42 -3.99 35.61
C ILE A 380 43.14 -2.78 34.76
N THR A 381 44.17 -2.06 34.34
CA THR A 381 43.92 -0.88 33.53
C THR A 381 44.27 -1.17 32.09
N LEU A 382 43.32 -0.93 31.23
CA LEU A 382 43.46 -1.14 29.82
C LEU A 382 43.63 0.20 29.16
N PRO A 383 44.73 0.51 28.48
CA PRO A 383 44.92 1.75 27.80
C PRO A 383 44.00 1.65 26.62
N CYS A 384 43.47 2.78 26.12
CA CYS A 384 42.57 2.84 24.97
C CYS A 384 42.94 3.98 24.02
N ARG A 385 42.69 3.80 22.74
CA ARG A 385 42.87 4.87 21.79
C ARG A 385 41.54 5.41 21.34
N ILE A 386 41.51 6.66 20.93
CA ILE A 386 40.31 7.29 20.42
C ILE A 386 40.47 7.59 18.96
N LYS A 387 39.48 7.22 18.17
CA LYS A 387 39.54 7.43 16.72
C LYS A 387 38.29 8.14 16.23
N GLN A 388 38.41 9.17 15.40
CA GLN A 388 37.22 9.88 14.91
C GLN A 388 36.69 9.45 13.57
N ILE A 389 37.50 8.87 12.69
CA ILE A 389 36.94 8.50 11.40
C ILE A 389 36.74 7.00 11.39
N ILE A 390 35.49 6.61 11.38
CA ILE A 390 35.12 5.23 11.56
C ILE A 390 34.50 4.53 10.37
N ASN A 391 35.06 3.39 9.98
CA ASN A 391 34.48 2.57 8.92
C ASN A 391 33.74 1.40 9.54
N MET A 392 32.44 1.52 9.67
CA MET A 392 31.67 0.46 10.33
C MET A 392 31.20 -0.62 9.40
N TRP A 393 30.86 -1.74 10.03
CA TRP A 393 30.28 -2.92 9.41
C TRP A 393 31.19 -3.53 8.38
N GLN A 394 32.46 -3.22 8.52
CA GLN A 394 33.55 -3.66 7.67
C GLN A 394 33.32 -3.30 6.20
N ARG A 395 32.73 -2.15 5.95
CA ARG A 395 32.53 -1.72 4.59
C ARG A 395 33.56 -0.73 4.16
N ILE A 396 33.79 -0.65 2.86
CA ILE A 396 34.70 0.31 2.28
C ILE A 396 33.92 1.28 1.41
N GLY A 397 34.20 2.57 1.52
CA GLY A 397 33.52 3.57 0.70
C GLY A 397 32.55 4.46 1.47
N GLN A 398 32.24 4.09 2.70
CA GLN A 398 31.34 4.87 3.53
C GLN A 398 31.93 5.19 4.90
N ALA A 399 32.63 6.32 5.05
CA ALA A 399 33.26 6.59 6.33
C ALA A 399 32.47 7.61 7.09
N MET A 400 32.40 7.44 8.39
CA MET A 400 31.72 8.40 9.23
C MET A 400 32.67 9.21 10.04
N TYR A 401 32.40 10.48 10.17
CA TYR A 401 33.18 11.31 11.08
C TYR A 401 32.39 11.53 12.33
N ALA A 402 32.94 11.13 13.45
CA ALA A 402 32.25 11.30 14.68
C ALA A 402 32.68 12.63 15.25
N PRO A 403 31.79 13.60 15.44
CA PRO A 403 32.17 14.89 15.92
C PRO A 403 32.58 14.65 17.34
N PRO A 404 33.47 15.45 17.90
CA PRO A 404 33.94 15.37 19.26
C PRO A 404 32.91 15.79 20.22
N ILE A 405 33.01 15.29 21.42
CA ILE A 405 32.11 15.67 22.47
C ILE A 405 32.72 16.57 23.52
N GLN A 406 32.04 17.68 23.76
CA GLN A 406 32.42 18.70 24.74
C GLN A 406 32.47 18.15 26.14
N GLY A 407 33.56 18.41 26.85
CA GLY A 407 33.64 17.93 28.22
C GLY A 407 34.46 16.67 28.39
N VAL A 408 34.15 15.94 29.46
CA VAL A 408 34.87 14.74 29.90
C VAL A 408 33.89 13.59 29.91
N ILE A 409 34.31 12.43 29.40
CA ILE A 409 33.42 11.29 29.31
C ILE A 409 33.72 10.12 30.20
N ARG A 410 32.70 9.66 30.88
CA ARG A 410 32.78 8.48 31.72
C ARG A 410 31.55 7.61 31.44
N CYS A 411 31.73 6.28 31.30
CA CYS A 411 30.63 5.32 31.12
C CYS A 411 30.97 4.05 31.88
N VAL A 412 29.94 3.43 32.41
CA VAL A 412 30.06 2.17 33.11
C VAL A 412 29.17 1.15 32.48
N SER A 413 29.74 0.00 32.16
CA SER A 413 28.98 -1.05 31.51
C SER A 413 29.31 -2.42 32.07
N ASN A 414 28.47 -3.42 31.75
CA ASN A 414 28.64 -4.80 32.20
C ASN A 414 29.17 -5.68 31.07
N ILE A 415 30.18 -6.52 31.36
CA ILE A 415 30.68 -7.54 30.44
C ILE A 415 29.83 -8.74 30.73
N THR A 416 29.10 -9.19 29.73
CA THR A 416 28.17 -10.29 29.90
C THR A 416 28.61 -11.50 29.12
N GLY A 417 29.56 -11.33 28.22
CA GLY A 417 30.04 -12.48 27.48
C GLY A 417 31.31 -12.18 26.72
N LEU A 418 31.93 -13.23 26.23
CA LEU A 418 33.18 -13.15 25.50
C LEU A 418 33.16 -13.82 24.15
N ILE A 419 33.98 -13.35 23.22
CA ILE A 419 34.19 -14.09 21.99
C ILE A 419 35.62 -14.56 21.94
N LEU A 420 35.82 -15.86 21.91
CA LEU A 420 37.15 -16.46 21.90
C LEU A 420 37.41 -17.33 20.71
N THR A 421 38.67 -17.47 20.33
CA THR A 421 39.02 -18.43 19.30
C THR A 421 40.04 -19.35 19.88
N ARG A 422 40.10 -20.57 19.36
CA ARG A 422 41.09 -21.51 19.83
C ARG A 422 42.16 -21.61 18.78
N ASP A 423 43.38 -21.28 19.14
CA ASP A 423 44.44 -21.24 18.16
C ASP A 423 45.16 -22.55 18.01
N GLY A 424 46.10 -22.55 17.09
CA GLY A 424 47.02 -23.64 16.85
C GLY A 424 46.35 -24.91 16.42
N GLY A 425 46.93 -26.00 16.91
CA GLY A 425 46.54 -27.36 16.65
C GLY A 425 47.77 -28.19 16.98
N SER A 426 47.60 -29.50 17.13
CA SER A 426 48.73 -30.34 17.47
C SER A 426 48.51 -31.78 17.08
N THR A 427 49.60 -32.55 16.98
CA THR A 427 49.49 -33.98 16.79
C THR A 427 48.89 -34.55 18.06
N ASN A 428 49.47 -34.09 19.15
CA ASN A 428 49.09 -34.41 20.50
C ASN A 428 49.76 -33.40 21.40
N SER A 429 48.99 -32.71 22.20
CA SER A 429 49.57 -31.75 23.11
C SER A 429 48.66 -31.64 24.29
N THR A 430 49.17 -31.05 25.34
CA THR A 430 48.41 -30.87 26.54
C THR A 430 47.96 -29.46 26.74
N THR A 431 48.31 -28.55 25.83
CA THR A 431 47.95 -27.16 26.04
C THR A 431 47.16 -26.58 24.89
N GLU A 432 46.08 -25.90 25.25
CA GLU A 432 45.22 -25.19 24.31
C GLU A 432 45.39 -23.69 24.55
N THR A 433 45.34 -22.90 23.50
CA THR A 433 45.46 -21.46 23.64
C THR A 433 44.26 -20.74 23.10
N PHE A 434 43.69 -19.87 23.92
CA PHE A 434 42.54 -19.12 23.51
C PHE A 434 42.87 -17.66 23.39
N ARG A 435 42.30 -17.02 22.39
CA ARG A 435 42.54 -15.60 22.18
C ARG A 435 41.23 -14.89 21.97
N PRO A 436 41.10 -13.62 22.28
CA PRO A 436 39.96 -12.83 21.94
C PRO A 436 39.78 -12.80 20.45
N GLY A 437 38.55 -12.85 20.00
CA GLY A 437 38.26 -12.78 18.57
C GLY A 437 36.98 -12.02 18.28
N GLY A 438 36.34 -12.36 17.17
CA GLY A 438 35.12 -11.66 16.76
C GLY A 438 35.41 -10.59 15.73
N GLY A 439 34.53 -9.59 15.65
CA GLY A 439 34.59 -8.56 14.63
C GLY A 439 33.46 -8.73 13.62
N ASP A 440 32.88 -9.91 13.60
CA ASP A 440 31.76 -10.22 12.75
C ASP A 440 30.55 -9.95 13.58
N MET A 441 29.84 -8.92 13.25
CA MET A 441 28.74 -8.46 14.08
C MET A 441 27.62 -9.44 14.25
N ARG A 442 27.49 -10.40 13.35
CA ARG A 442 26.41 -11.32 13.50
C ARG A 442 26.59 -12.17 14.73
N ASP A 443 27.80 -12.24 15.26
CA ASP A 443 28.04 -13.02 16.43
C ASP A 443 27.42 -12.36 17.64
N ASN A 444 27.33 -11.04 17.64
CA ASN A 444 26.81 -10.43 18.82
C ASN A 444 25.32 -10.65 18.88
N TRP A 445 24.70 -10.61 17.72
CA TRP A 445 23.30 -10.73 17.68
C TRP A 445 22.98 -12.10 17.81
N ARG A 446 23.75 -13.03 17.37
CA ARG A 446 23.49 -14.42 17.52
C ARG A 446 23.47 -14.75 18.99
N SER A 447 24.32 -14.10 19.76
CA SER A 447 24.37 -14.36 21.19
C SER A 447 23.06 -14.06 21.86
N GLU A 448 22.42 -12.94 21.54
CA GLU A 448 21.12 -12.63 22.16
C GLU A 448 19.92 -13.39 21.59
N LEU A 449 19.95 -13.72 20.32
CA LEU A 449 18.84 -14.39 19.65
C LEU A 449 18.90 -15.90 19.68
N TYR A 450 19.84 -16.46 20.38
CA TYR A 450 20.05 -17.90 20.40
C TYR A 450 18.85 -18.69 20.88
N LYS A 451 17.98 -18.10 21.66
CA LYS A 451 16.86 -18.82 22.20
C LYS A 451 15.59 -18.69 21.38
N TYR A 452 15.61 -17.96 20.27
CA TYR A 452 14.37 -17.79 19.51
C TYR A 452 14.34 -18.48 18.17
N LYS A 453 13.19 -19.02 17.83
CA LYS A 453 12.97 -19.66 16.54
C LYS A 453 11.68 -19.20 15.88
N VAL A 454 11.67 -19.04 14.56
CA VAL A 454 10.43 -18.65 13.90
C VAL A 454 9.79 -19.79 13.13
N VAL A 455 8.52 -20.03 13.41
CA VAL A 455 7.81 -21.08 12.73
C VAL A 455 6.53 -20.59 12.11
N LYS A 456 6.08 -21.28 11.09
CA LYS A 456 4.85 -20.98 10.40
C LYS A 456 3.75 -21.85 10.93
N ILE A 457 2.60 -21.27 11.17
CA ILE A 457 1.48 -22.05 11.66
C ILE A 457 0.78 -22.69 10.50
N GLU A 458 0.50 -23.97 10.62
CA GLU A 458 -0.16 -24.72 9.56
C GLU A 458 -1.46 -25.31 10.06
N PRO A 459 -2.55 -24.53 10.11
CA PRO A 459 -3.81 -24.85 10.75
C PRO A 459 -4.68 -25.88 10.08
N LEU A 460 -4.38 -26.26 8.86
CA LEU A 460 -5.28 -27.19 8.20
C LEU A 460 -4.72 -28.59 8.16
N GLY A 461 -5.54 -29.59 8.48
CA GLY A 461 -5.06 -30.97 8.39
C GLY A 461 -6.18 -32.00 8.47
N VAL A 462 -5.83 -33.27 8.29
CA VAL A 462 -6.82 -34.33 8.28
C VAL A 462 -6.46 -35.48 9.19
N ALA A 463 -7.47 -36.26 9.57
CA ALA A 463 -7.31 -37.46 10.39
C ALA A 463 -8.51 -38.38 10.16
N PRO A 464 -8.42 -39.70 10.36
CA PRO A 464 -9.51 -40.62 10.29
C PRO A 464 -10.45 -40.55 11.46
N THR A 465 -11.72 -40.83 11.20
CA THR A 465 -12.73 -40.97 12.24
C THR A 465 -13.92 -41.78 11.77
N ARG A 466 -14.96 -41.84 12.58
CA ARG A 466 -16.17 -42.60 12.23
C ARG A 466 -17.34 -41.81 11.61
N CYS A 467 -17.14 -40.51 11.40
CA CYS A 467 -18.11 -39.52 10.92
C CYS A 467 -18.08 -39.40 9.40
N LYS A 468 -19.20 -39.69 8.78
CA LYS A 468 -19.32 -39.61 7.33
C LYS A 468 -20.38 -38.60 6.95
N ARG A 469 -20.18 -37.85 5.83
CA ARG A 469 -21.11 -36.91 5.17
C ARG A 469 -20.32 -35.76 4.55
N VAL B 1 -9.13 -23.55 33.32
CA VAL B 1 -9.01 -22.33 32.53
C VAL B 1 -8.66 -22.72 31.09
N SER B 2 -8.60 -21.74 30.18
CA SER B 2 -8.26 -21.89 28.76
C SER B 2 -6.76 -21.95 28.54
N LEU B 3 -6.41 -22.39 27.36
CA LEU B 3 -5.03 -22.45 26.94
C LEU B 3 -4.78 -21.27 26.04
N GLY B 4 -3.54 -20.88 25.88
CA GLY B 4 -3.25 -19.76 25.01
C GLY B 4 -3.18 -20.19 23.57
N PHE B 5 -2.64 -19.34 22.71
CA PHE B 5 -2.68 -19.60 21.29
C PHE B 5 -2.25 -20.96 20.83
N LEU B 6 -1.09 -21.45 21.19
CA LEU B 6 -0.74 -22.80 20.79
C LEU B 6 -0.66 -23.68 21.99
N GLY B 7 -1.37 -23.33 23.04
CA GLY B 7 -1.24 -24.06 24.29
C GLY B 7 -1.67 -25.51 24.22
N ALA B 8 -2.43 -25.87 23.21
CA ALA B 8 -2.86 -27.25 23.07
C ALA B 8 -1.78 -28.08 22.45
N ALA B 9 -0.73 -27.48 21.94
CA ALA B 9 0.28 -28.29 21.32
C ALA B 9 0.83 -29.16 22.39
N GLY B 10 1.06 -30.40 22.09
CA GLY B 10 1.59 -31.33 23.07
C GLY B 10 0.48 -32.14 23.74
N SER B 11 -0.76 -31.68 23.62
CA SER B 11 -1.87 -32.43 24.19
C SER B 11 -2.22 -33.41 23.09
N THR B 12 -3.05 -34.38 23.40
CA THR B 12 -3.37 -35.35 22.37
C THR B 12 -4.35 -34.80 21.38
N MET B 13 -4.49 -35.46 20.26
CA MET B 13 -5.39 -35.01 19.21
C MET B 13 -6.80 -34.89 19.70
N GLY B 14 -7.20 -35.81 20.56
CA GLY B 14 -8.54 -35.83 21.09
C GLY B 14 -8.82 -34.70 22.05
N ALA B 15 -7.79 -34.00 22.52
CA ALA B 15 -7.98 -32.89 23.42
C ALA B 15 -7.91 -31.60 22.65
N ALA B 16 -6.94 -31.55 21.75
CA ALA B 16 -6.62 -30.40 20.94
C ALA B 16 -7.73 -30.05 19.99
N SER B 17 -8.53 -31.02 19.59
CA SER B 17 -9.63 -30.73 18.69
C SER B 17 -10.66 -29.82 19.32
N MET B 18 -10.62 -29.63 20.63
CA MET B 18 -11.56 -28.76 21.29
C MET B 18 -11.10 -27.30 21.41
N THR B 19 -9.92 -26.95 20.88
CA THR B 19 -9.40 -25.60 20.99
C THR B 19 -9.27 -24.94 19.63
N LEU B 20 -9.96 -25.46 18.64
CA LEU B 20 -9.77 -24.97 17.29
C LEU B 20 -10.08 -23.49 17.13
N THR B 21 -10.99 -22.93 17.92
CA THR B 21 -11.28 -21.52 17.79
C THR B 21 -10.14 -20.66 18.32
N VAL B 22 -9.29 -21.24 19.17
CA VAL B 22 -8.18 -20.52 19.76
C VAL B 22 -7.16 -20.29 18.71
N GLN B 23 -6.88 -21.31 17.94
CA GLN B 23 -5.90 -21.12 16.91
C GLN B 23 -6.49 -20.37 15.72
N ALA B 24 -7.75 -20.63 15.38
CA ALA B 24 -8.33 -19.97 14.21
C ALA B 24 -8.38 -18.46 14.35
N ARG B 25 -8.64 -17.97 15.54
CA ARG B 25 -8.73 -16.54 15.74
C ARG B 25 -7.45 -15.77 15.67
N ASN B 26 -6.32 -16.45 15.67
CA ASN B 26 -5.09 -15.70 15.59
C ASN B 26 -4.53 -15.66 14.20
N LEU B 27 -5.26 -16.22 13.26
CA LEU B 27 -4.81 -16.14 11.90
C LEU B 27 -5.29 -14.75 11.57
N LEU B 28 -4.57 -14.03 10.75
CA LEU B 28 -4.89 -12.61 10.50
C LEU B 28 -4.75 -11.70 11.75
N SER B 29 -4.14 -12.18 12.87
CA SER B 29 -3.92 -11.44 14.10
C SER B 29 -2.78 -12.10 14.88
N THR B 52 9.27 4.67 4.43
CA THR B 52 10.40 4.65 3.52
C THR B 52 10.38 3.30 2.81
N HIS B 53 11.09 2.31 3.28
CA HIS B 53 11.14 1.01 2.69
C HIS B 53 10.37 0.15 3.65
N TRP B 54 10.66 0.51 4.90
CA TRP B 54 10.17 -0.21 6.06
C TRP B 54 8.72 -0.13 5.93
N GLY B 55 8.26 0.76 5.07
CA GLY B 55 6.84 0.72 4.87
C GLY B 55 6.56 -0.43 3.95
N ILE B 56 7.46 -0.64 3.01
CA ILE B 56 7.27 -1.73 2.07
C ILE B 56 7.37 -3.04 2.79
N LYS B 57 8.39 -3.15 3.65
CA LYS B 57 8.60 -4.35 4.41
C LYS B 57 7.36 -4.70 5.22
N GLN B 58 6.76 -3.70 5.89
CA GLN B 58 5.57 -3.99 6.67
C GLN B 58 4.39 -4.37 5.80
N LEU B 59 4.22 -3.73 4.63
CA LEU B 59 3.12 -4.14 3.81
C LEU B 59 3.29 -5.54 3.34
N GLN B 60 4.50 -5.96 3.01
CA GLN B 60 4.66 -7.31 2.53
C GLN B 60 4.24 -8.28 3.60
N ALA B 61 4.57 -7.99 4.85
CA ALA B 61 4.20 -8.87 5.93
C ALA B 61 2.67 -9.01 6.06
N ARG B 62 1.94 -7.91 5.84
CA ARG B 62 0.49 -7.94 5.98
C ARG B 62 -0.18 -8.63 4.80
N VAL B 63 0.34 -8.40 3.62
CA VAL B 63 -0.22 -9.00 2.45
C VAL B 63 -0.03 -10.48 2.52
N LEU B 64 1.13 -10.90 2.96
CA LEU B 64 1.41 -12.30 3.04
C LEU B 64 0.48 -13.00 4.00
N ALA B 65 0.18 -12.40 5.16
CA ALA B 65 -0.73 -13.06 6.07
C ALA B 65 -2.08 -13.30 5.43
N VAL B 66 -2.53 -12.32 4.64
CA VAL B 66 -3.80 -12.48 3.95
C VAL B 66 -3.74 -13.55 2.92
N GLU B 67 -2.69 -13.60 2.14
CA GLU B 67 -2.62 -14.62 1.11
C GLU B 67 -2.65 -16.00 1.70
N HIS B 68 -1.96 -16.23 2.81
CA HIS B 68 -1.99 -17.57 3.35
C HIS B 68 -3.37 -17.91 3.85
N TYR B 69 -4.02 -16.95 4.49
CA TYR B 69 -5.34 -17.19 5.00
C TYR B 69 -6.26 -17.60 3.88
N LEU B 70 -6.24 -16.85 2.78
CA LEU B 70 -7.14 -17.16 1.71
C LEU B 70 -6.85 -18.47 1.06
N ARG B 71 -5.60 -18.90 0.94
CA ARG B 71 -5.38 -20.19 0.32
C ARG B 71 -6.05 -21.30 1.11
N ASP B 72 -6.00 -21.21 2.44
CA ASP B 72 -6.63 -22.26 3.22
C ASP B 72 -8.14 -22.18 3.10
N GLN B 73 -8.68 -20.99 3.04
CA GLN B 73 -10.13 -20.90 2.93
C GLN B 73 -10.58 -21.42 1.59
N GLN B 74 -9.78 -21.21 0.56
CA GLN B 74 -10.14 -21.69 -0.75
C GLN B 74 -10.23 -23.19 -0.77
N LEU B 75 -9.30 -23.87 -0.11
CA LEU B 75 -9.39 -25.31 -0.10
C LEU B 75 -10.61 -25.77 0.66
N LEU B 76 -10.94 -25.11 1.75
CA LEU B 76 -12.10 -25.55 2.48
C LEU B 76 -13.31 -25.36 1.60
N GLY B 77 -13.32 -24.31 0.81
CA GLY B 77 -14.42 -24.07 -0.09
C GLY B 77 -14.60 -25.20 -1.09
N ILE B 78 -13.51 -25.56 -1.74
CA ILE B 78 -13.53 -26.59 -2.76
C ILE B 78 -13.95 -27.91 -2.20
N TRP B 79 -13.53 -28.23 -1.00
CA TRP B 79 -13.86 -29.49 -0.38
C TRP B 79 -15.26 -29.52 0.25
N GLY B 80 -15.99 -28.40 0.23
CA GLY B 80 -17.32 -28.34 0.87
C GLY B 80 -17.33 -28.11 2.40
N CYS B 81 -16.26 -27.54 2.97
CA CYS B 81 -16.03 -27.30 4.38
C CYS B 81 -15.91 -25.79 4.66
N SER B 82 -16.48 -24.98 3.79
CA SER B 82 -16.29 -23.54 3.87
C SER B 82 -16.73 -22.85 5.13
N GLY B 83 -17.73 -23.36 5.79
CA GLY B 83 -18.22 -22.72 6.99
C GLY B 83 -17.94 -23.49 8.27
N LYS B 84 -17.06 -24.49 8.22
CA LYS B 84 -16.88 -25.31 9.41
C LYS B 84 -15.45 -25.48 9.89
N LEU B 85 -15.26 -25.63 11.20
CA LEU B 85 -13.94 -25.95 11.73
C LEU B 85 -13.74 -27.45 11.72
N ILE B 86 -14.81 -28.19 11.86
CA ILE B 86 -14.76 -29.65 11.81
C ILE B 86 -15.69 -30.06 10.67
N CYS B 87 -15.18 -30.77 9.66
CA CYS B 87 -15.94 -31.15 8.47
C CYS B 87 -15.75 -32.60 8.10
N CYS B 88 -16.85 -33.32 8.05
CA CYS B 88 -16.82 -34.73 7.75
C CYS B 88 -17.10 -34.93 6.28
N THR B 89 -16.28 -35.72 5.61
CA THR B 89 -16.51 -35.93 4.19
C THR B 89 -16.92 -37.36 3.86
N ASN B 90 -17.01 -37.66 2.57
CA ASN B 90 -17.42 -38.98 2.09
C ASN B 90 -16.27 -39.76 1.49
N VAL B 91 -15.07 -39.34 1.78
CA VAL B 91 -13.87 -40.02 1.32
C VAL B 91 -13.44 -40.97 2.40
N PRO B 92 -13.29 -42.27 2.14
CA PRO B 92 -12.91 -43.28 3.10
C PRO B 92 -11.47 -43.12 3.43
N TRP B 93 -11.08 -43.56 4.59
CA TRP B 93 -9.69 -43.56 4.99
C TRP B 93 -9.03 -44.82 4.47
N ASN B 94 -7.85 -44.68 3.85
CA ASN B 94 -7.02 -45.75 3.32
C ASN B 94 -5.96 -46.15 4.36
N SER B 95 -5.97 -47.44 4.76
CA SER B 95 -5.06 -48.01 5.76
C SER B 95 -3.63 -47.99 5.28
N SER B 96 -3.43 -47.76 3.98
CA SER B 96 -2.10 -47.66 3.43
C SER B 96 -1.45 -46.35 3.84
N TRP B 97 -2.24 -45.34 4.20
CA TRP B 97 -1.68 -44.06 4.61
C TRP B 97 -1.25 -44.21 6.04
N SER B 98 -2.12 -44.87 6.78
CA SER B 98 -1.92 -45.18 8.18
C SER B 98 -2.81 -46.28 8.62
N ASN B 99 -2.23 -47.27 9.28
CA ASN B 99 -3.00 -48.40 9.76
C ASN B 99 -3.18 -48.39 11.26
N ARG B 100 -3.02 -47.24 11.88
CA ARG B 100 -3.21 -47.17 13.31
C ARG B 100 -4.71 -47.20 13.60
N ASN B 101 -5.10 -47.74 14.77
CA ASN B 101 -6.49 -47.74 15.23
C ASN B 101 -6.84 -46.38 15.84
N LEU B 102 -8.16 -46.07 15.97
CA LEU B 102 -8.62 -44.78 16.50
C LEU B 102 -8.21 -44.53 17.93
N SER B 103 -8.14 -45.56 18.74
CA SER B 103 -7.77 -45.32 20.12
C SER B 103 -6.35 -44.81 20.15
N GLU B 104 -5.48 -45.39 19.34
CA GLU B 104 -4.11 -44.93 19.33
C GLU B 104 -3.98 -43.55 18.74
N ILE B 105 -4.69 -43.27 17.66
CA ILE B 105 -4.50 -41.97 17.05
C ILE B 105 -5.02 -40.85 17.90
N TRP B 106 -6.22 -40.96 18.39
CA TRP B 106 -6.78 -39.86 19.12
C TRP B 106 -6.30 -39.73 20.57
N ASP B 107 -5.96 -40.83 21.24
CA ASP B 107 -5.50 -40.71 22.61
C ASP B 107 -4.00 -40.73 22.85
N ASN B 108 -3.19 -41.37 21.99
CA ASN B 108 -1.76 -41.45 22.30
C ASN B 108 -0.89 -40.64 21.37
N MET B 109 -1.47 -39.73 20.60
CA MET B 109 -0.70 -38.91 19.68
C MET B 109 -1.09 -37.47 19.74
N THR B 110 -0.15 -36.61 19.41
CA THR B 110 -0.39 -35.18 19.29
C THR B 110 -0.55 -34.85 17.83
N TRP B 111 -1.04 -33.65 17.52
CA TRP B 111 -1.18 -33.29 16.13
C TRP B 111 0.16 -33.11 15.44
N LEU B 112 1.18 -32.72 16.18
CA LEU B 112 2.48 -32.56 15.54
C LEU B 112 2.98 -33.92 15.09
N GLN B 113 2.79 -34.94 15.92
CA GLN B 113 3.28 -36.25 15.54
C GLN B 113 2.53 -36.79 14.36
N TRP B 114 1.23 -36.57 14.35
CA TRP B 114 0.39 -37.04 13.29
C TRP B 114 0.78 -36.38 11.99
N ASP B 115 1.02 -35.08 12.02
CA ASP B 115 1.38 -34.41 10.80
C ASP B 115 2.62 -35.01 10.21
N LYS B 116 3.58 -35.35 11.04
CA LYS B 116 4.78 -35.94 10.48
C LYS B 116 4.49 -37.30 9.88
N GLU B 117 3.71 -38.12 10.57
CA GLU B 117 3.44 -39.47 10.12
C GLU B 117 2.80 -39.57 8.76
N ILE B 118 1.89 -38.67 8.44
CA ILE B 118 1.25 -38.78 7.15
C ILE B 118 1.57 -37.64 6.21
N SER B 119 2.67 -36.94 6.41
CA SER B 119 2.90 -35.83 5.49
C SER B 119 3.05 -36.25 4.01
N ASN B 120 3.52 -37.49 3.74
CA ASN B 120 3.73 -38.08 2.42
C ASN B 120 2.42 -38.32 1.63
N TYR B 121 1.26 -38.37 2.31
CA TYR B 121 -0.03 -38.69 1.70
C TYR B 121 -0.92 -37.48 1.66
N THR B 122 -0.42 -36.34 2.10
CA THR B 122 -1.29 -35.19 2.14
C THR B 122 -1.76 -34.78 0.78
N GLN B 123 -0.88 -34.81 -0.19
CA GLN B 123 -1.30 -34.36 -1.49
C GLN B 123 -2.35 -35.28 -2.09
N ILE B 124 -2.26 -36.57 -1.80
CA ILE B 124 -3.21 -37.53 -2.32
C ILE B 124 -4.56 -37.29 -1.73
N ILE B 125 -4.60 -37.11 -0.43
CA ILE B 125 -5.85 -36.91 0.22
C ILE B 125 -6.49 -35.65 -0.27
N TYR B 126 -5.73 -34.58 -0.42
CA TYR B 126 -6.36 -33.38 -0.87
C TYR B 126 -6.97 -33.58 -2.24
N GLY B 127 -6.29 -34.28 -3.14
CA GLY B 127 -6.87 -34.48 -4.45
C GLY B 127 -8.20 -35.24 -4.36
N LEU B 128 -8.27 -36.22 -3.48
CA LEU B 128 -9.50 -36.99 -3.33
C LEU B 128 -10.62 -36.16 -2.80
N LEU B 129 -10.32 -35.23 -1.90
CA LEU B 129 -11.37 -34.42 -1.34
C LEU B 129 -11.96 -33.52 -2.40
N GLU B 130 -11.12 -32.98 -3.29
CA GLU B 130 -11.59 -32.09 -4.34
C GLU B 130 -12.48 -32.82 -5.32
N GLU B 131 -12.10 -34.05 -5.64
CA GLU B 131 -12.86 -34.84 -6.59
C GLU B 131 -14.19 -35.24 -6.02
N SER B 132 -14.22 -35.63 -4.76
CA SER B 132 -15.46 -36.05 -4.18
C SER B 132 -16.44 -34.92 -4.13
N GLN B 133 -16.00 -33.73 -3.73
CA GLN B 133 -16.95 -32.65 -3.65
C GLN B 133 -17.47 -32.28 -5.01
N ASN B 134 -16.63 -32.31 -6.04
CA ASN B 134 -17.13 -31.93 -7.33
C ASN B 134 -18.22 -32.90 -7.79
N GLN B 135 -18.05 -34.19 -7.53
CA GLN B 135 -19.07 -35.12 -7.92
C GLN B 135 -20.36 -34.89 -7.16
N GLN B 136 -20.25 -34.56 -5.89
CA GLN B 136 -21.43 -34.33 -5.10
C GLN B 136 -22.19 -33.15 -5.61
N GLU B 137 -21.51 -32.08 -6.02
CA GLU B 137 -22.25 -30.93 -6.50
C GLU B 137 -23.03 -31.26 -7.74
N LYS B 138 -22.44 -32.06 -8.63
CA LYS B 138 -23.17 -32.40 -9.82
C LYS B 138 -24.39 -33.23 -9.45
N ASN B 139 -24.26 -34.15 -8.52
CA ASN B 139 -25.41 -34.95 -8.19
C ASN B 139 -26.51 -34.12 -7.59
N GLU B 140 -26.18 -33.13 -6.77
CA GLU B 140 -27.22 -32.30 -6.19
C GLU B 140 -27.94 -31.53 -7.26
N GLN B 141 -27.19 -31.03 -8.25
CA GLN B 141 -27.79 -30.28 -9.32
C GLN B 141 -28.77 -31.13 -10.08
N ASP B 142 -28.45 -32.39 -10.30
CA ASP B 142 -29.38 -33.20 -11.04
C ASP B 142 -30.63 -33.49 -10.23
N LEU B 143 -30.50 -33.76 -8.95
CA LEU B 143 -31.67 -34.10 -8.16
C LEU B 143 -32.65 -32.95 -8.04
N LEU B 144 -32.14 -31.76 -7.95
CA LEU B 144 -32.97 -30.57 -7.83
C LEU B 144 -33.68 -30.21 -9.11
N ALA B 145 -33.34 -30.86 -10.21
CA ALA B 145 -34.01 -30.62 -11.46
C ALA B 145 -35.25 -31.52 -11.67
N LEU B 146 -35.52 -32.50 -10.77
CA LEU B 146 -36.63 -33.45 -10.86
C LEU B 146 -37.89 -32.77 -10.33
N ASN C 1 -38.61 -14.53 26.25
CA ASN C 1 -37.78 -15.63 25.78
C ASN C 1 -37.28 -15.35 24.34
N LEU C 2 -36.30 -14.43 24.22
CA LEU C 2 -35.69 -13.97 22.97
C LEU C 2 -34.33 -14.57 22.77
N TRP C 3 -33.89 -14.58 21.53
CA TRP C 3 -32.63 -15.15 21.07
C TRP C 3 -31.80 -14.12 20.33
N VAL C 4 -30.49 -14.31 20.34
CA VAL C 4 -29.59 -13.40 19.63
C VAL C 4 -29.63 -13.63 18.14
N THR C 5 -29.77 -12.56 17.37
CA THR C 5 -29.69 -12.64 15.93
C THR C 5 -28.62 -11.70 15.42
N VAL C 6 -27.80 -12.24 14.56
CA VAL C 6 -26.67 -11.55 13.98
C VAL C 6 -27.02 -10.94 12.65
N TYR C 7 -26.70 -9.67 12.48
CA TYR C 7 -26.96 -8.98 11.24
C TYR C 7 -25.69 -8.42 10.65
N TYR C 8 -25.52 -8.56 9.35
CA TYR C 8 -24.37 -8.01 8.69
C TYR C 8 -24.81 -7.07 7.60
N GLY C 9 -24.29 -5.85 7.63
CA GLY C 9 -24.69 -4.80 6.71
C GLY C 9 -25.49 -3.74 7.46
N VAL C 10 -25.27 -3.66 8.75
CA VAL C 10 -25.94 -2.70 9.60
C VAL C 10 -25.40 -1.29 9.40
N PRO C 11 -26.22 -0.26 9.16
CA PRO C 11 -25.80 1.11 8.89
C PRO C 11 -25.34 1.91 10.08
N VAL C 12 -24.23 1.51 10.68
CA VAL C 12 -23.67 2.22 11.81
C VAL C 12 -22.21 2.54 11.62
N TRP C 13 -21.70 3.49 12.39
CA TRP C 13 -20.33 3.90 12.29
C TRP C 13 -19.73 4.50 13.54
N LYS C 14 -18.41 4.58 13.56
CA LYS C 14 -17.64 5.20 14.62
C LYS C 14 -16.67 6.26 14.12
N ASP C 15 -16.33 7.21 14.97
CA ASP C 15 -15.34 8.20 14.58
C ASP C 15 -14.04 7.49 14.23
N ALA C 16 -13.36 7.89 13.18
CA ALA C 16 -12.12 7.20 12.86
C ALA C 16 -11.13 8.05 12.13
N GLU C 17 -9.88 7.64 12.20
CA GLU C 17 -8.84 8.30 11.44
C GLU C 17 -8.27 7.28 10.50
N THR C 18 -8.01 7.69 9.28
CA THR C 18 -7.42 6.81 8.30
C THR C 18 -6.66 7.58 7.27
N THR C 19 -6.22 6.88 6.26
CA THR C 19 -5.50 7.46 5.16
C THR C 19 -6.48 7.78 4.07
N LEU C 20 -6.52 9.01 3.64
CA LEU C 20 -7.40 9.39 2.56
C LEU C 20 -6.55 9.48 1.34
N PHE C 21 -7.13 9.28 0.18
CA PHE C 21 -6.32 9.39 -1.00
C PHE C 21 -6.80 10.56 -1.86
N CYS C 22 -5.90 11.05 -2.73
CA CYS C 22 -6.13 12.14 -3.66
C CYS C 22 -6.76 11.68 -4.96
N ALA C 23 -7.76 12.43 -5.36
CA ALA C 23 -8.42 12.32 -6.63
C ALA C 23 -8.36 13.70 -7.25
N SER C 24 -8.33 13.78 -8.56
CA SER C 24 -8.21 15.10 -9.20
C SER C 24 -9.30 15.41 -10.23
N ASP C 25 -9.15 14.95 -11.50
CA ASP C 25 -10.11 15.20 -12.59
C ASP C 25 -9.94 14.16 -13.71
N HIS C 34 2.26 19.51 -15.43
CA HIS C 34 3.05 20.73 -15.31
C HIS C 34 2.57 21.61 -14.13
N ASN C 35 2.41 20.99 -12.93
CA ASN C 35 1.97 21.66 -11.70
C ASN C 35 2.65 21.14 -10.48
N VAL C 36 2.70 22.01 -9.49
CA VAL C 36 3.31 21.71 -8.22
C VAL C 36 2.71 20.55 -7.51
N TRP C 37 1.40 20.39 -7.58
CA TRP C 37 0.75 19.37 -6.81
C TRP C 37 0.74 18.00 -7.45
N ALA C 38 1.42 17.84 -8.58
CA ALA C 38 1.52 16.54 -9.19
C ALA C 38 0.19 15.87 -9.28
N THR C 39 -0.78 16.55 -9.85
CA THR C 39 -2.12 16.01 -9.89
C THR C 39 -2.24 14.81 -10.81
N HIS C 40 -1.21 14.55 -11.61
CA HIS C 40 -1.18 13.39 -12.49
C HIS C 40 -1.01 12.13 -11.67
N ALA C 41 -0.58 12.29 -10.44
CA ALA C 41 -0.41 11.19 -9.50
C ALA C 41 -1.69 10.80 -8.74
N CYS C 42 -2.82 11.54 -8.94
CA CYS C 42 -4.10 11.39 -8.27
C CYS C 42 -5.07 10.57 -9.12
N VAL C 43 -6.02 9.98 -8.43
CA VAL C 43 -7.06 9.16 -9.01
C VAL C 43 -8.10 9.97 -9.82
N PRO C 44 -8.47 9.58 -11.04
CA PRO C 44 -9.47 10.24 -11.85
C PRO C 44 -10.77 10.31 -11.09
N THR C 45 -11.53 11.37 -11.30
CA THR C 45 -12.78 11.50 -10.57
C THR C 45 -13.97 10.90 -11.26
N ASP C 46 -15.01 10.71 -10.46
CA ASP C 46 -16.31 10.25 -10.90
C ASP C 46 -17.10 11.46 -11.38
N PRO C 47 -17.50 11.57 -12.65
CA PRO C 47 -18.21 12.70 -13.21
C PRO C 47 -19.59 12.90 -12.59
N ASN C 48 -20.10 11.87 -11.92
CA ASN C 48 -21.39 11.91 -11.27
C ASN C 48 -21.26 11.39 -9.85
N PRO C 49 -20.60 12.13 -8.96
CA PRO C 49 -20.26 11.71 -7.61
C PRO C 49 -21.53 11.61 -6.84
N GLN C 50 -21.55 10.75 -5.86
CA GLN C 50 -22.74 10.60 -5.09
C GLN C 50 -22.73 11.39 -3.81
N GLU C 51 -23.92 11.73 -3.39
CA GLU C 51 -24.20 12.35 -2.13
C GLU C 51 -25.56 11.90 -1.74
N ILE C 52 -25.71 11.40 -0.53
CA ILE C 52 -27.02 10.97 -0.13
C ILE C 52 -27.44 11.67 1.14
N HIS C 53 -28.67 12.10 1.20
CA HIS C 53 -29.15 12.79 2.38
C HIS C 53 -29.52 11.79 3.44
N LEU C 54 -29.14 12.01 4.69
CA LEU C 54 -29.56 11.08 5.71
C LEU C 54 -30.65 11.68 6.57
N GLU C 55 -31.87 11.19 6.43
CA GLU C 55 -32.90 11.81 7.24
C GLU C 55 -32.76 11.30 8.65
N ASN C 56 -33.10 12.13 9.64
CA ASN C 56 -33.11 11.82 11.08
C ASN C 56 -31.74 11.39 11.65
N VAL C 57 -30.62 11.99 11.16
CA VAL C 57 -29.27 11.72 11.65
C VAL C 57 -28.66 12.99 12.13
N THR C 58 -28.25 12.99 13.38
CA THR C 58 -27.58 14.12 13.99
C THR C 58 -26.21 13.65 14.35
N GLU C 59 -25.20 14.39 13.93
CA GLU C 59 -23.83 13.97 14.13
C GLU C 59 -22.96 15.06 14.68
N GLU C 60 -22.11 14.76 15.65
CA GLU C 60 -21.23 15.81 16.15
C GLU C 60 -20.00 16.02 15.31
N PHE C 61 -19.74 17.28 15.00
CA PHE C 61 -18.57 17.65 14.23
C PHE C 61 -17.68 18.53 15.07
N ASN C 62 -16.38 18.44 14.85
CA ASN C 62 -15.47 19.34 15.53
C ASN C 62 -14.33 19.64 14.61
N MET C 63 -14.39 20.79 13.98
CA MET C 63 -13.42 21.16 12.98
C MET C 63 -12.03 21.34 13.55
N TRP C 64 -11.93 21.54 14.84
CA TRP C 64 -10.65 21.85 15.44
C TRP C 64 -9.89 20.59 15.81
N LYS C 65 -10.54 19.44 15.69
CA LYS C 65 -9.94 18.17 16.05
C LYS C 65 -9.99 17.27 14.85
N ASN C 66 -10.19 17.86 13.70
CA ASN C 66 -10.36 17.14 12.47
C ASN C 66 -9.04 16.76 11.83
N ASN C 67 -8.73 15.48 11.88
CA ASN C 67 -7.46 14.94 11.38
C ASN C 67 -7.28 15.13 9.90
N MET C 68 -8.36 15.40 9.17
CA MET C 68 -8.23 15.56 7.74
C MET C 68 -7.35 16.75 7.46
N VAL C 69 -7.34 17.73 8.35
CA VAL C 69 -6.57 18.92 8.16
C VAL C 69 -5.12 18.61 8.26
N GLU C 70 -4.77 17.76 9.21
CA GLU C 70 -3.38 17.43 9.42
C GLU C 70 -2.87 16.65 8.27
N GLN C 71 -3.71 15.79 7.72
CA GLN C 71 -3.24 14.99 6.64
C GLN C 71 -3.11 15.83 5.40
N MET C 72 -4.02 16.78 5.16
CA MET C 72 -3.87 17.62 3.99
C MET C 72 -2.61 18.43 4.11
N HIS C 73 -2.30 18.91 5.30
CA HIS C 73 -1.11 19.72 5.49
C HIS C 73 0.12 18.94 5.10
N GLU C 74 0.22 17.70 5.57
CA GLU C 74 1.39 16.93 5.21
C GLU C 74 1.45 16.65 3.73
N ASP C 75 0.31 16.39 3.08
CA ASP C 75 0.39 16.13 1.66
C ASP C 75 0.85 17.32 0.87
N ILE C 76 0.41 18.50 1.24
CA ILE C 76 0.82 19.67 0.47
C ILE C 76 2.29 19.88 0.60
N ILE C 77 2.84 19.73 1.79
CA ILE C 77 4.26 19.93 1.91
C ILE C 77 5.02 18.90 1.13
N SER C 78 4.62 17.63 1.21
CA SER C 78 5.37 16.62 0.49
C SER C 78 5.31 16.85 -1.01
N LEU C 79 4.17 17.26 -1.54
CA LEU C 79 4.11 17.50 -2.97
C LEU C 79 5.00 18.65 -3.34
N TRP C 80 5.01 19.69 -2.51
CA TRP C 80 5.82 20.84 -2.75
C TRP C 80 7.25 20.45 -2.91
N ASP C 81 7.76 19.67 -1.97
CA ASP C 81 9.15 19.28 -2.03
C ASP C 81 9.48 18.37 -3.19
N GLN C 82 8.59 17.45 -3.54
CA GLN C 82 8.92 16.55 -4.62
C GLN C 82 9.11 17.32 -5.90
N SER C 83 8.32 18.34 -6.09
CA SER C 83 8.36 19.15 -7.27
C SER C 83 9.61 19.99 -7.42
N LEU C 84 10.40 20.14 -6.35
CA LEU C 84 11.64 20.87 -6.46
C LEU C 84 12.83 19.95 -6.56
N LYS C 85 12.62 18.64 -6.55
CA LYS C 85 13.80 17.82 -6.63
C LYS C 85 14.49 17.90 -7.97
N PRO C 86 13.83 17.70 -9.11
CA PRO C 86 14.45 17.69 -10.40
C PRO C 86 14.67 19.09 -10.95
N CYS C 87 15.43 19.94 -10.25
CA CYS C 87 15.63 21.35 -10.59
C CYS C 87 17.07 21.76 -10.31
N VAL C 88 17.43 22.94 -10.80
CA VAL C 88 18.76 23.49 -10.67
C VAL C 88 19.08 23.98 -9.29
N LYS C 89 20.23 23.58 -8.80
CA LYS C 89 20.67 24.06 -7.51
C LYS C 89 21.39 25.36 -7.76
N LEU C 90 21.21 26.32 -6.88
CA LEU C 90 21.85 27.60 -7.02
C LEU C 90 22.99 27.82 -6.08
N THR C 91 23.57 26.75 -5.59
CA THR C 91 24.72 26.88 -4.71
C THR C 91 25.77 27.88 -5.21
N PRO C 92 26.16 27.91 -6.51
CA PRO C 92 27.16 28.79 -7.06
C PRO C 92 26.85 30.26 -6.90
N LEU C 93 25.63 30.62 -6.53
CA LEU C 93 25.30 32.02 -6.35
C LEU C 93 25.76 32.65 -5.04
N CYS C 94 26.21 31.86 -4.04
CA CYS C 94 26.67 32.39 -2.76
C CYS C 94 28.08 32.93 -2.89
N VAL C 95 28.14 34.11 -3.46
CA VAL C 95 29.36 34.86 -3.72
C VAL C 95 29.20 36.25 -3.22
N THR C 96 30.30 36.97 -3.10
CA THR C 96 30.15 38.36 -2.76
C THR C 96 29.64 39.09 -3.96
N LEU C 97 28.62 39.89 -3.77
CA LEU C 97 28.01 40.67 -4.81
C LEU C 97 28.49 42.09 -4.69
N GLN C 98 28.68 42.77 -5.80
CA GLN C 98 29.02 44.18 -5.79
C GLN C 98 27.77 44.93 -6.25
N CYS C 99 27.06 45.66 -5.36
CA CYS C 99 25.74 46.22 -5.68
C CYS C 99 25.67 47.73 -5.54
N THR C 100 24.97 48.33 -6.48
CA THR C 100 24.66 49.75 -6.47
C THR C 100 23.15 49.88 -6.58
N ASN C 101 22.58 51.05 -6.28
CA ASN C 101 21.13 51.32 -6.33
C ASN C 101 20.64 51.50 -7.77
N VAL C 102 19.39 51.05 -8.05
CA VAL C 102 18.73 51.29 -9.33
C VAL C 102 17.94 52.56 -9.17
N THR C 103 18.46 53.66 -9.70
CA THR C 103 17.83 54.95 -9.50
C THR C 103 17.53 55.73 -10.77
N ASN C 104 17.87 55.18 -11.92
CA ASN C 104 17.65 55.87 -13.19
C ASN C 104 16.24 56.44 -13.43
N ASN C 105 15.26 55.56 -13.58
CA ASN C 105 13.88 55.94 -13.84
C ASN C 105 12.97 55.41 -12.74
N ILE C 106 12.99 56.01 -11.55
CA ILE C 106 12.14 55.44 -10.54
C ILE C 106 11.20 56.44 -9.93
N THR C 107 10.15 55.92 -9.32
CA THR C 107 9.32 56.78 -8.51
C THR C 107 9.89 56.77 -7.12
N ASP C 108 9.35 57.58 -6.22
CA ASP C 108 9.96 57.64 -4.89
C ASP C 108 9.57 56.46 -4.03
N ASP C 109 8.43 55.88 -4.31
CA ASP C 109 7.96 54.72 -3.58
C ASP C 109 8.92 53.55 -3.74
N MET C 110 9.70 53.55 -4.81
CA MET C 110 10.64 52.49 -5.12
C MET C 110 12.07 52.87 -4.85
N ARG C 111 12.29 53.97 -4.18
CA ARG C 111 13.64 54.39 -3.98
C ARG C 111 14.27 53.56 -2.91
N GLY C 112 15.29 52.82 -3.31
CA GLY C 112 15.98 51.90 -2.43
C GLY C 112 15.39 50.49 -2.48
N GLU C 113 14.40 50.24 -3.34
CA GLU C 113 13.82 48.91 -3.40
C GLU C 113 14.57 47.95 -4.29
N LEU C 114 15.26 48.43 -5.31
CA LEU C 114 15.94 47.51 -6.19
C LEU C 114 17.41 47.78 -6.18
N LYS C 115 18.18 46.72 -6.32
CA LYS C 115 19.62 46.84 -6.41
C LYS C 115 20.16 46.11 -7.62
N ASN C 116 21.16 46.73 -8.25
CA ASN C 116 21.89 46.27 -9.42
C ASN C 116 23.20 45.63 -8.99
N CYS C 117 23.28 44.28 -9.04
CA CYS C 117 24.39 43.52 -8.51
C CYS C 117 25.18 42.79 -9.58
N SER C 118 26.50 42.86 -9.45
CA SER C 118 27.35 42.14 -10.36
C SER C 118 28.14 41.10 -9.60
N PHE C 119 28.45 40.02 -10.28
CA PHE C 119 29.22 38.93 -9.69
C PHE C 119 29.89 38.00 -10.70
N ASN C 120 30.89 37.21 -10.21
CA ASN C 120 31.61 36.18 -10.97
C ASN C 120 30.92 34.82 -10.84
N MET C 121 30.18 34.40 -11.87
CA MET C 121 29.39 33.19 -11.94
C MET C 121 30.16 32.10 -12.65
N THR C 122 29.88 30.86 -12.33
CA THR C 122 30.52 29.76 -13.00
C THR C 122 29.93 29.59 -14.37
N THR C 123 30.60 28.79 -15.18
CA THR C 123 30.23 28.49 -16.56
C THR C 123 30.13 27.01 -16.81
N GLU C 124 29.82 26.62 -18.05
CA GLU C 124 29.70 25.20 -18.36
C GLU C 124 30.99 24.48 -18.08
N LEU C 125 32.10 25.14 -18.36
CA LEU C 125 33.39 24.54 -18.11
C LEU C 125 33.84 25.03 -16.76
N ARG C 126 34.46 24.18 -15.97
CA ARG C 126 34.85 24.58 -14.63
C ARG C 126 36.07 25.45 -14.54
N ASP C 127 36.77 25.62 -15.63
CA ASP C 127 37.94 26.45 -15.65
C ASP C 127 37.67 27.84 -16.22
N LYS C 128 36.40 28.18 -16.44
CA LYS C 128 36.02 29.49 -16.97
C LYS C 128 35.08 30.19 -16.01
N LYS C 129 35.04 31.52 -16.08
CA LYS C 129 34.14 32.32 -15.27
C LYS C 129 33.46 33.35 -16.14
N GLN C 130 32.29 33.82 -15.73
CA GLN C 130 31.61 34.87 -16.48
C GLN C 130 31.11 35.96 -15.57
N LYS C 131 31.05 37.17 -16.09
CA LYS C 131 30.53 38.27 -15.30
C LYS C 131 29.07 38.46 -15.62
N VAL C 132 28.27 38.48 -14.57
CA VAL C 132 26.84 38.58 -14.68
C VAL C 132 26.31 39.76 -13.92
N TYR C 133 25.36 40.45 -14.52
CA TYR C 133 24.69 41.55 -13.88
C TYR C 133 23.24 41.16 -13.74
N SER C 134 22.63 41.47 -12.61
CA SER C 134 21.23 41.15 -12.42
C SER C 134 20.58 42.07 -11.42
N LEU C 135 19.25 42.14 -11.46
CA LEU C 135 18.60 42.96 -10.46
C LEU C 135 17.96 42.12 -9.39
N PHE C 136 18.02 42.61 -8.17
CA PHE C 136 17.43 41.99 -6.99
C PHE C 136 16.48 42.95 -6.30
N TYR C 137 15.57 42.42 -5.48
CA TYR C 137 14.56 43.23 -4.81
C TYR C 137 14.88 43.69 -3.40
N ARG C 138 16.14 43.66 -3.01
CA ARG C 138 16.59 44.10 -1.68
C ARG C 138 16.20 43.19 -0.54
N LEU C 139 14.99 42.73 -0.46
CA LEU C 139 14.60 41.85 0.62
C LEU C 139 15.42 40.57 0.61
N ASP C 140 15.94 40.22 -0.55
CA ASP C 140 16.71 39.03 -0.78
C ASP C 140 18.21 39.20 -0.60
N VAL C 141 18.66 40.42 -0.36
CA VAL C 141 20.09 40.74 -0.30
C VAL C 141 20.49 41.46 0.98
N VAL C 142 21.56 41.00 1.61
CA VAL C 142 22.00 41.60 2.87
C VAL C 142 23.44 42.05 2.81
N GLN C 143 23.77 43.16 3.46
CA GLN C 143 25.16 43.61 3.46
C GLN C 143 26.03 42.71 4.27
N ILE C 144 27.27 42.55 3.85
CA ILE C 144 28.19 41.74 4.64
C ILE C 144 29.06 42.54 5.64
N ASN C 145 29.41 43.81 5.33
CA ASN C 145 30.28 44.67 6.13
C ASN C 145 29.40 45.59 6.99
N LYS C 157 29.31 48.49 -0.53
CA LYS C 157 28.78 47.89 -1.76
C LYS C 157 28.79 46.35 -1.77
N GLU C 158 29.35 45.68 -0.74
CA GLU C 158 29.42 44.21 -0.67
C GLU C 158 28.26 43.58 0.06
N TYR C 159 27.57 42.74 -0.69
CA TYR C 159 26.36 42.05 -0.30
C TYR C 159 26.39 40.57 -0.57
N ARG C 160 25.54 39.83 0.08
CA ARG C 160 25.37 38.42 -0.20
C ARG C 160 23.90 38.11 -0.24
N LEU C 161 23.52 36.97 -0.79
CA LEU C 161 22.12 36.66 -0.73
C LEU C 161 21.78 36.39 0.71
N ILE C 162 20.60 36.78 1.10
CA ILE C 162 20.14 36.67 2.47
C ILE C 162 20.23 35.32 3.10
N ASN C 163 20.04 34.26 2.37
CA ASN C 163 20.07 32.98 3.04
C ASN C 163 21.37 32.16 2.94
N CYS C 164 22.52 32.73 2.51
CA CYS C 164 23.76 31.95 2.32
C CYS C 164 24.36 31.49 3.64
N ASN C 165 23.85 31.94 4.75
CA ASN C 165 24.36 31.45 6.03
C ASN C 165 23.40 30.45 6.72
N THR C 166 22.18 30.18 6.16
CA THR C 166 21.19 29.27 6.77
C THR C 166 20.68 28.16 5.88
N SER C 167 20.73 28.32 4.56
CA SER C 167 20.11 27.31 3.71
C SER C 167 20.62 27.19 2.30
N ALA C 168 20.28 26.07 1.69
CA ALA C 168 20.60 25.89 0.29
C ALA C 168 19.49 26.48 -0.53
N ILE C 169 19.78 26.88 -1.76
CA ILE C 169 18.72 27.42 -2.61
C ILE C 169 18.47 26.56 -3.82
N THR C 170 17.22 26.22 -4.04
CA THR C 170 16.85 25.47 -5.24
C THR C 170 16.03 26.37 -6.15
N GLN C 171 16.37 26.43 -7.42
CA GLN C 171 15.57 27.25 -8.33
C GLN C 171 14.34 26.50 -8.68
N ALA C 172 13.19 27.13 -8.59
CA ALA C 172 12.00 26.45 -8.99
C ALA C 172 12.06 26.25 -10.48
N CYS C 173 11.59 25.10 -11.01
CA CYS C 173 11.55 24.84 -12.44
C CYS C 173 10.54 25.77 -13.13
N PRO C 174 10.93 26.48 -14.19
CA PRO C 174 10.15 27.49 -14.89
C PRO C 174 8.93 26.92 -15.61
N LYS C 175 8.95 25.62 -15.80
CA LYS C 175 7.88 24.94 -16.49
C LYS C 175 6.77 24.43 -15.58
N VAL C 176 6.92 24.57 -14.27
CA VAL C 176 5.92 24.01 -13.37
C VAL C 176 5.06 25.08 -12.73
N SER C 177 3.76 25.02 -12.97
CA SER C 177 2.83 26.00 -12.46
C SER C 177 2.53 25.94 -10.98
N PHE C 178 2.37 27.12 -10.39
CA PHE C 178 2.01 27.25 -8.99
C PHE C 178 0.54 27.58 -8.83
N GLU C 179 -0.23 27.47 -9.89
CA GLU C 179 -1.65 27.77 -9.81
C GLU C 179 -2.39 26.61 -9.16
N PRO C 180 -3.10 26.79 -8.05
CA PRO C 180 -3.83 25.77 -7.35
C PRO C 180 -4.83 25.09 -8.24
N ILE C 181 -4.89 23.78 -8.13
CA ILE C 181 -5.78 22.92 -8.87
C ILE C 181 -6.62 22.21 -7.84
N PRO C 182 -7.93 22.16 -7.93
CA PRO C 182 -8.76 21.52 -6.95
C PRO C 182 -8.36 20.08 -6.70
N ILE C 183 -8.32 19.71 -5.45
CA ILE C 183 -8.01 18.38 -4.98
C ILE C 183 -9.16 17.79 -4.22
N HIS C 184 -9.52 16.58 -4.54
CA HIS C 184 -10.61 15.93 -3.84
C HIS C 184 -10.06 14.87 -2.91
N TYR C 185 -10.45 14.89 -1.65
CA TYR C 185 -10.02 13.82 -0.76
C TYR C 185 -11.07 12.74 -0.76
N CYS C 186 -10.67 11.47 -0.90
CA CYS C 186 -11.57 10.32 -1.00
C CYS C 186 -11.30 9.28 0.08
N ALA C 187 -12.38 8.75 0.61
CA ALA C 187 -12.24 7.73 1.62
C ALA C 187 -11.95 6.39 0.99
N PRO C 188 -11.20 5.52 1.64
CA PRO C 188 -10.97 4.16 1.25
C PRO C 188 -12.21 3.35 1.51
N ALA C 189 -12.35 2.24 0.84
CA ALA C 189 -13.50 1.41 1.10
C ALA C 189 -13.53 1.01 2.55
N GLY C 190 -14.72 1.00 3.13
CA GLY C 190 -14.91 0.65 4.53
C GLY C 190 -15.09 1.89 5.38
N PHE C 191 -14.82 3.03 4.78
CA PHE C 191 -14.92 4.34 5.40
C PHE C 191 -15.85 5.24 4.62
N ALA C 192 -16.35 6.26 5.27
CA ALA C 192 -17.22 7.20 4.61
C ALA C 192 -16.99 8.60 5.10
N ILE C 193 -17.28 9.59 4.28
CA ILE C 193 -17.13 10.95 4.74
C ILE C 193 -18.50 11.55 4.94
N LEU C 194 -18.74 12.05 6.12
CA LEU C 194 -20.01 12.66 6.38
C LEU C 194 -19.83 14.12 6.14
N LYS C 195 -20.84 14.77 5.65
CA LYS C 195 -20.79 16.19 5.42
C LYS C 195 -21.94 16.88 6.15
N CYS C 196 -21.68 18.07 6.72
CA CYS C 196 -22.68 18.89 7.40
C CYS C 196 -23.29 19.90 6.44
N LYS C 197 -24.60 19.83 6.29
CA LYS C 197 -25.39 20.69 5.40
C LYS C 197 -26.15 21.75 6.14
N ASP C 198 -25.88 21.90 7.41
CA ASP C 198 -26.59 22.84 8.22
C ASP C 198 -26.04 24.24 7.98
N LYS C 199 -26.84 25.08 7.36
CA LYS C 199 -26.40 26.41 7.02
C LYS C 199 -26.14 27.12 8.30
N LYS C 200 -25.10 27.92 8.33
CA LYS C 200 -24.68 28.67 9.51
C LYS C 200 -24.09 27.76 10.59
N PHE C 201 -23.67 26.56 10.23
CA PHE C 201 -23.00 25.72 11.21
C PHE C 201 -21.66 26.34 11.57
N ASN C 202 -21.34 26.41 12.85
CA ASN C 202 -20.09 27.03 13.23
C ASN C 202 -18.87 26.13 13.38
N GLY C 203 -19.04 24.81 13.24
CA GLY C 203 -17.96 23.83 13.30
C GLY C 203 -17.82 22.99 14.56
N THR C 204 -18.52 23.29 15.66
CA THR C 204 -18.32 22.43 16.84
C THR C 204 -19.54 21.74 17.44
N GLY C 205 -20.72 22.16 17.07
CA GLY C 205 -21.91 21.59 17.69
C GLY C 205 -22.37 20.36 16.93
N PRO C 206 -23.52 19.79 17.30
CA PRO C 206 -24.17 18.70 16.63
C PRO C 206 -24.68 19.32 15.36
N CYS C 207 -24.69 18.58 14.25
CA CYS C 207 -25.20 19.00 12.97
C CYS C 207 -26.44 18.16 12.67
N PRO C 208 -27.64 18.76 12.67
CA PRO C 208 -28.93 18.13 12.48
C PRO C 208 -29.23 17.72 11.06
N SER C 209 -28.41 18.13 10.11
CA SER C 209 -28.68 17.81 8.74
C SER C 209 -27.40 17.40 8.05
N VAL C 210 -27.26 16.12 7.78
CA VAL C 210 -26.04 15.59 7.20
C VAL C 210 -26.30 14.74 6.00
N SER C 211 -25.26 14.52 5.25
CA SER C 211 -25.27 13.66 4.09
C SER C 211 -23.99 12.89 3.99
N THR C 212 -23.98 11.84 3.22
CA THR C 212 -22.79 11.02 3.08
C THR C 212 -22.23 11.14 1.71
N VAL C 213 -20.93 11.36 1.63
CA VAL C 213 -20.29 11.49 0.35
C VAL C 213 -19.13 10.52 0.21
N GLN C 214 -18.77 10.29 -1.03
CA GLN C 214 -17.61 9.47 -1.35
C GLN C 214 -16.27 10.19 -1.19
N CYS C 215 -16.23 11.50 -1.58
CA CYS C 215 -15.07 12.37 -1.63
C CYS C 215 -15.54 13.77 -1.31
N THR C 216 -14.60 14.63 -0.98
CA THR C 216 -14.88 16.02 -0.72
C THR C 216 -15.02 16.72 -2.04
N HIS C 217 -15.48 17.96 -1.99
CA HIS C 217 -15.59 18.76 -3.17
C HIS C 217 -14.18 19.13 -3.50
N GLY C 218 -13.96 19.78 -4.61
CA GLY C 218 -12.58 20.11 -4.88
C GLY C 218 -12.16 21.28 -4.02
N ILE C 219 -10.99 21.16 -3.41
CA ILE C 219 -10.43 22.21 -2.60
C ILE C 219 -9.19 22.74 -3.22
N LYS C 220 -9.13 24.04 -3.43
CA LYS C 220 -7.94 24.60 -4.01
C LYS C 220 -6.94 24.93 -2.92
N PRO C 221 -5.71 24.42 -2.94
CA PRO C 221 -4.70 24.68 -1.95
C PRO C 221 -4.07 26.03 -2.18
N VAL C 222 -4.84 27.07 -1.94
CA VAL C 222 -4.39 28.44 -2.11
C VAL C 222 -3.64 28.80 -0.85
N VAL C 223 -2.45 29.37 -1.00
CA VAL C 223 -1.68 29.71 0.17
C VAL C 223 -1.61 31.20 0.42
N SER C 224 -2.10 31.64 1.58
CA SER C 224 -2.07 33.04 1.95
C SER C 224 -2.15 33.24 3.45
N THR C 225 -1.86 34.46 3.89
CA THR C 225 -2.01 34.87 5.28
C THR C 225 -3.05 35.95 5.38
N GLN C 226 -3.62 36.18 6.56
CA GLN C 226 -4.58 37.27 6.81
C GLN C 226 -5.90 37.21 6.02
N LEU C 227 -5.82 37.32 4.71
CA LEU C 227 -7.00 37.25 3.87
C LEU C 227 -6.95 35.97 3.07
N LEU C 228 -8.01 35.17 3.23
CA LEU C 228 -8.13 33.90 2.57
C LEU C 228 -8.69 34.18 1.21
N LEU C 229 -8.10 33.60 0.20
CA LEU C 229 -8.56 33.84 -1.14
C LEU C 229 -9.14 32.61 -1.79
N ASN C 230 -10.11 32.82 -2.70
CA ASN C 230 -10.76 31.85 -3.60
C ASN C 230 -11.33 30.62 -2.87
N GLY C 231 -11.94 30.78 -1.68
CA GLY C 231 -12.56 29.72 -0.90
C GLY C 231 -14.05 29.69 -1.06
N SER C 232 -14.70 28.98 -0.17
CA SER C 232 -16.13 28.84 -0.18
C SER C 232 -16.78 29.98 0.55
N LEU C 233 -17.95 30.38 0.12
CA LEU C 233 -18.70 31.43 0.79
C LEU C 233 -19.74 30.86 1.71
N ALA C 234 -20.08 31.63 2.72
CA ALA C 234 -21.13 31.30 3.67
C ALA C 234 -22.44 31.32 2.93
N GLU C 235 -23.35 30.46 3.31
CA GLU C 235 -24.63 30.38 2.60
C GLU C 235 -25.53 31.57 2.80
N GLU C 236 -25.57 32.12 4.01
CA GLU C 236 -26.47 33.21 4.28
C GLU C 236 -25.84 34.44 4.90
N GLU C 237 -25.03 34.24 5.92
CA GLU C 237 -24.51 35.36 6.69
C GLU C 237 -23.09 35.08 7.11
N VAL C 238 -22.36 36.11 7.45
CA VAL C 238 -21.00 35.88 7.85
C VAL C 238 -20.94 34.94 9.03
N ILE C 239 -20.09 33.95 8.97
CA ILE C 239 -20.03 32.98 10.05
C ILE C 239 -18.72 33.11 10.78
N ILE C 240 -18.77 33.28 12.09
CA ILE C 240 -17.54 33.40 12.83
C ILE C 240 -17.27 32.17 13.64
N ARG C 241 -16.12 31.54 13.39
CA ARG C 241 -15.76 30.31 14.04
C ARG C 241 -14.43 30.39 14.74
N SER C 242 -14.34 29.81 15.92
CA SER C 242 -13.09 29.76 16.66
C SER C 242 -13.12 28.57 17.56
N GLU C 243 -11.97 28.10 17.99
CA GLU C 243 -11.95 26.98 18.95
C GLU C 243 -12.55 27.35 20.31
N ASN C 244 -12.23 28.57 20.80
CA ASN C 244 -12.67 29.15 22.07
C ASN C 244 -12.67 30.68 21.91
N ILE C 245 -13.85 31.30 21.73
CA ILE C 245 -13.99 32.73 21.43
C ILE C 245 -13.52 33.66 22.54
N THR C 246 -13.55 33.20 23.78
CA THR C 246 -13.13 34.03 24.88
C THR C 246 -11.64 33.91 25.18
N ASN C 247 -10.94 33.05 24.44
CA ASN C 247 -9.52 32.85 24.66
C ASN C 247 -8.75 33.66 23.62
N ASN C 248 -8.06 34.72 24.03
CA ASN C 248 -7.41 35.59 23.06
C ASN C 248 -6.22 34.94 22.37
N ALA C 249 -5.85 33.75 22.80
CA ALA C 249 -4.75 33.03 22.20
C ALA C 249 -5.19 32.26 20.97
N LYS C 250 -6.48 32.24 20.67
CA LYS C 250 -6.98 31.51 19.52
C LYS C 250 -7.25 32.41 18.34
N ASN C 251 -7.18 31.84 17.15
CA ASN C 251 -7.49 32.63 15.97
C ASN C 251 -8.96 32.53 15.68
N ILE C 252 -9.49 33.54 15.04
CA ILE C 252 -10.86 33.58 14.63
C ILE C 252 -10.95 33.50 13.12
N LEU C 253 -11.71 32.54 12.62
CA LEU C 253 -11.86 32.39 11.20
C LEU C 253 -13.21 32.95 10.78
N VAL C 254 -13.19 33.94 9.94
CA VAL C 254 -14.41 34.58 9.54
C VAL C 254 -14.74 34.24 8.11
N GLN C 255 -15.86 33.59 7.89
CA GLN C 255 -16.26 33.20 6.54
C GLN C 255 -17.24 34.19 5.98
N LEU C 256 -16.93 34.78 4.85
CA LEU C 256 -17.80 35.81 4.30
C LEU C 256 -18.91 35.21 3.48
N ASN C 257 -20.05 35.90 3.39
CA ASN C 257 -21.19 35.45 2.59
C ASN C 257 -21.30 36.15 1.25
N THR C 258 -20.25 36.82 0.86
CA THR C 258 -20.16 37.53 -0.40
C THR C 258 -18.68 37.76 -0.58
N PRO C 259 -18.11 37.68 -1.77
CA PRO C 259 -16.72 37.91 -2.03
C PRO C 259 -16.40 39.37 -2.05
N VAL C 260 -15.17 39.70 -1.74
CA VAL C 260 -14.69 41.05 -1.97
C VAL C 260 -13.62 40.95 -3.03
N GLN C 261 -13.78 41.67 -4.11
CA GLN C 261 -12.82 41.54 -5.17
C GLN C 261 -11.57 42.33 -4.89
N ILE C 262 -10.42 41.69 -5.08
CA ILE C 262 -9.12 42.33 -4.94
C ILE C 262 -8.30 42.15 -6.24
N ASN C 263 -7.76 43.27 -6.78
CA ASN C 263 -6.99 43.36 -8.03
C ASN C 263 -5.53 43.67 -7.75
N CYS C 264 -4.61 42.72 -8.00
CA CYS C 264 -3.18 42.86 -7.69
C CYS C 264 -2.33 42.95 -8.95
N THR C 265 -1.32 43.78 -8.88
CA THR C 265 -0.43 43.93 -10.01
C THR C 265 1.01 44.24 -9.67
N ARG C 266 1.87 43.85 -10.59
CA ARG C 266 3.29 44.12 -10.59
C ARG C 266 3.56 44.80 -11.92
N PRO C 267 3.41 46.13 -12.00
CA PRO C 267 3.38 46.93 -13.22
C PRO C 267 4.66 47.07 -14.02
N ASN C 268 5.80 46.79 -13.44
CA ASN C 268 7.05 46.98 -14.15
C ASN C 268 7.22 45.91 -15.22
N ASN C 269 7.66 46.29 -16.44
CA ASN C 269 7.90 45.35 -17.54
C ASN C 269 9.31 44.76 -17.42
N ASN C 270 9.39 43.51 -16.94
CA ASN C 270 10.63 42.78 -16.66
C ASN C 270 11.12 41.97 -17.83
N THR C 271 12.37 42.19 -18.18
CA THR C 271 13.02 41.44 -19.23
C THR C 271 13.83 40.39 -18.54
N VAL C 272 13.55 39.15 -18.85
CA VAL C 272 14.21 38.02 -18.22
C VAL C 272 15.30 37.44 -19.07
N LYS C 273 16.44 37.25 -18.44
CA LYS C 273 17.60 36.69 -19.09
C LYS C 273 17.93 35.33 -18.53
N SER C 274 18.64 34.53 -19.30
CA SER C 274 19.03 33.21 -18.85
C SER C 274 20.44 32.87 -19.22
N ILE C 275 21.18 32.34 -18.26
CA ILE C 275 22.54 31.93 -18.51
C ILE C 275 22.80 30.52 -18.05
N ARG C 276 23.81 29.88 -18.59
CA ARG C 276 24.18 28.59 -18.07
C ARG C 276 25.17 28.81 -16.97
N ILE C 277 24.99 28.08 -15.89
CA ILE C 277 25.89 28.13 -14.76
C ILE C 277 26.60 26.79 -14.62
N GLY C 278 26.15 25.83 -15.39
CA GLY C 278 26.75 24.51 -15.35
C GLY C 278 26.28 23.65 -16.51
N PRO C 279 26.59 22.36 -16.51
CA PRO C 279 26.35 21.42 -17.56
C PRO C 279 24.90 21.06 -17.71
N GLY C 280 24.18 21.92 -18.41
CA GLY C 280 22.74 21.75 -18.61
C GLY C 280 21.94 22.46 -17.54
N GLN C 281 22.60 23.31 -16.78
CA GLN C 281 21.94 24.02 -15.71
C GLN C 281 21.80 25.49 -15.98
N ALA C 282 20.57 25.93 -16.21
CA ALA C 282 20.29 27.33 -16.49
C ALA C 282 19.79 28.05 -15.27
N PHE C 283 20.16 29.31 -15.19
CA PHE C 283 19.75 30.24 -14.16
C PHE C 283 19.00 31.41 -14.72
N TYR C 284 17.85 31.70 -14.15
CA TYR C 284 17.04 32.80 -14.64
C TYR C 284 17.08 34.00 -13.75
N TYR C 285 17.18 35.18 -14.33
CA TYR C 285 17.23 36.38 -13.55
C TYR C 285 16.67 37.58 -14.27
N THR C 286 16.32 38.63 -13.52
CA THR C 286 15.84 39.83 -14.18
C THR C 286 17.01 40.56 -14.75
N GLY C 287 16.92 40.83 -16.03
CA GLY C 287 17.94 41.49 -16.79
C GLY C 287 17.80 42.97 -16.69
N ASP C 288 16.61 43.44 -17.03
CA ASP C 288 16.34 44.86 -16.99
C ASP C 288 14.87 45.16 -16.85
N ILE C 289 14.55 46.45 -16.74
CA ILE C 289 13.18 46.94 -16.70
C ILE C 289 12.93 47.99 -17.77
N ILE C 290 11.87 47.79 -18.52
CA ILE C 290 11.45 48.67 -19.57
C ILE C 290 10.39 49.60 -19.05
N GLY C 291 10.57 50.89 -19.28
CA GLY C 291 9.64 51.87 -18.75
C GLY C 291 10.14 52.24 -17.40
N ASP C 292 9.31 52.86 -16.57
CA ASP C 292 9.82 53.28 -15.28
C ASP C 292 9.55 52.24 -14.23
N ILE C 293 10.01 52.53 -13.03
CA ILE C 293 9.86 51.60 -11.94
C ILE C 293 8.88 52.08 -10.89
N ARG C 294 7.82 51.32 -10.70
CA ARG C 294 6.75 51.63 -9.78
C ARG C 294 6.48 50.46 -8.85
N GLN C 295 5.85 50.71 -7.72
CA GLN C 295 5.60 49.61 -6.81
C GLN C 295 4.41 48.75 -7.16
N ALA C 296 4.51 47.50 -6.76
CA ALA C 296 3.43 46.55 -6.86
C ALA C 296 2.40 46.97 -5.88
N HIS C 297 1.15 46.73 -6.19
CA HIS C 297 0.08 47.10 -5.29
C HIS C 297 -1.19 46.30 -5.56
N CYS C 298 -2.15 46.31 -4.59
CA CYS C 298 -3.47 45.71 -4.72
C CYS C 298 -4.58 46.70 -4.43
N ASN C 299 -5.65 46.60 -5.21
CA ASN C 299 -6.83 47.45 -5.07
C ASN C 299 -8.04 46.67 -4.55
N VAL C 300 -8.66 47.20 -3.48
CA VAL C 300 -9.88 46.67 -2.84
C VAL C 300 -10.95 47.73 -2.99
N SER C 301 -12.12 47.39 -3.52
CA SER C 301 -13.11 48.45 -3.67
C SER C 301 -13.45 48.97 -2.29
N LYS C 302 -13.42 50.28 -2.10
CA LYS C 302 -13.63 50.82 -0.77
C LYS C 302 -15.02 50.63 -0.23
N ALA C 303 -16.03 50.86 -1.04
CA ALA C 303 -17.37 50.72 -0.51
C ALA C 303 -17.65 49.29 -0.12
N THR C 304 -17.17 48.35 -0.92
CA THR C 304 -17.43 46.96 -0.67
C THR C 304 -16.75 46.56 0.60
N TRP C 305 -15.52 47.00 0.78
CA TRP C 305 -14.82 46.66 1.99
C TRP C 305 -15.55 47.17 3.23
N ASN C 306 -16.06 48.44 3.22
CA ASN C 306 -16.76 49.01 4.37
C ASN C 306 -18.05 48.22 4.72
N GLU C 307 -18.80 47.72 3.69
CA GLU C 307 -20.00 46.90 3.90
C GLU C 307 -19.63 45.57 4.52
N THR C 308 -18.51 45.02 4.06
CA THR C 308 -18.06 43.75 4.56
C THR C 308 -17.71 43.86 6.01
N LEU C 309 -17.02 44.92 6.41
CA LEU C 309 -16.73 45.01 7.81
C LEU C 309 -17.97 45.22 8.60
N GLY C 310 -18.93 45.98 8.10
CA GLY C 310 -20.11 46.15 8.93
C GLY C 310 -20.76 44.79 9.24
N LYS C 311 -20.77 43.88 8.27
CA LYS C 311 -21.34 42.57 8.51
C LYS C 311 -20.54 41.79 9.54
N VAL C 312 -19.21 41.88 9.46
CA VAL C 312 -18.36 41.17 10.39
C VAL C 312 -18.53 41.70 11.79
N VAL C 313 -18.60 43.00 11.93
CA VAL C 313 -18.73 43.61 13.22
C VAL C 313 -20.04 43.18 13.86
N LYS C 314 -21.11 43.19 13.11
CA LYS C 314 -22.40 42.78 13.65
C LYS C 314 -22.32 41.37 14.24
N GLN C 315 -21.70 40.45 13.54
CA GLN C 315 -21.62 39.11 14.03
C GLN C 315 -20.68 39.00 15.22
N LEU C 316 -19.63 39.79 15.27
CA LEU C 316 -18.76 39.76 16.43
C LEU C 316 -19.50 40.26 17.66
N ARG C 317 -20.38 41.24 17.49
CA ARG C 317 -21.10 41.77 18.64
C ARG C 317 -21.87 40.66 19.34
N LYS C 318 -22.37 39.71 18.59
CA LYS C 318 -23.13 38.62 19.19
C LYS C 318 -22.34 37.81 20.21
N HIS C 319 -21.02 37.82 20.14
CA HIS C 319 -20.21 37.08 21.08
C HIS C 319 -19.58 37.96 22.13
N PHE C 320 -19.43 39.26 21.84
CA PHE C 320 -18.73 40.10 22.81
C PHE C 320 -19.60 40.99 23.65
N GLY C 321 -20.80 41.30 23.22
CA GLY C 321 -21.67 42.10 24.05
C GLY C 321 -22.38 43.28 23.39
N ASN C 322 -23.47 43.68 24.07
CA ASN C 322 -24.36 44.78 23.70
C ASN C 322 -23.67 46.11 23.95
N ASN C 323 -23.51 46.89 22.85
CA ASN C 323 -22.85 48.18 22.73
C ASN C 323 -21.37 48.16 23.10
N THR C 324 -20.65 47.09 22.81
CA THR C 324 -19.23 47.11 23.05
C THR C 324 -18.64 47.86 21.87
N ILE C 325 -17.39 48.23 21.96
CA ILE C 325 -16.79 48.90 20.81
C ILE C 325 -15.83 47.98 20.13
N ILE C 326 -15.97 47.86 18.83
CA ILE C 326 -15.08 47.00 18.09
C ILE C 326 -14.18 47.77 17.19
N ARG C 327 -12.89 47.62 17.38
CA ARG C 327 -11.95 48.31 16.54
C ARG C 327 -11.00 47.36 15.89
N PHE C 328 -10.54 47.75 14.73
CA PHE C 328 -9.58 46.98 13.99
C PHE C 328 -8.30 47.75 13.93
N ALA C 329 -7.21 47.01 13.96
CA ALA C 329 -5.89 47.57 13.92
C ALA C 329 -5.00 46.74 13.05
N GLN C 330 -3.88 47.30 12.65
CA GLN C 330 -2.97 46.59 11.78
C GLN C 330 -2.27 45.52 12.53
N SER C 331 -1.43 44.76 11.86
CA SER C 331 -0.78 43.66 12.52
C SER C 331 0.18 44.17 13.57
N SER C 332 0.46 43.32 14.54
CA SER C 332 1.28 43.64 15.70
C SER C 332 2.79 43.68 15.51
N GLY C 333 3.28 43.17 14.41
CA GLY C 333 4.71 43.13 14.17
C GLY C 333 5.23 41.71 14.12
N GLY C 334 6.53 41.58 13.89
CA GLY C 334 7.12 40.26 13.69
C GLY C 334 7.47 40.06 12.22
N ASP C 335 7.63 38.81 11.82
CA ASP C 335 8.10 38.44 10.50
C ASP C 335 7.20 38.91 9.37
N LEU C 336 7.81 39.32 8.25
CA LEU C 336 7.04 39.82 7.11
C LEU C 336 6.01 38.79 6.67
N GLU C 337 6.37 37.54 6.75
CA GLU C 337 5.50 36.47 6.33
C GLU C 337 4.18 36.39 7.08
N VAL C 338 4.07 36.99 8.28
CA VAL C 338 2.83 36.97 9.03
C VAL C 338 2.24 38.35 9.28
N THR C 339 3.06 39.40 9.20
CA THR C 339 2.57 40.74 9.45
C THR C 339 1.96 41.32 8.22
N THR C 340 2.28 40.72 7.11
CA THR C 340 1.88 41.14 5.81
C THR C 340 1.09 40.04 5.11
N HIS C 341 0.26 40.43 4.14
CA HIS C 341 -0.57 39.51 3.38
C HIS C 341 0.21 38.88 2.28
N SER C 342 0.55 37.63 2.43
CA SER C 342 1.34 37.03 1.39
C SER C 342 0.44 36.24 0.48
N PHE C 343 0.83 36.20 -0.79
CA PHE C 343 0.17 35.36 -1.80
C PHE C 343 1.01 35.18 -3.05
N ASN C 344 0.65 34.19 -3.85
CA ASN C 344 1.30 33.94 -5.13
C ASN C 344 0.41 34.39 -6.29
N CYS C 345 0.78 35.48 -7.00
CA CYS C 345 0.03 36.12 -8.08
C CYS C 345 0.84 36.14 -9.36
N GLY C 346 0.42 35.33 -10.30
CA GLY C 346 1.09 35.24 -11.59
C GLY C 346 2.36 34.45 -11.53
N GLY C 347 2.64 33.88 -10.37
CA GLY C 347 3.85 33.14 -10.09
C GLY C 347 4.83 33.95 -9.24
N GLU C 348 4.57 35.24 -9.02
CA GLU C 348 5.46 36.02 -8.17
C GLU C 348 4.95 35.98 -6.75
N PHE C 349 5.85 36.16 -5.80
CA PHE C 349 5.44 36.18 -4.41
C PHE C 349 5.36 37.58 -3.87
N PHE C 350 4.13 37.96 -3.53
CA PHE C 350 3.75 39.28 -3.04
C PHE C 350 3.57 39.30 -1.55
N TYR C 351 3.97 40.40 -0.95
CA TYR C 351 3.81 40.71 0.47
C TYR C 351 3.15 42.09 0.62
N CYS C 352 1.79 42.12 0.74
CA CYS C 352 0.98 43.34 0.72
C CYS C 352 0.60 43.84 2.10
N ASN C 353 0.74 45.12 2.28
CA ASN C 353 0.47 45.78 3.55
C ASN C 353 -1.03 46.10 3.68
N THR C 354 -1.71 45.45 4.65
CA THR C 354 -3.14 45.50 4.93
C THR C 354 -3.54 46.49 5.99
N SER C 355 -2.64 47.37 6.41
CA SER C 355 -2.98 48.36 7.42
C SER C 355 -4.01 49.34 6.89
N GLY C 356 -4.15 49.39 5.59
CA GLY C 356 -5.12 50.25 4.94
C GLY C 356 -6.52 49.68 5.03
N LEU C 357 -6.64 48.42 5.43
CA LEU C 357 -7.92 47.79 5.53
C LEU C 357 -8.34 47.69 6.98
N PHE C 358 -7.43 47.26 7.82
CA PHE C 358 -7.76 47.07 9.23
C PHE C 358 -7.39 48.24 10.09
N ASN C 359 -8.06 49.38 9.87
CA ASN C 359 -7.84 50.64 10.58
C ASN C 359 -9.18 51.39 10.73
N SER C 360 -9.97 51.04 11.78
CA SER C 360 -11.31 51.62 12.01
C SER C 360 -11.84 51.38 13.41
N THR C 361 -12.81 52.20 13.84
CA THR C 361 -13.51 51.95 15.11
C THR C 361 -15.01 51.96 14.86
N TRP C 362 -15.68 50.90 15.29
CA TRP C 362 -17.11 50.75 15.10
C TRP C 362 -17.93 50.87 16.38
N ILE C 363 -18.72 51.92 16.43
CA ILE C 363 -19.52 52.27 17.60
C ILE C 363 -21.00 52.32 17.17
N SER C 364 -21.90 51.68 17.95
CA SER C 364 -23.35 51.60 17.76
C SER C 364 -23.98 52.91 17.25
N SER C 376 -18.20 58.72 -4.25
CA SER C 376 -17.76 57.50 -3.63
C SER C 376 -17.13 56.60 -4.74
N ASN C 377 -17.15 55.25 -4.53
CA ASN C 377 -16.61 54.18 -5.39
C ASN C 377 -15.10 54.28 -5.68
N ASP C 378 -14.35 54.70 -4.67
CA ASP C 378 -12.91 54.79 -4.78
C ASP C 378 -12.33 53.46 -4.39
N SER C 379 -11.01 53.34 -4.44
CA SER C 379 -10.35 52.09 -4.08
C SER C 379 -9.38 52.30 -2.96
N ILE C 380 -9.13 51.26 -2.22
CA ILE C 380 -8.14 51.26 -1.18
C ILE C 380 -6.91 50.70 -1.80
N THR C 381 -5.79 51.41 -1.76
CA THR C 381 -4.60 50.87 -2.38
C THR C 381 -3.64 50.37 -1.33
N LEU C 382 -3.25 49.12 -1.48
CA LEU C 382 -2.34 48.46 -0.59
C LEU C 382 -0.99 48.34 -1.28
N PRO C 383 0.10 48.91 -0.78
CA PRO C 383 1.41 48.80 -1.38
C PRO C 383 1.85 47.38 -1.14
N CYS C 384 2.65 46.79 -2.04
CA CYS C 384 3.17 45.41 -1.92
C CYS C 384 4.67 45.32 -2.25
N ARG C 385 5.34 44.38 -1.61
CA ARG C 385 6.71 44.09 -1.92
C ARG C 385 6.80 42.77 -2.64
N ILE C 386 7.83 42.60 -3.44
CA ILE C 386 8.07 41.35 -4.14
C ILE C 386 9.33 40.73 -3.60
N LYS C 387 9.29 39.44 -3.32
CA LYS C 387 10.45 38.77 -2.75
C LYS C 387 10.77 37.52 -3.57
N GLN C 388 12.05 37.27 -3.91
CA GLN C 388 12.39 36.07 -4.67
C GLN C 388 12.91 34.89 -3.87
N ILE C 389 13.44 35.09 -2.67
CA ILE C 389 13.92 33.93 -1.93
C ILE C 389 12.91 33.61 -0.85
N ILE C 390 12.29 32.49 -1.06
CA ILE C 390 11.14 32.04 -0.33
C ILE C 390 11.40 30.88 0.62
N ASN C 391 10.87 30.99 1.83
CA ASN C 391 10.99 29.94 2.84
C ASN C 391 9.62 29.57 3.37
N MET C 392 8.97 28.65 2.69
CA MET C 392 7.61 28.26 3.01
C MET C 392 7.49 27.25 4.11
N TRP C 393 6.28 27.19 4.65
CA TRP C 393 5.84 26.25 5.66
C TRP C 393 6.61 26.43 6.94
N GLN C 394 7.19 27.61 7.09
CA GLN C 394 7.98 28.03 8.22
C GLN C 394 9.17 27.13 8.46
N ARG C 395 9.77 26.58 7.42
CA ARG C 395 10.92 25.74 7.59
C ARG C 395 12.21 26.51 7.46
N ILE C 396 13.26 25.97 8.05
CA ILE C 396 14.59 26.54 7.95
C ILE C 396 15.55 25.55 7.33
N GLY C 397 16.34 25.98 6.35
CA GLY C 397 17.33 25.12 5.69
C GLY C 397 16.99 24.77 4.24
N GLN C 398 15.75 25.00 3.86
CA GLN C 398 15.28 24.73 2.51
C GLN C 398 14.69 25.95 1.83
N ALA C 399 15.48 26.70 1.09
CA ALA C 399 14.96 27.92 0.46
C ALA C 399 14.70 27.67 -1.00
N MET C 400 13.76 28.41 -1.55
CA MET C 400 13.46 28.33 -2.95
C MET C 400 13.70 29.65 -3.63
N TYR C 401 14.22 29.61 -4.84
CA TYR C 401 14.34 30.81 -5.61
C TYR C 401 13.28 30.84 -6.65
N ALA C 402 12.51 31.89 -6.66
CA ALA C 402 11.44 32.04 -7.62
C ALA C 402 11.97 32.79 -8.83
N PRO C 403 12.02 32.19 -10.03
CA PRO C 403 12.52 32.81 -11.21
C PRO C 403 11.62 33.98 -11.44
N PRO C 404 12.10 35.06 -12.02
CA PRO C 404 11.33 36.22 -12.37
C PRO C 404 10.49 35.88 -13.54
N ILE C 405 9.36 36.55 -13.65
CA ILE C 405 8.48 36.31 -14.76
C ILE C 405 8.44 37.42 -15.78
N GLN C 406 8.66 37.04 -17.02
CA GLN C 406 8.71 37.95 -18.15
C GLN C 406 7.43 38.72 -18.35
N GLY C 407 7.57 40.03 -18.51
CA GLY C 407 6.40 40.86 -18.74
C GLY C 407 5.82 41.53 -17.52
N VAL C 408 4.51 41.77 -17.57
CA VAL C 408 3.76 42.52 -16.57
C VAL C 408 2.67 41.61 -16.01
N ILE C 409 2.51 41.60 -14.69
CA ILE C 409 1.54 40.72 -14.04
C ILE C 409 0.33 41.34 -13.42
N ARG C 410 -0.81 40.77 -13.75
CA ARG C 410 -2.07 41.16 -13.14
C ARG C 410 -2.87 39.90 -12.80
N CYS C 411 -3.55 39.88 -11.63
CA CYS C 411 -4.47 38.80 -11.23
C CYS C 411 -5.62 39.40 -10.44
N VAL C 412 -6.76 38.75 -10.53
CA VAL C 412 -7.93 39.14 -9.81
C VAL C 412 -8.42 37.98 -8.99
N SER C 413 -8.68 38.21 -7.72
CA SER C 413 -9.11 37.13 -6.86
C SER C 413 -10.20 37.57 -5.89
N ASN C 414 -10.89 36.59 -5.29
CA ASN C 414 -11.96 36.77 -4.32
C ASN C 414 -11.48 36.61 -2.89
N ILE C 415 -11.77 37.60 -2.00
CA ILE C 415 -11.50 37.48 -0.56
C ILE C 415 -12.73 36.81 -0.03
N THR C 416 -12.56 35.65 0.55
CA THR C 416 -13.67 34.85 1.01
C THR C 416 -13.68 34.66 2.50
N GLY C 417 -12.68 35.20 3.16
CA GLY C 417 -12.61 35.06 4.60
C GLY C 417 -11.40 35.75 5.18
N LEU C 418 -11.47 35.97 6.48
CA LEU C 418 -10.44 36.67 7.20
C LEU C 418 -9.90 35.85 8.36
N ILE C 419 -8.64 36.06 8.73
CA ILE C 419 -8.13 35.49 9.96
C ILE C 419 -7.86 36.62 10.93
N LEU C 420 -8.55 36.63 12.06
CA LEU C 420 -8.39 37.69 13.05
C LEU C 420 -7.96 37.18 14.40
N THR C 421 -7.25 38.01 15.16
CA THR C 421 -6.93 37.64 16.52
C THR C 421 -7.35 38.75 17.46
N ARG C 422 -7.60 38.40 18.72
CA ARG C 422 -7.92 39.43 19.71
C ARG C 422 -6.65 39.99 20.28
N ASP C 423 -6.63 41.29 20.48
CA ASP C 423 -5.43 41.97 20.94
C ASP C 423 -5.25 41.87 22.44
N GLY C 424 -5.00 40.67 22.91
CA GLY C 424 -4.83 40.42 24.33
C GLY C 424 -6.15 40.61 25.05
N GLY C 425 -6.08 40.90 26.34
CA GLY C 425 -7.28 41.08 27.14
C GLY C 425 -7.29 42.50 27.67
N SER C 426 -8.23 42.82 28.54
CA SER C 426 -8.31 44.16 29.10
C SER C 426 -9.03 44.09 30.42
N THR C 427 -8.93 45.15 31.21
CA THR C 427 -9.64 45.24 32.48
C THR C 427 -11.05 45.71 32.24
N ASN C 428 -11.80 44.94 31.47
CA ASN C 428 -13.15 45.27 31.08
C ASN C 428 -13.21 46.66 30.50
N SER C 429 -12.36 46.94 29.52
CA SER C 429 -12.34 48.26 28.91
C SER C 429 -13.57 48.52 28.07
N THR C 430 -14.27 47.44 27.72
CA THR C 430 -15.48 47.35 26.89
C THR C 430 -15.17 47.55 25.41
N THR C 431 -13.90 47.78 25.07
CA THR C 431 -13.50 47.92 23.70
C THR C 431 -12.61 46.75 23.34
N GLU C 432 -12.97 46.05 22.28
CA GLU C 432 -12.21 44.92 21.81
C GLU C 432 -11.44 45.35 20.60
N THR C 433 -10.26 44.79 20.42
CA THR C 433 -9.46 45.10 19.25
C THR C 433 -9.11 43.85 18.52
N PHE C 434 -9.26 43.88 17.22
CA PHE C 434 -8.92 42.75 16.39
C PHE C 434 -7.83 43.12 15.41
N ARG C 435 -6.93 42.21 15.19
CA ARG C 435 -5.85 42.43 14.25
C ARG C 435 -5.80 41.25 13.29
N PRO C 436 -5.32 41.40 12.07
CA PRO C 436 -5.08 40.32 11.15
C PRO C 436 -4.09 39.32 11.71
N GLY C 437 -4.33 38.05 11.47
CA GLY C 437 -3.42 37.00 11.90
C GLY C 437 -3.11 35.99 10.79
N GLY C 438 -2.48 34.88 11.15
CA GLY C 438 -2.15 33.87 10.15
C GLY C 438 -0.77 33.31 10.35
N GLY C 439 -0.31 32.59 9.34
CA GLY C 439 1.00 31.94 9.29
C GLY C 439 0.96 30.46 9.54
N ASP C 440 -0.09 29.98 10.16
CA ASP C 440 -0.22 28.55 10.38
C ASP C 440 -1.12 28.05 9.31
N MET C 441 -0.56 27.36 8.36
CA MET C 441 -1.30 26.94 7.19
C MET C 441 -2.43 26.00 7.46
N ARG C 442 -2.43 25.36 8.60
CA ARG C 442 -3.49 24.44 8.87
C ARG C 442 -4.79 25.20 9.03
N ASP C 443 -4.73 26.50 9.28
CA ASP C 443 -5.94 27.27 9.41
C ASP C 443 -6.60 27.46 8.06
N ASN C 444 -5.84 27.49 6.98
CA ASN C 444 -6.50 27.73 5.72
C ASN C 444 -7.23 26.50 5.29
N TRP C 445 -6.62 25.38 5.53
CA TRP C 445 -7.24 24.19 5.15
C TRP C 445 -8.30 23.87 6.08
N ARG C 446 -8.25 24.17 7.34
CA ARG C 446 -9.31 23.93 8.26
C ARG C 446 -10.52 24.71 7.82
N SER C 447 -10.30 25.90 7.29
CA SER C 447 -11.40 26.72 6.83
C SER C 447 -12.21 26.02 5.77
N GLU C 448 -11.59 25.36 4.80
CA GLU C 448 -12.35 24.63 3.78
C GLU C 448 -12.92 23.27 4.21
N LEU C 449 -12.21 22.54 5.07
CA LEU C 449 -12.59 21.19 5.49
C LEU C 449 -13.48 21.10 6.70
N TYR C 450 -13.93 22.21 7.22
CA TYR C 450 -14.72 22.26 8.43
C TYR C 450 -16.01 21.49 8.41
N LYS C 451 -16.55 21.22 7.24
CA LYS C 451 -17.82 20.55 7.14
C LYS C 451 -17.70 19.05 6.98
N TYR C 452 -16.48 18.51 6.96
CA TYR C 452 -16.35 17.07 6.74
C TYR C 452 -15.86 16.30 7.93
N LYS C 453 -16.35 15.08 8.06
CA LYS C 453 -15.93 14.15 9.09
C LYS C 453 -15.67 12.75 8.53
N VAL C 454 -14.66 12.05 9.03
CA VAL C 454 -14.43 10.69 8.56
C VAL C 454 -14.85 9.66 9.58
N VAL C 455 -15.66 8.70 9.13
CA VAL C 455 -16.08 7.66 10.03
C VAL C 455 -15.82 6.29 9.45
N LYS C 456 -15.70 5.31 10.32
CA LYS C 456 -15.51 3.93 9.94
C LYS C 456 -16.81 3.20 9.98
N ILE C 457 -17.07 2.40 8.98
CA ILE C 457 -18.30 1.66 8.92
C ILE C 457 -18.14 0.37 9.68
N GLU C 458 -19.09 0.06 10.52
CA GLU C 458 -19.07 -1.16 11.31
C GLU C 458 -20.31 -1.99 11.07
N PRO C 459 -20.33 -2.80 10.01
CA PRO C 459 -21.48 -3.50 9.50
C PRO C 459 -21.97 -4.65 10.32
N LEU C 460 -21.22 -5.10 11.30
CA LEU C 460 -21.66 -6.27 12.04
C LEU C 460 -22.27 -5.89 13.37
N GLY C 461 -23.42 -6.47 13.70
CA GLY C 461 -24.01 -6.18 14.99
C GLY C 461 -25.09 -7.19 15.37
N VAL C 462 -25.58 -7.10 16.59
CA VAL C 462 -26.56 -8.05 17.08
C VAL C 462 -27.74 -7.37 17.71
N ALA C 463 -28.87 -8.08 17.78
CA ALA C 463 -30.08 -7.63 18.43
C ALA C 463 -30.92 -8.86 18.77
N PRO C 464 -31.80 -8.84 19.78
CA PRO C 464 -32.73 -9.89 20.10
C PRO C 464 -33.90 -10.01 19.17
N THR C 465 -34.40 -11.22 19.03
CA THR C 465 -35.64 -11.52 18.32
C THR C 465 -36.22 -12.86 18.72
N ARG C 466 -37.25 -13.31 18.03
CA ARG C 466 -37.89 -14.59 18.34
C ARG C 466 -37.39 -15.83 17.58
N CYS C 467 -36.39 -15.67 16.72
CA CYS C 467 -35.83 -16.66 15.82
C CYS C 467 -34.70 -17.46 16.46
N LYS C 468 -34.89 -18.76 16.60
CA LYS C 468 -33.89 -19.63 17.20
C LYS C 468 -33.33 -20.61 16.19
N ARG C 469 -31.98 -20.75 16.13
CA ARG C 469 -31.24 -21.72 15.32
C ARG C 469 -29.76 -21.46 15.42
N VAL D 1 -38.44 3.66 -4.26
CA VAL D 1 -37.10 3.52 -4.81
C VAL D 1 -36.16 3.14 -3.65
N SER D 2 -34.89 2.83 -3.99
CA SER D 2 -33.83 2.48 -3.05
C SER D 2 -33.17 3.70 -2.44
N LEU D 3 -32.46 3.48 -1.35
CA LEU D 3 -31.69 4.51 -0.70
C LEU D 3 -30.24 4.20 -0.97
N GLY D 4 -29.36 5.16 -0.75
CA GLY D 4 -27.95 4.91 -0.99
C GLY D 4 -27.26 4.23 0.17
N PHE D 5 -25.93 4.31 0.16
CA PHE D 5 -25.10 3.58 1.08
C PHE D 5 -25.47 3.67 2.55
N LEU D 6 -25.69 4.82 3.10
CA LEU D 6 -26.10 4.85 4.50
C LEU D 6 -27.47 5.43 4.62
N GLY D 7 -28.27 5.27 3.60
CA GLY D 7 -29.59 5.89 3.57
C GLY D 7 -30.49 5.49 4.71
N ALA D 8 -30.36 4.29 5.23
CA ALA D 8 -31.21 3.84 6.32
C ALA D 8 -30.69 4.27 7.66
N ALA D 9 -29.58 4.96 7.73
CA ALA D 9 -29.18 5.38 9.04
C ALA D 9 -30.25 6.33 9.44
N GLY D 10 -30.72 6.25 10.66
CA GLY D 10 -31.78 7.15 11.10
C GLY D 10 -33.16 6.49 10.99
N SER D 11 -33.26 5.40 10.24
CA SER D 11 -34.50 4.67 10.10
C SER D 11 -34.53 3.75 11.28
N THR D 12 -35.66 3.15 11.55
CA THR D 12 -35.68 2.28 12.69
C THR D 12 -34.96 1.00 12.38
N MET D 13 -34.62 0.23 13.40
CA MET D 13 -33.90 -1.00 13.22
C MET D 13 -34.63 -1.95 12.35
N GLY D 14 -35.94 -2.01 12.52
CA GLY D 14 -36.75 -2.87 11.72
C GLY D 14 -36.67 -2.48 10.28
N ALA D 15 -36.93 -1.22 9.97
CA ALA D 15 -36.92 -0.78 8.58
C ALA D 15 -35.58 -0.97 7.91
N ALA D 16 -34.53 -0.74 8.65
CA ALA D 16 -33.19 -0.78 8.14
C ALA D 16 -32.71 -2.18 7.88
N SER D 17 -33.42 -3.19 8.34
CA SER D 17 -32.97 -4.55 8.15
C SER D 17 -33.14 -4.95 6.72
N MET D 18 -33.86 -4.15 5.96
CA MET D 18 -34.12 -4.45 4.58
C MET D 18 -33.08 -3.89 3.63
N THR D 19 -32.04 -3.22 4.13
CA THR D 19 -31.05 -2.62 3.23
C THR D 19 -29.69 -3.25 3.42
N LEU D 20 -29.62 -4.41 4.02
CA LEU D 20 -28.33 -4.98 4.35
C LEU D 20 -27.43 -5.20 3.15
N THR D 21 -27.98 -5.47 1.96
CA THR D 21 -27.09 -5.65 0.84
C THR D 21 -26.52 -4.33 0.36
N VAL D 22 -27.18 -3.24 0.67
CA VAL D 22 -26.72 -1.94 0.23
C VAL D 22 -25.44 -1.62 0.91
N GLN D 23 -25.40 -1.88 2.20
CA GLN D 23 -24.16 -1.60 2.90
C GLN D 23 -23.11 -2.67 2.64
N ALA D 24 -23.50 -3.94 2.54
CA ALA D 24 -22.50 -4.97 2.34
C ALA D 24 -21.74 -4.81 1.03
N ARG D 25 -22.41 -4.36 -0.01
CA ARG D 25 -21.77 -4.21 -1.30
C ARG D 25 -20.78 -3.08 -1.40
N ASN D 26 -20.73 -2.19 -0.43
CA ASN D 26 -19.79 -1.11 -0.52
C ASN D 26 -18.54 -1.37 0.31
N LEU D 27 -18.47 -2.53 0.91
CA LEU D 27 -17.28 -2.85 1.64
C LEU D 27 -16.40 -3.30 0.52
N LEU D 28 -15.11 -3.09 0.61
CA LEU D 28 -14.20 -3.39 -0.50
C LEU D 28 -14.46 -2.57 -1.80
N SER D 29 -15.31 -1.51 -1.75
CA SER D 29 -15.62 -0.61 -2.86
C SER D 29 -16.18 0.69 -2.30
N THR D 52 6.24 6.60 -6.02
CA THR D 52 7.16 7.17 -5.07
C THR D 52 6.82 6.71 -3.70
N HIS D 53 5.91 7.39 -3.06
CA HIS D 53 5.37 7.17 -1.77
C HIS D 53 3.87 7.31 -2.00
N TRP D 54 3.41 8.15 -2.91
CA TRP D 54 2.00 8.26 -3.15
C TRP D 54 1.38 6.99 -3.64
N GLY D 55 2.19 5.98 -3.87
CA GLY D 55 1.61 4.67 -4.07
C GLY D 55 1.55 3.92 -2.76
N ILE D 56 2.33 4.32 -1.76
CA ILE D 56 2.27 3.66 -0.51
C ILE D 56 0.97 4.01 0.15
N LYS D 57 0.53 5.27 0.07
CA LYS D 57 -0.70 5.57 0.74
C LYS D 57 -1.83 4.83 0.09
N GLN D 58 -1.84 4.79 -1.23
CA GLN D 58 -2.94 4.10 -1.86
C GLN D 58 -2.88 2.61 -1.59
N LEU D 59 -1.69 2.05 -1.58
CA LEU D 59 -1.56 0.64 -1.37
C LEU D 59 -1.93 0.29 0.05
N GLN D 60 -1.57 1.11 1.02
CA GLN D 60 -1.96 0.84 2.38
C GLN D 60 -3.45 0.90 2.51
N ALA D 61 -4.09 1.85 1.83
CA ALA D 61 -5.52 1.98 1.91
C ALA D 61 -6.23 0.74 1.39
N ARG D 62 -5.69 0.17 0.31
CA ARG D 62 -6.28 -1.01 -0.27
C ARG D 62 -6.09 -2.22 0.61
N VAL D 63 -4.91 -2.34 1.19
CA VAL D 63 -4.63 -3.46 2.06
C VAL D 63 -5.49 -3.39 3.27
N LEU D 64 -5.67 -2.22 3.84
CA LEU D 64 -6.46 -2.10 5.02
C LEU D 64 -7.91 -2.45 4.75
N ALA D 65 -8.47 -2.01 3.64
CA ALA D 65 -9.86 -2.35 3.41
C ALA D 65 -10.04 -3.86 3.38
N VAL D 66 -9.08 -4.56 2.79
CA VAL D 66 -9.17 -6.00 2.75
C VAL D 66 -9.05 -6.58 4.12
N GLU D 67 -8.10 -6.10 4.90
CA GLU D 67 -7.91 -6.63 6.22
C GLU D 67 -9.15 -6.50 7.08
N HIS D 68 -9.82 -5.37 7.04
CA HIS D 68 -10.99 -5.22 7.87
C HIS D 68 -12.09 -6.12 7.42
N TYR D 69 -12.27 -6.24 6.13
CA TYR D 69 -13.29 -7.09 5.60
C TYR D 69 -13.11 -8.50 6.10
N LEU D 70 -11.90 -9.02 5.99
CA LEU D 70 -11.67 -10.39 6.37
C LEU D 70 -11.86 -10.62 7.84
N ARG D 71 -11.53 -9.66 8.69
CA ARG D 71 -11.73 -9.87 10.12
C ARG D 71 -13.21 -10.10 10.43
N ASP D 72 -14.11 -9.38 9.77
CA ASP D 72 -15.52 -9.59 10.04
C ASP D 72 -16.00 -10.91 9.47
N GLN D 73 -15.47 -11.30 8.33
CA GLN D 73 -15.91 -12.56 7.76
C GLN D 73 -15.45 -13.70 8.64
N GLN D 74 -14.29 -13.56 9.25
CA GLN D 74 -13.75 -14.60 10.11
C GLN D 74 -14.69 -14.82 11.26
N LEU D 75 -15.23 -13.76 11.85
CA LEU D 75 -16.16 -13.97 12.94
C LEU D 75 -17.42 -14.63 12.48
N LEU D 76 -17.94 -14.26 11.33
CA LEU D 76 -19.17 -14.91 10.92
C LEU D 76 -18.91 -16.38 10.71
N GLY D 77 -17.74 -16.72 10.23
CA GLY D 77 -17.41 -18.11 10.03
C GLY D 77 -17.43 -18.87 11.35
N ILE D 78 -16.75 -18.33 12.35
CA ILE D 78 -16.65 -18.96 13.65
C ILE D 78 -17.99 -19.11 14.30
N TRP D 79 -18.87 -18.14 14.14
CA TRP D 79 -20.19 -18.20 14.74
C TRP D 79 -21.19 -19.03 13.95
N GLY D 80 -20.82 -19.57 12.80
CA GLY D 80 -21.73 -20.35 11.96
C GLY D 80 -22.70 -19.55 11.05
N CYS D 81 -22.37 -18.30 10.71
CA CYS D 81 -23.15 -17.36 9.93
C CYS D 81 -22.39 -16.96 8.66
N SER D 82 -21.55 -17.85 8.18
CA SER D 82 -20.64 -17.52 7.09
C SER D 82 -21.24 -17.09 5.77
N GLY D 83 -22.42 -17.55 5.43
CA GLY D 83 -23.01 -17.17 4.17
C GLY D 83 -24.24 -16.30 4.31
N LYS D 84 -24.48 -15.75 5.49
CA LYS D 84 -25.73 -15.04 5.68
C LYS D 84 -25.64 -13.57 6.04
N LEU D 85 -26.68 -12.80 5.71
CA LEU D 85 -26.76 -11.43 6.16
C LEU D 85 -27.56 -11.41 7.43
N ILE D 86 -28.53 -12.31 7.52
CA ILE D 86 -29.34 -12.44 8.73
C ILE D 86 -29.13 -13.86 9.23
N CYS D 87 -28.67 -14.05 10.48
CA CYS D 87 -28.36 -15.36 11.04
C CYS D 87 -28.88 -15.52 12.45
N CYS D 88 -29.63 -16.58 12.66
CA CYS D 88 -30.21 -16.85 13.95
C CYS D 88 -29.36 -17.86 14.67
N THR D 89 -29.03 -17.59 15.92
CA THR D 89 -28.21 -18.52 16.69
C THR D 89 -28.96 -19.14 17.85
N ASN D 90 -28.26 -19.92 18.66
CA ASN D 90 -28.83 -20.62 19.81
C ASN D 90 -28.46 -20.00 21.14
N VAL D 91 -27.97 -18.79 21.12
CA VAL D 91 -27.63 -18.08 22.32
C VAL D 91 -28.85 -17.27 22.72
N PRO D 92 -29.42 -17.46 23.91
CA PRO D 92 -30.57 -16.76 24.38
C PRO D 92 -30.16 -15.37 24.70
N TRP D 93 -31.08 -14.44 24.63
CA TRP D 93 -30.79 -13.08 25.02
C TRP D 93 -30.94 -12.92 26.51
N ASN D 94 -29.93 -12.34 27.15
CA ASN D 94 -29.88 -12.02 28.57
C ASN D 94 -30.45 -10.61 28.76
N SER D 95 -31.50 -10.46 29.60
CA SER D 95 -32.20 -9.18 29.83
C SER D 95 -31.30 -8.15 30.49
N SER D 96 -30.19 -8.61 31.06
CA SER D 96 -29.25 -7.73 31.69
C SER D 96 -28.51 -6.89 30.66
N TRP D 97 -28.48 -7.34 29.40
CA TRP D 97 -27.78 -6.61 28.37
C TRP D 97 -28.61 -5.42 27.91
N SER D 98 -29.93 -5.60 27.90
CA SER D 98 -30.87 -4.57 27.53
C SER D 98 -32.28 -4.98 27.91
N ASN D 99 -32.84 -4.32 28.89
CA ASN D 99 -34.15 -4.70 29.37
C ASN D 99 -35.25 -3.99 28.61
N ARG D 100 -35.40 -4.35 27.36
CA ARG D 100 -36.40 -3.74 26.50
C ARG D 100 -37.21 -4.82 25.80
N ASN D 101 -38.47 -4.51 25.41
CA ASN D 101 -39.33 -5.40 24.64
C ASN D 101 -39.07 -5.20 23.14
N LEU D 102 -39.55 -6.14 22.30
CA LEU D 102 -39.35 -6.10 20.86
C LEU D 102 -40.03 -4.93 20.17
N SER D 103 -41.18 -4.52 20.64
CA SER D 103 -41.82 -3.42 19.97
C SER D 103 -40.96 -2.19 20.10
N GLU D 104 -40.40 -1.99 21.28
CA GLU D 104 -39.57 -0.84 21.47
C GLU D 104 -38.26 -0.92 20.71
N ILE D 105 -37.63 -2.08 20.69
CA ILE D 105 -36.36 -2.13 20.01
C ILE D 105 -36.49 -2.01 18.53
N TRP D 106 -37.37 -2.76 17.94
CA TRP D 106 -37.45 -2.75 16.51
C TRP D 106 -38.15 -1.55 15.88
N ASP D 107 -39.15 -0.96 16.56
CA ASP D 107 -39.86 0.18 16.01
C ASP D 107 -39.43 1.56 16.49
N ASN D 108 -38.89 1.73 17.71
CA ASN D 108 -38.57 3.07 18.18
C ASN D 108 -37.09 3.37 18.28
N MET D 109 -36.25 2.53 17.72
CA MET D 109 -34.82 2.77 17.80
C MET D 109 -34.15 2.63 16.47
N THR D 110 -33.05 3.33 16.29
CA THR D 110 -32.22 3.22 15.11
C THR D 110 -31.07 2.30 15.44
N TRP D 111 -30.32 1.85 14.43
CA TRP D 111 -29.18 0.99 14.75
C TRP D 111 -28.07 1.74 15.45
N LEU D 112 -27.94 3.03 15.21
CA LEU D 112 -26.89 3.76 15.90
C LEU D 112 -27.20 3.82 17.37
N GLN D 113 -28.46 4.03 17.72
CA GLN D 113 -28.81 4.13 19.13
C GLN D 113 -28.62 2.82 19.82
N TRP D 114 -29.00 1.74 19.15
CA TRP D 114 -28.88 0.43 19.71
C TRP D 114 -27.43 0.10 19.94
N ASP D 115 -26.58 0.41 18.98
CA ASP D 115 -25.19 0.08 19.16
C ASP D 115 -24.63 0.77 20.38
N LYS D 116 -25.03 2.00 20.63
CA LYS D 116 -24.50 2.64 21.80
C LYS D 116 -25.01 1.97 23.06
N GLU D 117 -26.29 1.64 23.10
CA GLU D 117 -26.87 1.06 24.29
C GLU D 117 -26.22 -0.22 24.76
N ILE D 118 -25.84 -1.08 23.83
CA ILE D 118 -25.26 -2.32 24.27
C ILE D 118 -23.79 -2.45 23.99
N SER D 119 -23.11 -1.34 23.80
CA SER D 119 -21.70 -1.43 23.46
C SER D 119 -20.85 -2.24 24.45
N ASN D 120 -21.06 -2.08 25.74
CA ASN D 120 -20.26 -2.83 26.70
C ASN D 120 -20.36 -4.34 26.64
N TYR D 121 -21.49 -4.85 26.18
CA TYR D 121 -21.75 -6.28 26.20
C TYR D 121 -21.37 -6.97 24.92
N THR D 122 -20.79 -6.27 23.95
CA THR D 122 -20.56 -6.99 22.70
C THR D 122 -19.49 -8.02 22.84
N GLN D 123 -18.54 -7.83 23.75
CA GLN D 123 -17.50 -8.83 23.86
C GLN D 123 -18.04 -10.07 24.51
N ILE D 124 -19.01 -9.91 25.39
CA ILE D 124 -19.58 -11.03 26.06
C ILE D 124 -20.39 -11.83 25.09
N ILE D 125 -21.20 -11.12 24.30
CA ILE D 125 -22.04 -11.79 23.36
C ILE D 125 -21.21 -12.52 22.37
N TYR D 126 -20.14 -11.91 21.86
CA TYR D 126 -19.35 -12.61 20.89
C TYR D 126 -18.74 -13.86 21.47
N GLY D 127 -18.28 -13.82 22.71
CA GLY D 127 -17.71 -15.02 23.27
C GLY D 127 -18.74 -16.14 23.34
N LEU D 128 -19.97 -15.79 23.68
CA LEU D 128 -21.00 -16.79 23.76
C LEU D 128 -21.33 -17.37 22.41
N LEU D 129 -21.30 -16.55 21.37
CA LEU D 129 -21.61 -17.06 20.05
C LEU D 129 -20.57 -18.07 19.62
N GLU D 130 -19.30 -17.80 19.94
CA GLU D 130 -18.23 -18.72 19.55
C GLU D 130 -18.37 -20.04 20.26
N GLU D 131 -18.75 -19.98 21.53
CA GLU D 131 -18.88 -21.19 22.30
C GLU D 131 -20.03 -22.03 21.82
N SER D 132 -21.15 -21.39 21.50
CA SER D 132 -22.30 -22.14 21.07
C SER D 132 -22.01 -22.85 19.78
N GLN D 133 -21.38 -22.17 18.83
CA GLN D 133 -21.11 -22.83 17.58
C GLN D 133 -20.13 -23.95 17.74
N ASN D 134 -19.14 -23.80 18.61
CA ASN D 134 -18.20 -24.89 18.75
C ASN D 134 -18.89 -26.12 19.30
N GLN D 135 -19.80 -25.93 20.26
CA GLN D 135 -20.48 -27.10 20.78
C GLN D 135 -21.33 -27.72 19.73
N GLN D 136 -21.98 -26.90 18.92
CA GLN D 136 -22.82 -27.43 17.90
C GLN D 136 -22.05 -28.24 16.90
N GLU D 137 -20.85 -27.80 16.51
CA GLU D 137 -20.11 -28.59 15.55
C GLU D 137 -19.74 -29.94 16.11
N LYS D 138 -19.36 -29.99 17.37
CA LYS D 138 -19.01 -31.27 17.93
C LYS D 138 -20.22 -32.16 17.97
N ASN D 139 -21.38 -31.62 18.31
CA ASN D 139 -22.53 -32.46 18.39
C ASN D 139 -22.91 -33.01 17.04
N GLU D 140 -22.76 -32.22 15.99
CA GLU D 140 -23.11 -32.72 14.67
C GLU D 140 -22.18 -33.86 14.29
N GLN D 141 -20.91 -33.72 14.61
CA GLN D 141 -19.96 -34.76 14.27
C GLN D 141 -20.31 -36.06 14.95
N ASP D 142 -20.69 -35.98 16.21
CA ASP D 142 -21.02 -37.19 16.92
C ASP D 142 -22.27 -37.83 16.39
N LEU D 143 -23.27 -37.03 16.02
CA LEU D 143 -24.49 -37.60 15.49
C LEU D 143 -24.28 -38.28 14.16
N LEU D 144 -23.40 -37.74 13.33
CA LEU D 144 -23.15 -38.38 12.07
C LEU D 144 -22.44 -39.70 12.24
N ALA D 145 -21.49 -39.75 13.18
CA ALA D 145 -20.77 -40.99 13.44
C ALA D 145 -21.71 -42.04 14.02
N LEU D 146 -22.71 -41.57 14.76
CA LEU D 146 -23.66 -42.45 15.40
C LEU D 146 -24.75 -42.91 14.44
N ASP D 147 -24.35 -43.78 13.49
CA ASP D 147 -25.14 -44.33 12.38
C ASP D 147 -24.24 -45.24 11.55
N ASN E 1 -39.69 -23.09 -18.70
CA ASN E 1 -39.65 -23.28 -17.26
C ASN E 1 -38.21 -23.62 -16.78
N LEU E 2 -37.28 -22.71 -17.09
CA LEU E 2 -35.84 -22.77 -16.76
C LEU E 2 -35.50 -21.76 -15.71
N TRP E 3 -34.42 -22.03 -14.99
CA TRP E 3 -33.96 -21.23 -13.87
C TRP E 3 -32.52 -20.79 -14.03
N VAL E 4 -32.15 -19.67 -13.43
CA VAL E 4 -30.78 -19.20 -13.49
C VAL E 4 -29.87 -20.02 -12.60
N THR E 5 -28.80 -20.55 -13.16
CA THR E 5 -27.82 -21.28 -12.38
C THR E 5 -26.51 -20.56 -12.45
N VAL E 6 -25.90 -20.39 -11.30
CA VAL E 6 -24.66 -19.68 -11.18
C VAL E 6 -23.49 -20.62 -11.14
N TYR E 7 -22.50 -20.38 -11.96
CA TYR E 7 -21.31 -21.22 -12.00
C TYR E 7 -20.06 -20.43 -11.71
N TYR E 8 -19.16 -21.02 -10.95
CA TYR E 8 -17.90 -20.38 -10.68
C TYR E 8 -16.76 -21.26 -11.10
N GLY E 9 -15.84 -20.71 -11.87
CA GLY E 9 -14.72 -21.46 -12.42
C GLY E 9 -14.94 -21.63 -13.91
N VAL E 10 -15.70 -20.75 -14.50
CA VAL E 10 -15.99 -20.78 -15.90
C VAL E 10 -14.80 -20.31 -16.73
N PRO E 11 -14.31 -21.06 -17.72
CA PRO E 11 -13.13 -20.75 -18.52
C PRO E 11 -13.32 -19.69 -19.59
N VAL E 12 -13.58 -18.46 -19.16
CA VAL E 12 -13.74 -17.33 -20.08
C VAL E 12 -12.85 -16.17 -19.70
N TRP E 13 -12.65 -15.25 -20.62
CA TRP E 13 -11.81 -14.11 -20.37
C TRP E 13 -12.12 -12.88 -21.20
N LYS E 14 -11.52 -11.77 -20.78
CA LYS E 14 -11.60 -10.47 -21.43
C LYS E 14 -10.22 -9.85 -21.66
N ASP E 15 -10.10 -9.03 -22.68
CA ASP E 15 -8.81 -8.37 -22.91
C ASP E 15 -8.49 -7.52 -21.70
N ALA E 16 -7.24 -7.46 -21.26
CA ALA E 16 -6.97 -6.61 -20.10
C ALA E 16 -5.56 -6.05 -20.05
N GLU E 17 -5.43 -4.94 -19.34
CA GLU E 17 -4.12 -4.33 -19.14
C GLU E 17 -3.76 -4.39 -17.69
N THR E 18 -2.67 -5.06 -17.39
CA THR E 18 -2.26 -5.20 -16.01
C THR E 18 -0.77 -5.04 -15.88
N THR E 19 -0.31 -5.17 -14.66
CA THR E 19 1.09 -5.10 -14.35
C THR E 19 1.64 -6.50 -14.43
N LEU E 20 2.65 -6.72 -15.24
CA LEU E 20 3.27 -8.01 -15.33
C LEU E 20 4.51 -7.92 -14.53
N PHE E 21 5.00 -9.03 -14.03
CA PHE E 21 6.23 -8.95 -13.29
C PHE E 21 7.34 -9.72 -13.97
N CYS E 22 8.58 -9.33 -13.65
CA CYS E 22 9.84 -9.91 -14.12
C CYS E 22 10.12 -11.23 -13.43
N ALA E 23 10.52 -12.20 -14.24
CA ALA E 23 11.03 -13.45 -13.75
C ALA E 23 12.31 -13.78 -14.52
N SER E 24 13.26 -14.44 -13.88
CA SER E 24 14.54 -14.75 -14.52
C SER E 24 15.21 -16.00 -13.95
N ASP E 25 15.88 -16.80 -14.80
CA ASP E 25 16.61 -18.04 -14.44
C ASP E 25 17.78 -17.74 -13.49
N HIS E 34 26.11 -6.94 -10.74
CA HIS E 34 27.06 -7.49 -11.71
C HIS E 34 26.62 -7.39 -13.19
N ASN E 35 25.34 -7.03 -13.45
CA ASN E 35 24.73 -6.90 -14.77
C ASN E 35 23.72 -5.77 -14.73
N VAL E 36 23.60 -5.07 -15.85
CA VAL E 36 22.69 -3.95 -15.98
C VAL E 36 21.27 -4.33 -15.72
N TRP E 37 20.84 -5.48 -16.19
CA TRP E 37 19.47 -5.82 -15.95
C TRP E 37 19.50 -6.59 -14.69
N ALA E 38 18.69 -6.18 -13.75
CA ALA E 38 18.67 -6.83 -12.48
C ALA E 38 18.17 -8.21 -12.62
N THR E 39 18.73 -9.10 -11.83
CA THR E 39 18.26 -10.46 -11.84
C THR E 39 18.03 -10.78 -10.42
N HIS E 40 18.74 -10.04 -9.59
CA HIS E 40 18.78 -10.27 -8.17
C HIS E 40 17.54 -9.82 -7.47
N ALA E 41 16.77 -9.03 -8.15
CA ALA E 41 15.50 -8.53 -7.63
C ALA E 41 14.31 -8.87 -8.58
N CYS E 42 14.45 -9.96 -9.37
CA CYS E 42 13.52 -10.49 -10.35
C CYS E 42 13.15 -11.89 -9.81
N VAL E 43 11.94 -12.34 -10.07
CA VAL E 43 11.48 -13.62 -9.53
C VAL E 43 12.11 -14.86 -10.18
N PRO E 44 12.69 -15.81 -9.44
CA PRO E 44 13.24 -17.02 -10.00
C PRO E 44 12.19 -17.75 -10.80
N THR E 45 12.57 -18.32 -11.94
CA THR E 45 11.64 -19.02 -12.80
C THR E 45 11.41 -20.46 -12.47
N ASP E 46 10.34 -20.96 -13.07
CA ASP E 46 9.94 -22.34 -13.05
C ASP E 46 10.83 -23.08 -14.04
N PRO E 47 11.63 -24.08 -13.62
CA PRO E 47 12.53 -24.82 -14.48
C PRO E 47 11.78 -25.65 -15.52
N ASN E 48 10.48 -25.89 -15.31
CA ASN E 48 9.69 -26.67 -16.24
C ASN E 48 8.30 -26.07 -16.39
N PRO E 49 8.17 -24.91 -17.06
CA PRO E 49 6.97 -24.12 -17.14
C PRO E 49 5.96 -24.86 -17.95
N GLN E 50 4.71 -24.62 -17.66
CA GLN E 50 3.65 -25.28 -18.39
C GLN E 50 3.11 -24.45 -19.51
N GLU E 51 2.59 -25.16 -20.49
CA GLU E 51 1.91 -24.59 -21.62
C GLU E 51 0.79 -25.50 -22.00
N ILE E 52 -0.39 -24.96 -22.21
CA ILE E 52 -1.47 -25.83 -22.57
C ILE E 52 -2.07 -25.41 -23.88
N HIS E 53 -2.48 -26.38 -24.68
CA HIS E 53 -3.08 -26.09 -25.98
C HIS E 53 -4.57 -25.93 -25.86
N LEU E 54 -5.14 -24.92 -26.49
CA LEU E 54 -6.58 -24.77 -26.41
C LEU E 54 -7.23 -25.21 -27.71
N GLU E 55 -7.92 -26.33 -27.70
CA GLU E 55 -8.49 -26.75 -28.96
C GLU E 55 -9.73 -25.92 -29.23
N ASN E 56 -10.01 -25.63 -30.51
CA ASN E 56 -11.19 -24.89 -31.00
C ASN E 56 -11.32 -23.47 -30.41
N VAL E 57 -10.20 -22.75 -30.18
CA VAL E 57 -10.19 -21.38 -29.68
C VAL E 57 -9.51 -20.48 -30.66
N THR E 58 -10.22 -19.46 -31.09
CA THR E 58 -9.65 -18.48 -32.01
C THR E 58 -9.70 -17.14 -31.35
N GLU E 59 -8.56 -16.48 -31.30
CA GLU E 59 -8.46 -15.19 -30.64
C GLU E 59 -7.93 -14.13 -31.55
N GLU E 60 -8.33 -12.90 -31.31
CA GLU E 60 -7.80 -11.79 -32.08
C GLU E 60 -6.62 -11.17 -31.38
N PHE E 61 -5.50 -11.10 -32.09
CA PHE E 61 -4.29 -10.51 -31.54
C PHE E 61 -3.98 -9.25 -32.28
N ASN E 62 -3.41 -8.28 -31.60
CA ASN E 62 -3.00 -7.06 -32.28
C ASN E 62 -1.73 -6.58 -31.67
N MET E 63 -0.63 -6.85 -32.33
CA MET E 63 0.68 -6.54 -31.80
C MET E 63 0.92 -5.05 -31.69
N TRP E 64 0.15 -4.25 -32.41
CA TRP E 64 0.42 -2.83 -32.44
C TRP E 64 -0.27 -2.11 -31.31
N LYS E 65 -1.14 -2.82 -30.58
CA LYS E 65 -1.90 -2.25 -29.49
C LYS E 65 -1.60 -3.02 -28.24
N ASN E 66 -0.50 -3.73 -28.26
CA ASN E 66 -0.10 -4.58 -27.19
C ASN E 66 0.61 -3.85 -26.08
N ASN E 67 -0.06 -3.73 -24.95
CA ASN E 67 0.43 -2.99 -23.80
C ASN E 67 1.70 -3.58 -23.22
N MET E 68 1.98 -4.83 -23.52
CA MET E 68 3.16 -5.45 -22.99
C MET E 68 4.37 -4.72 -23.50
N VAL E 69 4.30 -4.14 -24.69
CA VAL E 69 5.44 -3.48 -25.28
C VAL E 69 5.73 -2.23 -24.53
N GLU E 70 4.70 -1.48 -24.20
CA GLU E 70 4.91 -0.24 -23.49
C GLU E 70 5.45 -0.52 -22.13
N GLN E 71 4.98 -1.57 -21.51
CA GLN E 71 5.42 -1.86 -20.18
C GLN E 71 6.86 -2.33 -20.20
N MET E 72 7.24 -3.14 -21.18
CA MET E 72 8.62 -3.58 -21.24
C MET E 72 9.51 -2.40 -21.46
N HIS E 73 9.10 -1.46 -22.28
CA HIS E 73 9.91 -0.30 -22.56
C HIS E 73 10.19 0.47 -21.30
N GLU E 74 9.16 0.71 -20.50
CA GLU E 74 9.41 1.43 -19.28
C GLU E 74 10.31 0.66 -18.34
N ASP E 75 10.16 -0.66 -18.25
CA ASP E 75 11.02 -1.40 -17.34
C ASP E 75 12.46 -1.35 -17.75
N ILE E 76 12.74 -1.43 -19.04
CA ILE E 76 14.11 -1.41 -19.47
C ILE E 76 14.72 -0.08 -19.16
N ILE E 77 14.02 1.00 -19.41
CA ILE E 77 14.61 2.28 -19.10
C ILE E 77 14.86 2.43 -17.63
N SER E 78 13.89 2.06 -16.79
CA SER E 78 14.10 2.22 -15.38
C SER E 78 15.25 1.39 -14.87
N LEU E 79 15.40 0.16 -15.35
CA LEU E 79 16.52 -0.65 -14.88
C LEU E 79 17.82 -0.02 -15.32
N TRP E 80 17.83 0.51 -16.53
CA TRP E 80 19.03 1.13 -17.06
C TRP E 80 19.46 2.23 -16.13
N ASP E 81 18.55 3.12 -15.79
CA ASP E 81 18.92 4.23 -14.92
C ASP E 81 19.33 3.80 -13.56
N GLN E 82 18.68 2.79 -13.02
CA GLN E 82 19.02 2.36 -11.70
C GLN E 82 20.44 1.87 -11.63
N SER E 83 20.92 1.22 -12.68
CA SER E 83 22.26 0.67 -12.68
C SER E 83 23.33 1.74 -12.69
N LEU E 84 22.97 2.98 -13.03
CA LEU E 84 23.94 4.06 -13.08
C LEU E 84 23.92 4.92 -11.86
N LYS E 85 23.05 4.65 -10.91
CA LYS E 85 23.05 5.54 -9.78
C LYS E 85 24.31 5.47 -8.94
N PRO E 86 24.78 4.32 -8.47
CA PRO E 86 25.94 4.21 -7.63
C PRO E 86 27.24 4.19 -8.42
N CYS E 87 27.52 5.27 -9.18
CA CYS E 87 28.68 5.38 -10.08
C CYS E 87 29.25 6.78 -10.02
N VAL E 88 30.43 6.95 -10.60
CA VAL E 88 31.16 8.21 -10.61
C VAL E 88 30.57 9.29 -11.46
N LYS E 89 30.45 10.47 -10.90
CA LYS E 89 29.94 11.61 -11.65
C LYS E 89 31.13 12.34 -12.21
N LEU E 90 31.23 12.41 -13.52
CA LEU E 90 32.40 13.00 -14.13
C LEU E 90 32.23 14.46 -14.40
N THR E 91 31.79 15.16 -13.39
CA THR E 91 31.59 16.57 -13.47
C THR E 91 32.90 17.28 -13.81
N PRO E 92 34.04 16.93 -13.16
CA PRO E 92 35.30 17.54 -13.35
C PRO E 92 35.85 17.43 -14.76
N LEU E 93 35.26 16.61 -15.64
CA LEU E 93 35.80 16.55 -16.99
C LEU E 93 35.42 17.70 -17.91
N CYS E 94 34.42 18.55 -17.57
CA CYS E 94 34.06 19.67 -18.44
C CYS E 94 35.02 20.82 -18.22
N VAL E 95 36.15 20.66 -18.87
CA VAL E 95 37.27 21.57 -18.85
C VAL E 95 37.68 21.86 -20.25
N THR E 96 38.48 22.87 -20.45
CA THR E 96 38.98 23.05 -21.78
C THR E 96 40.06 22.01 -22.01
N LEU E 97 39.97 21.29 -23.10
CA LEU E 97 40.93 20.28 -23.47
C LEU E 97 41.85 20.85 -24.52
N GLN E 98 43.12 20.53 -24.44
CA GLN E 98 44.05 20.94 -25.50
C GLN E 98 44.30 19.68 -26.30
N CYS E 99 43.94 19.62 -27.62
CA CYS E 99 44.02 18.37 -28.38
C CYS E 99 44.75 18.52 -29.71
N THR E 100 45.51 17.49 -30.03
CA THR E 100 46.19 17.38 -31.30
C THR E 100 45.82 16.03 -31.92
N ASN E 101 46.10 15.81 -33.21
CA ASN E 101 45.80 14.57 -33.93
C ASN E 101 46.75 13.45 -33.52
N VAL E 102 46.24 12.18 -33.52
CA VAL E 102 47.09 11.01 -33.34
C VAL E 102 47.56 10.66 -34.75
N THR E 103 48.86 10.70 -34.97
CA THR E 103 49.43 10.46 -36.28
C THR E 103 50.44 9.32 -36.31
N ASN E 104 50.65 8.68 -35.18
CA ASN E 104 51.73 7.70 -35.06
C ASN E 104 51.78 6.55 -36.08
N ASN E 105 50.68 5.80 -36.24
CA ASN E 105 50.55 4.67 -37.17
C ASN E 105 49.11 4.64 -37.70
N ILE E 106 48.77 5.55 -38.63
CA ILE E 106 47.38 5.72 -39.07
C ILE E 106 47.11 5.24 -40.46
N THR E 107 46.12 4.34 -40.57
CA THR E 107 45.68 3.90 -41.87
C THR E 107 44.95 5.09 -42.45
N ASP E 108 44.96 5.28 -43.76
CA ASP E 108 44.33 6.48 -44.31
C ASP E 108 42.88 6.65 -43.90
N ASP E 109 42.16 5.55 -43.77
CA ASP E 109 40.75 5.60 -43.43
C ASP E 109 40.45 6.24 -42.08
N MET E 110 41.42 6.27 -41.17
CA MET E 110 41.20 6.86 -39.87
C MET E 110 41.92 8.15 -39.63
N ARG E 111 42.38 8.79 -40.66
CA ARG E 111 43.01 10.05 -40.36
C ARG E 111 41.91 10.92 -39.81
N GLY E 112 42.18 11.59 -38.71
CA GLY E 112 41.21 12.49 -38.11
C GLY E 112 40.24 11.83 -37.11
N GLU E 113 40.34 10.52 -36.90
CA GLU E 113 39.43 9.86 -35.98
C GLU E 113 39.84 9.91 -34.53
N LEU E 114 41.13 9.96 -34.25
CA LEU E 114 41.54 9.98 -32.86
C LEU E 114 42.22 11.25 -32.54
N LYS E 115 41.95 11.73 -31.35
CA LYS E 115 42.59 12.91 -30.86
C LYS E 115 43.23 12.68 -29.51
N ASN E 116 44.44 13.22 -29.35
CA ASN E 116 45.29 13.18 -28.17
C ASN E 116 45.10 14.46 -27.36
N CYS E 117 44.34 14.37 -26.26
CA CYS E 117 43.92 15.51 -25.45
C CYS E 117 44.61 15.53 -24.11
N SER E 118 44.86 16.73 -23.62
CA SER E 118 45.39 16.86 -22.29
C SER E 118 44.67 17.93 -21.53
N PHE E 119 44.60 17.72 -20.23
CA PHE E 119 43.88 18.61 -19.36
C PHE E 119 44.32 18.54 -17.90
N ASN E 120 43.96 19.58 -17.11
CA ASN E 120 44.20 19.67 -15.67
C ASN E 120 42.98 19.13 -14.90
N MET E 121 43.09 17.89 -14.39
CA MET E 121 42.03 17.14 -13.72
C MET E 121 42.14 17.32 -12.23
N THR E 122 41.04 17.20 -11.51
CA THR E 122 41.08 17.29 -10.07
C THR E 122 41.66 16.02 -9.52
N THR E 123 41.98 16.01 -8.24
CA THR E 123 42.52 14.81 -7.63
C THR E 123 41.92 14.57 -6.26
N GLU E 124 42.50 13.65 -5.50
CA GLU E 124 41.95 13.28 -4.19
C GLU E 124 41.91 14.45 -3.24
N LEU E 125 42.92 15.29 -3.28
CA LEU E 125 42.93 16.44 -2.44
C LEU E 125 42.43 17.59 -3.29
N ARG E 126 41.60 18.46 -2.73
CA ARG E 126 41.00 19.51 -3.52
C ARG E 126 41.89 20.70 -3.77
N ASP E 127 43.04 20.72 -3.17
CA ASP E 127 43.96 21.80 -3.39
C ASP E 127 45.05 21.42 -4.37
N LYS E 128 44.90 20.29 -5.07
CA LYS E 128 45.86 19.84 -6.06
C LYS E 128 45.20 19.51 -7.38
N LYS E 129 45.98 19.58 -8.45
CA LYS E 129 45.54 19.20 -9.78
C LYS E 129 46.55 18.26 -10.39
N GLN E 130 46.14 17.49 -11.38
CA GLN E 130 47.07 16.60 -12.07
C GLN E 130 46.92 16.74 -13.56
N LYS E 131 48.01 16.54 -14.29
CA LYS E 131 47.89 16.60 -15.74
C LYS E 131 47.64 15.23 -16.29
N VAL E 132 46.63 15.14 -17.13
CA VAL E 132 46.19 13.89 -17.70
C VAL E 132 46.18 13.93 -19.19
N TYR E 133 46.65 12.85 -19.82
CA TYR E 133 46.60 12.71 -21.26
C TYR E 133 45.67 11.56 -21.54
N SER E 134 44.85 11.69 -22.57
CA SER E 134 43.93 10.62 -22.94
C SER E 134 43.53 10.66 -24.40
N LEU E 135 43.04 9.55 -24.91
CA LEU E 135 42.59 9.57 -26.29
C LEU E 135 41.07 9.56 -26.41
N PHE E 136 40.58 10.36 -27.35
CA PHE E 136 39.16 10.45 -27.64
C PHE E 136 38.87 10.17 -29.10
N TYR E 137 37.63 9.82 -29.40
CA TYR E 137 37.25 9.41 -30.75
C TYR E 137 36.62 10.44 -31.65
N ARG E 138 36.76 11.72 -31.34
CA ARG E 138 36.24 12.81 -32.15
C ARG E 138 34.75 12.98 -32.12
N LEU E 139 33.99 11.94 -32.29
CA LEU E 139 32.54 12.10 -32.28
C LEU E 139 32.07 12.66 -30.95
N ASP E 140 32.81 12.38 -29.88
CA ASP E 140 32.45 12.84 -28.57
C ASP E 140 33.23 14.07 -28.05
N VAL E 141 33.96 14.76 -28.95
CA VAL E 141 34.74 15.97 -28.61
C VAL E 141 34.45 17.11 -29.60
N VAL E 142 34.14 18.31 -29.11
CA VAL E 142 33.83 19.39 -30.02
C VAL E 142 34.70 20.61 -29.84
N GLN E 143 35.12 21.20 -30.95
CA GLN E 143 35.97 22.38 -30.93
C GLN E 143 35.23 23.58 -30.39
N ILE E 144 35.89 24.38 -29.56
CA ILE E 144 35.18 25.54 -28.98
C ILE E 144 35.42 26.95 -29.58
N ASN E 145 36.44 27.13 -30.45
CA ASN E 145 36.77 28.42 -31.09
C ASN E 145 36.32 28.38 -32.56
N LYS E 157 43.00 24.47 -31.41
CA LYS E 157 43.37 23.29 -30.63
C LYS E 157 42.53 23.08 -29.34
N GLU E 158 41.60 24.01 -29.01
CA GLU E 158 40.75 23.92 -27.81
C GLU E 158 39.43 23.24 -28.08
N TYR E 159 39.16 22.23 -27.27
CA TYR E 159 37.99 21.38 -27.35
C TYR E 159 37.31 21.18 -26.02
N ARG E 160 36.05 20.76 -26.06
CA ARG E 160 35.33 20.39 -24.86
C ARG E 160 34.60 19.09 -25.11
N LEU E 161 34.15 18.40 -24.09
CA LEU E 161 33.40 17.21 -24.40
C LEU E 161 32.09 17.64 -25.01
N ILE E 162 31.59 16.83 -25.93
CA ILE E 162 30.39 17.17 -26.66
C ILE E 162 29.17 17.51 -25.85
N ASN E 163 28.99 16.92 -24.69
CA ASN E 163 27.79 17.23 -23.97
C ASN E 163 27.87 18.25 -22.82
N CYS E 164 28.95 19.05 -22.70
CA CYS E 164 29.10 19.99 -21.56
C CYS E 164 28.09 21.12 -21.57
N ASN E 165 27.41 21.35 -22.68
CA ASN E 165 26.39 22.38 -22.67
C ASN E 165 24.95 21.83 -22.47
N THR E 166 24.74 20.47 -22.41
CA THR E 166 23.40 19.87 -22.24
C THR E 166 23.26 18.93 -21.06
N SER E 167 24.33 18.29 -20.61
CA SER E 167 24.12 17.28 -19.58
C SER E 167 25.30 16.91 -18.73
N ALA E 168 25.00 16.25 -17.63
CA ALA E 168 26.02 15.69 -16.79
C ALA E 168 26.41 14.34 -17.32
N ILE E 169 27.62 13.87 -17.01
CA ILE E 169 28.03 12.56 -17.46
C ILE E 169 28.25 11.60 -16.31
N THR E 170 27.61 10.47 -16.37
CA THR E 170 27.84 9.46 -15.34
C THR E 170 28.69 8.37 -15.94
N GLN E 171 29.76 7.98 -15.27
CA GLN E 171 30.58 6.91 -15.79
C GLN E 171 29.88 5.63 -15.54
N ALA E 172 29.76 4.80 -16.54
CA ALA E 172 29.14 3.52 -16.27
C ALA E 172 30.08 2.76 -15.38
N CYS E 173 29.58 1.99 -14.40
CA CYS E 173 30.42 1.19 -13.51
C CYS E 173 31.09 0.06 -14.31
N PRO E 174 32.43 -0.07 -14.26
CA PRO E 174 33.23 -1.01 -15.02
C PRO E 174 32.99 -2.45 -14.64
N LYS E 175 32.38 -2.64 -13.49
CA LYS E 175 32.10 -3.95 -12.97
C LYS E 175 30.77 -4.49 -13.41
N VAL E 176 29.96 -3.70 -14.10
CA VAL E 176 28.62 -4.13 -14.47
C VAL E 176 28.48 -4.44 -15.94
N SER E 177 28.17 -5.68 -16.26
CA SER E 177 28.04 -6.11 -17.64
C SER E 177 26.81 -5.59 -18.37
N PHE E 178 26.98 -5.31 -19.65
CA PHE E 178 25.86 -4.86 -20.49
C PHE E 178 25.33 -5.96 -21.35
N GLU E 179 25.76 -7.19 -21.09
CA GLU E 179 25.30 -8.30 -21.89
C GLU E 179 23.86 -8.66 -21.53
N PRO E 180 22.92 -8.71 -22.48
CA PRO E 180 21.54 -9.07 -22.28
C PRO E 180 21.38 -10.44 -21.67
N ILE E 181 20.47 -10.52 -20.72
CA ILE E 181 20.08 -11.73 -20.04
C ILE E 181 18.61 -11.85 -20.32
N PRO E 182 18.10 -12.97 -20.79
CA PRO E 182 16.71 -13.10 -21.11
C PRO E 182 15.84 -12.90 -19.90
N ILE E 183 14.74 -12.18 -20.11
CA ILE E 183 13.74 -11.87 -19.10
C ILE E 183 12.41 -12.46 -19.47
N HIS E 184 11.75 -13.07 -18.51
CA HIS E 184 10.44 -13.64 -18.76
C HIS E 184 9.38 -12.73 -18.15
N TYR E 185 8.34 -12.40 -18.88
CA TYR E 185 7.26 -11.61 -18.28
C TYR E 185 6.15 -12.53 -17.84
N CYS E 186 5.69 -12.39 -16.58
CA CYS E 186 4.70 -13.28 -15.97
C CYS E 186 3.45 -12.53 -15.53
N ALA E 187 2.33 -13.16 -15.77
CA ALA E 187 1.07 -12.59 -15.35
C ALA E 187 0.85 -12.89 -13.88
N PRO E 188 0.18 -12.02 -13.14
CA PRO E 188 -0.24 -12.21 -11.79
C PRO E 188 -1.41 -13.14 -11.75
N ALA E 189 -1.67 -13.73 -10.61
CA ALA E 189 -2.81 -14.59 -10.52
C ALA E 189 -4.06 -13.84 -10.90
N GLY E 190 -4.93 -14.51 -11.63
CA GLY E 190 -6.18 -13.93 -12.08
C GLY E 190 -6.10 -13.53 -13.53
N PHE E 191 -4.89 -13.53 -14.05
CA PHE E 191 -4.58 -13.19 -15.43
C PHE E 191 -3.85 -14.32 -16.11
N ALA E 192 -3.87 -14.31 -17.43
CA ALA E 192 -3.15 -15.33 -18.17
C ALA E 192 -2.60 -14.76 -19.44
N ILE E 193 -1.55 -15.37 -19.96
CA ILE E 193 -1.01 -14.88 -21.21
C ILE E 193 -1.33 -15.85 -22.30
N LEU E 194 -1.96 -15.38 -23.33
CA LEU E 194 -2.27 -16.26 -24.41
C LEU E 194 -1.16 -16.10 -25.41
N LYS E 195 -0.84 -17.16 -26.08
CA LYS E 195 0.19 -17.13 -27.09
C LYS E 195 -0.36 -17.65 -28.40
N CYS E 196 0.02 -17.00 -29.53
CA CYS E 196 -0.34 -17.41 -30.87
C CYS E 196 0.73 -18.33 -31.46
N LYS E 197 0.32 -19.53 -31.84
CA LYS E 197 1.22 -20.51 -32.41
C LYS E 197 1.06 -20.67 -33.89
N ASP E 198 0.27 -19.81 -34.50
CA ASP E 198 0.01 -19.94 -35.91
C ASP E 198 1.22 -19.48 -36.69
N LYS E 199 1.81 -20.40 -37.41
CA LYS E 199 3.00 -20.09 -38.15
C LYS E 199 2.59 -19.11 -39.21
N LYS E 200 3.46 -18.17 -39.50
CA LYS E 200 3.20 -17.14 -40.48
C LYS E 200 2.12 -16.16 -40.04
N PHE E 201 1.88 -16.06 -38.75
CA PHE E 201 0.97 -15.07 -38.24
C PHE E 201 1.60 -13.69 -38.41
N ASN E 202 0.83 -12.72 -38.97
CA ASN E 202 1.31 -11.36 -39.27
C ASN E 202 1.08 -10.34 -38.14
N GLY E 203 0.54 -10.73 -36.97
CA GLY E 203 0.34 -9.86 -35.81
C GLY E 203 -1.00 -9.16 -35.66
N THR E 204 -1.86 -9.13 -36.68
CA THR E 204 -3.13 -8.41 -36.46
C THR E 204 -4.42 -9.16 -36.67
N GLY E 205 -4.37 -10.31 -37.31
CA GLY E 205 -5.62 -10.99 -37.57
C GLY E 205 -5.97 -11.97 -36.46
N PRO E 206 -7.03 -12.74 -36.63
CA PRO E 206 -7.43 -13.81 -35.76
C PRO E 206 -6.33 -14.85 -35.86
N CYS E 207 -6.08 -15.57 -34.77
CA CYS E 207 -5.12 -16.64 -34.65
C CYS E 207 -5.88 -17.90 -34.23
N PRO E 208 -6.01 -18.91 -35.10
CA PRO E 208 -6.75 -20.14 -34.92
C PRO E 208 -6.09 -21.14 -34.01
N SER E 209 -4.85 -20.91 -33.63
CA SER E 209 -4.18 -21.89 -32.81
C SER E 209 -3.46 -21.20 -31.69
N VAL E 210 -4.02 -21.32 -30.49
CA VAL E 210 -3.46 -20.63 -29.35
C VAL E 210 -3.22 -21.57 -28.19
N SER E 211 -2.39 -21.10 -27.29
CA SER E 211 -2.07 -21.80 -26.08
C SER E 211 -1.99 -20.83 -24.93
N THR E 212 -2.04 -21.35 -23.73
CA THR E 212 -1.96 -20.52 -22.56
C THR E 212 -0.72 -20.79 -21.77
N VAL E 213 -0.05 -19.71 -21.41
CA VAL E 213 1.14 -19.81 -20.60
C VAL E 213 1.01 -18.84 -19.44
N GLN E 214 1.79 -19.05 -18.41
CA GLN E 214 1.78 -18.06 -17.34
C GLN E 214 2.86 -16.98 -17.53
N CYS E 215 4.00 -17.35 -18.16
CA CYS E 215 5.17 -16.53 -18.41
C CYS E 215 5.55 -16.66 -19.87
N THR E 216 6.11 -15.59 -20.42
CA THR E 216 6.60 -15.58 -21.79
C THR E 216 7.90 -16.32 -21.81
N HIS E 217 8.40 -16.58 -23.00
CA HIS E 217 9.68 -17.22 -23.13
C HIS E 217 10.67 -16.16 -22.75
N GLY E 218 11.93 -16.51 -22.63
CA GLY E 218 12.84 -15.45 -22.25
C GLY E 218 13.14 -14.56 -23.43
N ILE E 219 13.09 -13.27 -23.21
CA ILE E 219 13.42 -12.30 -24.23
C ILE E 219 14.64 -11.54 -23.88
N LYS E 220 15.63 -11.55 -24.76
CA LYS E 220 16.83 -10.81 -24.48
C LYS E 220 16.63 -9.37 -24.87
N PRO E 221 16.84 -8.39 -24.00
CA PRO E 221 16.68 -7.00 -24.28
C PRO E 221 17.85 -6.48 -25.08
N VAL E 222 17.94 -6.92 -26.31
CA VAL E 222 19.02 -6.54 -27.18
C VAL E 222 18.64 -5.20 -27.76
N VAL E 223 19.55 -4.25 -27.68
CA VAL E 223 19.26 -2.93 -28.19
C VAL E 223 20.04 -2.61 -29.45
N SER E 224 19.32 -2.36 -30.55
CA SER E 224 19.93 -2.01 -31.82
C SER E 224 18.99 -1.22 -32.71
N THR E 225 19.56 -0.61 -33.73
CA THR E 225 18.78 0.10 -34.75
C THR E 225 18.92 -0.63 -36.04
N GLN E 226 18.02 -0.42 -37.00
CA GLN E 226 18.08 -0.98 -38.37
C GLN E 226 18.05 -2.50 -38.50
N LEU E 227 19.01 -3.18 -37.93
CA LEU E 227 19.06 -4.63 -37.98
C LEU E 227 18.92 -5.14 -36.56
N LEU E 228 17.98 -6.04 -36.40
CA LEU E 228 17.67 -6.63 -35.13
C LEU E 228 18.51 -7.86 -34.99
N LEU E 229 19.26 -7.90 -33.92
CA LEU E 229 20.14 -9.00 -33.66
C LEU E 229 19.61 -9.90 -32.56
N ASN E 230 19.97 -11.19 -32.62
CA ASN E 230 19.76 -12.24 -31.63
C ASN E 230 18.30 -12.43 -31.18
N GLY E 231 17.32 -12.32 -32.10
CA GLY E 231 15.90 -12.51 -31.84
C GLY E 231 15.47 -13.90 -32.23
N SER E 232 14.18 -14.10 -32.27
CA SER E 232 13.61 -15.38 -32.62
C SER E 232 13.22 -15.41 -34.08
N LEU E 233 13.69 -16.42 -34.79
CA LEU E 233 13.47 -16.61 -36.22
C LEU E 233 12.10 -17.12 -36.57
N ALA E 234 11.66 -16.77 -37.77
CA ALA E 234 10.40 -17.19 -38.33
C ALA E 234 10.42 -18.67 -38.47
N GLU E 235 9.28 -19.31 -38.27
CA GLU E 235 9.23 -20.75 -38.31
C GLU E 235 9.50 -21.34 -39.68
N GLU E 236 8.99 -20.72 -40.73
CA GLU E 236 9.15 -21.28 -42.07
C GLU E 236 9.60 -20.31 -43.13
N GLU E 237 8.97 -19.14 -43.21
CA GLU E 237 9.22 -18.19 -44.29
C GLU E 237 9.34 -16.80 -43.74
N VAL E 238 9.99 -15.92 -44.48
CA VAL E 238 10.12 -14.56 -44.01
C VAL E 238 8.75 -13.94 -43.84
N ILE E 239 8.51 -13.31 -42.71
CA ILE E 239 7.22 -12.71 -42.43
C ILE E 239 7.33 -11.21 -42.39
N ILE E 240 6.49 -10.54 -43.15
CA ILE E 240 6.52 -9.09 -43.16
C ILE E 240 5.33 -8.50 -42.44
N ARG E 241 5.61 -7.70 -41.42
CA ARG E 241 4.55 -7.13 -40.61
C ARG E 241 4.64 -5.63 -40.46
N SER E 242 3.51 -4.97 -40.48
CA SER E 242 3.49 -3.53 -40.25
C SER E 242 2.11 -3.18 -39.75
N GLU E 243 1.98 -2.02 -39.13
CA GLU E 243 0.66 -1.59 -38.67
C GLU E 243 -0.32 -1.33 -39.82
N ASN E 244 0.17 -0.73 -40.91
CA ASN E 244 -0.57 -0.35 -42.11
C ASN E 244 0.41 -0.34 -43.29
N ILE E 245 0.43 -1.40 -44.12
CA ILE E 245 1.41 -1.61 -45.19
C ILE E 245 1.38 -0.57 -46.30
N THR E 246 0.21 0.02 -46.54
CA THR E 246 0.11 1.00 -47.60
C THR E 246 0.37 2.41 -47.09
N ASN E 247 0.60 2.55 -45.79
CA ASN E 247 0.84 3.84 -45.20
C ASN E 247 2.34 4.04 -45.09
N ASN E 248 2.90 4.93 -45.88
CA ASN E 248 4.36 5.06 -45.93
C ASN E 248 4.95 5.74 -44.71
N ALA E 249 4.11 6.12 -43.77
CA ALA E 249 4.57 6.71 -42.53
C ALA E 249 4.85 5.66 -41.46
N LYS E 250 4.55 4.39 -41.74
CA LYS E 250 4.73 3.32 -40.75
C LYS E 250 5.99 2.52 -41.01
N ASN E 251 6.54 1.91 -39.96
CA ASN E 251 7.71 1.05 -40.16
C ASN E 251 7.29 -0.35 -40.48
N ILE E 252 8.14 -1.04 -41.20
CA ILE E 252 7.93 -2.42 -41.54
C ILE E 252 8.93 -3.32 -40.86
N LEU E 253 8.43 -4.32 -40.15
CA LEU E 253 9.33 -5.23 -39.48
C LEU E 253 9.42 -6.50 -40.30
N VAL E 254 10.63 -6.98 -40.51
CA VAL E 254 10.80 -8.19 -41.26
C VAL E 254 11.43 -9.25 -40.41
N GLN E 255 10.78 -10.38 -40.28
CA GLN E 255 11.33 -11.47 -39.48
C GLN E 255 11.90 -12.54 -40.38
N LEU E 256 13.18 -12.80 -40.25
CA LEU E 256 13.83 -13.75 -41.12
C LEU E 256 13.63 -15.15 -40.64
N ASN E 257 13.68 -16.11 -41.57
CA ASN E 257 13.57 -17.54 -41.27
C ASN E 257 14.91 -18.24 -41.26
N THR E 258 15.96 -17.46 -41.24
CA THR E 258 17.33 -17.95 -41.21
C THR E 258 18.14 -16.80 -40.69
N PRO E 259 19.17 -17.00 -39.87
CA PRO E 259 20.00 -15.96 -39.38
C PRO E 259 20.98 -15.54 -40.43
N VAL E 260 21.45 -14.32 -40.36
CA VAL E 260 22.58 -13.93 -41.17
C VAL E 260 23.71 -13.64 -40.20
N GLN E 261 24.82 -14.30 -40.34
CA GLN E 261 25.87 -14.09 -39.37
C GLN E 261 26.66 -12.84 -39.66
N ILE E 262 26.87 -12.03 -38.64
CA ILE E 262 27.66 -10.82 -38.73
C ILE E 262 28.80 -10.81 -37.68
N ASN E 263 30.05 -10.62 -38.13
CA ASN E 263 31.29 -10.61 -37.32
C ASN E 263 31.84 -9.20 -37.15
N CYS E 264 31.77 -8.64 -35.93
CA CYS E 264 32.18 -7.25 -35.65
C CYS E 264 33.44 -7.19 -34.81
N THR E 265 34.28 -6.22 -35.14
CA THR E 265 35.50 -6.05 -34.41
C THR E 265 35.97 -4.64 -34.24
N ARG E 266 36.76 -4.46 -33.19
CA ARG E 266 37.44 -3.24 -32.86
C ARG E 266 38.90 -3.67 -32.71
N PRO E 267 39.67 -3.69 -33.81
CA PRO E 267 40.98 -4.29 -33.94
C PRO E 267 42.12 -3.66 -33.16
N ASN E 268 41.98 -2.42 -32.74
CA ASN E 268 43.06 -1.76 -32.04
C ASN E 268 43.20 -2.36 -30.65
N ASN E 269 44.47 -2.56 -30.18
CA ASN E 269 44.79 -3.07 -28.84
C ASN E 269 44.93 -1.90 -27.86
N ASN E 270 43.89 -1.67 -27.03
CA ASN E 270 43.80 -0.54 -26.11
C ASN E 270 44.38 -0.77 -24.75
N THR E 271 45.20 0.17 -24.32
CA THR E 271 45.78 0.15 -22.98
C THR E 271 45.02 1.13 -22.17
N VAL E 272 44.40 0.64 -21.11
CA VAL E 272 43.54 1.42 -20.25
C VAL E 272 44.22 1.89 -18.99
N LYS E 273 44.05 3.17 -18.71
CA LYS E 273 44.60 3.83 -17.55
C LYS E 273 43.52 4.26 -16.59
N SER E 274 43.89 4.42 -15.33
CA SER E 274 42.96 4.87 -14.32
C SER E 274 43.56 5.88 -13.39
N ILE E 275 42.83 6.96 -13.14
CA ILE E 275 43.29 7.98 -12.22
C ILE E 275 42.26 8.30 -11.19
N ARG E 276 42.69 8.88 -10.08
CA ARG E 276 41.73 9.27 -9.07
C ARG E 276 41.32 10.68 -9.33
N ILE E 277 40.02 10.94 -9.25
CA ILE E 277 39.55 12.29 -9.49
C ILE E 277 38.99 12.90 -8.23
N GLY E 278 38.77 12.08 -7.23
CA GLY E 278 38.29 12.57 -5.95
C GLY E 278 38.26 11.39 -5.02
N PRO E 279 37.98 11.56 -3.74
CA PRO E 279 37.97 10.49 -2.79
C PRO E 279 37.05 9.38 -3.18
N GLY E 280 37.63 8.21 -3.37
CA GLY E 280 36.86 7.02 -3.71
C GLY E 280 36.41 6.97 -5.17
N GLN E 281 36.81 7.93 -5.98
CA GLN E 281 36.34 7.98 -7.36
C GLN E 281 37.42 7.87 -8.40
N ALA E 282 37.33 6.81 -9.20
CA ALA E 282 38.30 6.59 -10.26
C ALA E 282 37.67 6.79 -11.61
N PHE E 283 38.47 7.30 -12.52
CA PHE E 283 38.12 7.55 -13.90
C PHE E 283 38.94 6.73 -14.86
N TYR E 284 38.27 6.09 -15.80
CA TYR E 284 38.98 5.24 -16.75
C TYR E 284 39.06 5.85 -18.13
N TYR E 285 40.21 5.72 -18.75
CA TYR E 285 40.38 6.25 -20.08
C TYR E 285 41.42 5.49 -20.89
N THR E 286 41.39 5.66 -22.21
CA THR E 286 42.39 5.01 -23.02
C THR E 286 43.64 5.81 -22.94
N GLY E 287 44.72 5.14 -22.60
CA GLY E 287 46.02 5.75 -22.46
C GLY E 287 46.73 5.77 -23.79
N ASP E 288 46.86 4.58 -24.35
CA ASP E 288 47.54 4.46 -25.62
C ASP E 288 47.04 3.23 -26.36
N ILE E 289 47.55 3.04 -27.58
CA ILE E 289 47.22 1.90 -28.42
C ILE E 289 48.47 1.19 -28.89
N ILE E 290 48.47 -0.11 -28.74
CA ILE E 290 49.57 -0.94 -29.14
C ILE E 290 49.31 -1.46 -30.53
N GLY E 291 50.24 -1.21 -31.44
CA GLY E 291 50.05 -1.62 -32.81
C GLY E 291 49.50 -0.45 -33.59
N ASP E 292 49.19 -0.69 -34.85
CA ASP E 292 48.70 0.35 -35.72
C ASP E 292 47.21 0.57 -35.56
N ILE E 293 46.75 1.71 -36.05
CA ILE E 293 45.36 2.09 -35.99
C ILE E 293 44.58 1.75 -37.24
N ARG E 294 43.56 0.92 -37.04
CA ARG E 294 42.67 0.47 -38.10
C ARG E 294 41.25 0.64 -37.61
N GLN E 295 40.30 0.82 -38.52
CA GLN E 295 38.94 1.04 -38.06
C GLN E 295 38.18 -0.20 -37.72
N ALA E 296 37.22 0.02 -36.84
CA ALA E 296 36.28 -0.99 -36.46
C ALA E 296 35.45 -1.27 -37.68
N HIS E 297 35.02 -2.50 -37.80
CA HIS E 297 34.21 -2.88 -38.93
C HIS E 297 33.43 -4.15 -38.65
N CYS E 298 32.39 -4.45 -39.47
CA CYS E 298 31.61 -5.68 -39.42
C CYS E 298 31.58 -6.38 -40.77
N ASN E 299 31.69 -7.70 -40.73
CA ASN E 299 31.66 -8.55 -41.91
C ASN E 299 30.38 -9.37 -41.99
N VAL E 300 29.67 -9.26 -43.14
CA VAL E 300 28.44 -9.99 -43.46
C VAL E 300 28.72 -10.89 -44.65
N SER E 301 28.41 -12.18 -44.55
CA SER E 301 28.70 -13.05 -45.70
C SER E 301 27.94 -12.54 -46.88
N LYS E 302 28.62 -12.35 -48.01
CA LYS E 302 27.93 -11.75 -49.13
C LYS E 302 26.90 -12.64 -49.76
N ALA E 303 27.20 -13.92 -49.89
CA ALA E 303 26.22 -14.77 -50.53
C ALA E 303 24.98 -14.89 -49.69
N THR E 304 25.14 -14.97 -48.38
CA THR E 304 24.01 -15.13 -47.51
C THR E 304 23.16 -13.91 -47.57
N TRP E 305 23.79 -12.75 -47.54
CA TRP E 305 23.02 -11.53 -47.59
C TRP E 305 22.19 -11.41 -48.87
N ASN E 306 22.76 -11.76 -50.06
CA ASN E 306 22.02 -11.67 -51.33
C ASN E 306 20.82 -12.63 -51.34
N GLU E 307 20.95 -13.86 -50.75
CA GLU E 307 19.85 -14.82 -50.66
C GLU E 307 18.76 -14.31 -49.74
N THR E 308 19.19 -13.68 -48.65
CA THR E 308 18.26 -13.15 -47.68
C THR E 308 17.45 -12.05 -48.29
N LEU E 309 18.07 -11.15 -49.04
CA LEU E 309 17.24 -10.14 -49.63
C LEU E 309 16.35 -10.75 -50.66
N GLY E 310 16.80 -11.73 -51.41
CA GLY E 310 15.90 -12.28 -52.39
C GLY E 310 14.63 -12.80 -51.73
N LYS E 311 14.76 -13.41 -50.55
CA LYS E 311 13.59 -13.90 -49.83
C LYS E 311 12.71 -12.75 -49.38
N VAL E 312 13.32 -11.68 -48.90
CA VAL E 312 12.54 -10.54 -48.43
C VAL E 312 11.79 -9.92 -49.55
N VAL E 313 12.42 -9.77 -50.69
CA VAL E 313 11.77 -9.14 -51.80
C VAL E 313 10.63 -9.98 -52.27
N LYS E 314 10.83 -11.29 -52.38
CA LYS E 314 9.74 -12.12 -52.83
C LYS E 314 8.52 -11.95 -51.97
N GLN E 315 8.69 -11.85 -50.65
CA GLN E 315 7.54 -11.64 -49.80
C GLN E 315 7.01 -10.22 -49.87
N LEU E 316 7.88 -9.21 -50.06
CA LEU E 316 7.36 -7.85 -50.17
C LEU E 316 6.45 -7.74 -51.33
N ARG E 317 6.78 -8.44 -52.41
CA ARG E 317 6.00 -8.37 -53.61
C ARG E 317 4.54 -8.69 -53.39
N LYS E 318 4.18 -9.48 -52.40
CA LYS E 318 2.78 -9.81 -52.23
C LYS E 318 1.89 -8.60 -51.98
N HIS E 319 2.49 -7.51 -51.52
CA HIS E 319 1.76 -6.29 -51.23
C HIS E 319 1.94 -5.24 -52.32
N PHE E 320 2.79 -5.52 -53.30
CA PHE E 320 3.13 -4.52 -54.30
C PHE E 320 3.06 -5.09 -55.70
N GLY E 321 1.87 -5.25 -56.21
CA GLY E 321 1.66 -5.83 -57.54
C GLY E 321 2.23 -7.24 -57.55
N ASN E 322 2.91 -7.61 -58.62
CA ASN E 322 3.54 -8.91 -58.69
C ASN E 322 4.84 -8.70 -59.41
N ASN E 323 4.84 -7.59 -60.11
CA ASN E 323 5.81 -7.18 -61.07
C ASN E 323 6.41 -5.80 -60.87
N THR E 324 6.48 -5.28 -59.66
CA THR E 324 7.07 -3.95 -59.47
C THR E 324 8.57 -4.09 -59.30
N ILE E 325 9.26 -2.98 -59.35
CA ILE E 325 10.67 -3.02 -59.07
C ILE E 325 10.89 -2.62 -57.64
N ILE E 326 11.63 -3.45 -56.93
CA ILE E 326 11.92 -3.16 -55.54
C ILE E 326 13.36 -2.84 -55.36
N ARG E 327 13.64 -1.65 -54.87
CA ARG E 327 15.02 -1.29 -54.67
C ARG E 327 15.28 -0.93 -53.25
N PHE E 328 16.49 -1.19 -52.83
CA PHE E 328 16.93 -0.84 -51.51
C PHE E 328 17.92 0.26 -51.61
N ALA E 329 17.87 1.13 -50.64
CA ALA E 329 18.72 2.28 -50.58
C ALA E 329 19.12 2.56 -49.17
N GLN E 330 20.15 3.35 -49.00
CA GLN E 330 20.63 3.65 -47.67
C GLN E 330 19.71 4.60 -46.94
N SER E 331 20.07 4.88 -45.70
CA SER E 331 19.24 5.74 -44.87
C SER E 331 19.21 7.15 -45.39
N SER E 332 18.16 7.88 -45.05
CA SER E 332 17.94 9.23 -45.57
C SER E 332 18.67 10.39 -44.90
N GLY E 333 19.12 10.23 -43.68
CA GLY E 333 19.76 11.35 -43.01
C GLY E 333 19.23 11.49 -41.59
N GLY E 334 19.79 12.43 -40.84
CA GLY E 334 19.39 12.58 -39.46
C GLY E 334 20.53 12.18 -38.55
N ASP E 335 20.24 12.00 -37.27
CA ASP E 335 21.26 11.70 -36.29
C ASP E 335 21.90 10.34 -36.51
N LEU E 336 23.14 10.20 -36.05
CA LEU E 336 23.87 8.96 -36.20
C LEU E 336 23.09 7.78 -35.64
N GLU E 337 22.31 8.00 -34.59
CA GLU E 337 21.56 6.92 -33.99
C GLU E 337 20.58 6.25 -34.94
N VAL E 338 20.11 6.96 -35.96
CA VAL E 338 19.14 6.36 -36.86
C VAL E 338 19.66 6.15 -38.25
N THR E 339 20.71 6.87 -38.64
CA THR E 339 21.23 6.70 -39.98
C THR E 339 22.15 5.54 -40.04
N THR E 340 22.64 5.14 -38.88
CA THR E 340 23.62 4.11 -38.75
C THR E 340 23.14 2.96 -37.83
N HIS E 341 23.70 1.78 -38.03
CA HIS E 341 23.38 0.59 -37.27
C HIS E 341 24.10 0.57 -35.96
N SER E 342 23.38 0.71 -34.85
CA SER E 342 24.10 0.75 -33.60
C SER E 342 23.88 -0.49 -32.79
N PHE E 343 24.91 -0.85 -32.04
CA PHE E 343 24.88 -1.98 -31.12
C PHE E 343 25.97 -1.92 -30.06
N ASN E 344 25.82 -2.72 -29.02
CA ASN E 344 26.79 -2.85 -27.96
C ASN E 344 27.54 -4.19 -28.07
N CYS E 345 28.84 -4.17 -28.44
CA CYS E 345 29.69 -5.33 -28.71
C CYS E 345 30.88 -5.36 -27.75
N GLY E 346 30.83 -6.27 -26.81
CA GLY E 346 31.90 -6.38 -25.83
C GLY E 346 31.79 -5.35 -24.74
N GLY E 347 30.75 -4.53 -24.81
CA GLY E 347 30.56 -3.44 -23.90
C GLY E 347 30.91 -2.13 -24.61
N GLU E 348 31.46 -2.22 -25.82
CA GLU E 348 31.80 -1.03 -26.57
C GLU E 348 30.61 -0.60 -27.44
N PHE E 349 30.51 0.70 -27.73
CA PHE E 349 29.41 1.18 -28.56
C PHE E 349 29.78 1.53 -29.99
N PHE E 350 29.23 0.73 -30.91
CA PHE E 350 29.48 0.78 -32.34
C PHE E 350 28.36 1.41 -33.13
N TYR E 351 28.75 2.16 -34.15
CA TYR E 351 27.87 2.78 -35.14
C TYR E 351 28.31 2.42 -36.56
N CYS E 352 27.71 1.37 -37.17
CA CYS E 352 28.14 0.78 -38.45
C CYS E 352 27.33 1.27 -39.64
N ASN E 353 28.03 1.55 -40.69
CA ASN E 353 27.45 2.05 -41.92
C ASN E 353 26.97 0.88 -42.81
N THR E 354 25.64 0.79 -43.01
CA THR E 354 24.91 -0.25 -43.72
C THR E 354 24.57 0.07 -45.16
N SER E 355 25.16 1.13 -45.71
CA SER E 355 24.88 1.48 -47.11
C SER E 355 25.43 0.42 -48.03
N GLY E 356 26.32 -0.40 -47.52
CA GLY E 356 26.91 -1.47 -48.29
C GLY E 356 25.98 -2.68 -48.35
N LEU E 357 24.90 -2.66 -47.58
CA LEU E 357 23.96 -3.76 -47.58
C LEU E 357 22.72 -3.38 -48.35
N PHE E 358 22.20 -2.21 -48.06
CA PHE E 358 20.97 -1.76 -48.68
C PHE E 358 21.21 -0.92 -49.92
N ASN E 359 21.80 -1.55 -50.96
CA ASN E 359 22.16 -0.89 -52.22
C ASN E 359 22.02 -1.84 -53.41
N SER E 360 20.77 -2.04 -53.88
CA SER E 360 20.47 -2.96 -55.03
C SER E 360 19.11 -2.72 -55.61
N THR E 361 18.90 -3.18 -56.84
CA THR E 361 17.58 -3.12 -57.47
C THR E 361 17.16 -4.48 -57.96
N TRP E 362 15.98 -4.89 -57.55
CA TRP E 362 15.44 -6.18 -57.90
C TRP E 362 14.33 -6.07 -58.92
N ILE E 363 14.58 -6.57 -60.11
CA ILE E 363 13.61 -6.42 -61.18
C ILE E 363 13.00 -7.76 -61.58
N SER E 364 11.65 -7.84 -61.53
CA SER E 364 10.78 -8.98 -61.86
C SER E 364 11.48 -10.17 -62.57
N SER E 376 31.29 -17.97 -53.53
CA SER E 376 32.55 -17.24 -53.73
C SER E 376 33.36 -16.96 -52.44
N ASN E 377 32.70 -17.09 -51.25
CA ASN E 377 33.21 -16.77 -49.91
C ASN E 377 33.61 -15.30 -49.75
N ASP E 378 32.85 -14.41 -50.38
CA ASP E 378 33.15 -13.00 -50.25
C ASP E 378 32.42 -12.44 -49.08
N SER E 379 32.63 -11.16 -48.82
CA SER E 379 31.97 -10.53 -47.71
C SER E 379 31.76 -9.08 -47.98
N ILE E 380 30.85 -8.51 -47.23
CA ILE E 380 30.61 -7.10 -47.29
C ILE E 380 31.17 -6.52 -46.03
N THR E 381 32.08 -5.57 -46.15
CA THR E 381 32.64 -4.98 -44.96
C THR E 381 32.02 -3.64 -44.72
N LEU E 382 31.49 -3.48 -43.53
CA LEU E 382 30.83 -2.28 -43.10
C LEU E 382 31.79 -1.53 -42.18
N PRO E 383 32.22 -0.31 -42.47
CA PRO E 383 33.10 0.43 -41.61
C PRO E 383 32.24 0.83 -40.44
N CYS E 384 32.81 0.96 -39.24
CA CYS E 384 32.10 1.36 -38.01
C CYS E 384 32.84 2.44 -37.24
N ARG E 385 32.09 3.29 -36.58
CA ARG E 385 32.66 4.29 -35.71
C ARG E 385 32.41 3.92 -34.27
N ILE E 386 33.27 4.40 -33.40
CA ILE E 386 33.14 4.15 -31.98
C ILE E 386 32.84 5.45 -31.26
N LYS E 387 31.92 5.43 -30.31
CA LYS E 387 31.60 6.65 -29.58
C LYS E 387 31.54 6.39 -28.08
N GLN E 388 32.16 7.23 -27.23
CA GLN E 388 32.10 6.97 -25.78
C GLN E 388 31.06 7.73 -24.99
N ILE E 389 30.51 8.82 -25.52
CA ILE E 389 29.50 9.54 -24.75
C ILE E 389 28.17 9.24 -25.38
N ILE E 390 27.39 8.50 -24.63
CA ILE E 390 26.17 7.89 -25.04
C ILE E 390 24.89 8.49 -24.48
N ASN E 391 23.91 8.70 -25.34
CA ASN E 391 22.61 9.25 -24.93
C ASN E 391 21.48 8.35 -25.40
N MET E 392 21.16 7.35 -24.61
CA MET E 392 20.17 6.35 -24.97
C MET E 392 18.74 6.74 -24.73
N TRP E 393 17.87 5.98 -25.39
CA TRP E 393 16.43 6.02 -25.30
C TRP E 393 15.89 7.35 -25.77
N GLN E 394 16.68 8.02 -26.58
CA GLN E 394 16.41 9.31 -27.16
C GLN E 394 16.13 10.36 -26.11
N ARG E 395 16.78 10.27 -24.97
CA ARG E 395 16.60 11.26 -23.95
C ARG E 395 17.62 12.36 -24.07
N ILE E 396 17.28 13.51 -23.55
CA ILE E 396 18.20 14.63 -23.49
C ILE E 396 18.43 15.03 -22.06
N GLY E 397 19.69 15.20 -21.67
CA GLY E 397 20.02 15.62 -20.31
C GLY E 397 20.69 14.57 -19.44
N GLN E 398 20.77 13.33 -19.90
CA GLN E 398 21.40 12.26 -19.15
C GLN E 398 22.42 11.50 -19.96
N ALA E 399 23.70 11.85 -19.86
CA ALA E 399 24.69 11.19 -20.70
C ALA E 399 25.42 10.14 -19.91
N MET E 400 25.88 9.12 -20.59
CA MET E 400 26.67 8.09 -19.97
C MET E 400 28.04 8.02 -20.60
N TYR E 401 29.06 7.83 -19.80
CA TYR E 401 30.37 7.62 -20.36
C TYR E 401 30.69 6.16 -20.34
N ALA E 402 30.98 5.63 -21.48
CA ALA E 402 31.28 4.24 -21.56
C ALA E 402 32.79 4.10 -21.37
N PRO E 403 33.28 3.47 -20.32
CA PRO E 403 34.68 3.38 -20.06
C PRO E 403 35.22 2.51 -21.15
N PRO E 404 36.49 2.62 -21.49
CA PRO E 404 37.17 1.86 -22.47
C PRO E 404 37.39 0.46 -22.01
N ILE E 405 37.60 -0.40 -22.96
CA ILE E 405 37.87 -1.78 -22.72
C ILE E 405 39.27 -2.16 -23.11
N GLN E 406 39.95 -2.78 -22.17
CA GLN E 406 41.32 -3.24 -22.35
C GLN E 406 41.39 -4.35 -23.35
N GLY E 407 42.31 -4.24 -24.30
CA GLY E 407 42.45 -5.31 -25.28
C GLY E 407 41.76 -5.04 -26.61
N VAL E 408 41.41 -6.13 -27.29
CA VAL E 408 40.84 -6.13 -28.64
C VAL E 408 39.47 -6.78 -28.58
N ILE E 409 38.48 -6.20 -29.25
CA ILE E 409 37.13 -6.73 -29.17
C ILE E 409 36.62 -7.42 -30.40
N ARG E 410 36.07 -8.61 -30.21
CA ARG E 410 35.43 -9.34 -31.29
C ARG E 410 34.13 -9.96 -30.77
N CYS E 411 33.04 -9.93 -31.58
CA CYS E 411 31.76 -10.58 -31.27
C CYS E 411 31.11 -11.07 -32.55
N VAL E 412 30.30 -12.11 -32.41
CA VAL E 412 29.54 -12.63 -33.52
C VAL E 412 28.08 -12.64 -33.19
N SER E 413 27.29 -12.00 -34.02
CA SER E 413 25.86 -11.91 -33.79
C SER E 413 25.06 -12.50 -34.94
N ASN E 414 23.78 -12.85 -34.67
CA ASN E 414 22.82 -13.35 -35.64
C ASN E 414 21.82 -12.26 -36.01
N ILE E 415 21.74 -11.84 -37.30
CA ILE E 415 20.74 -10.87 -37.76
C ILE E 415 19.49 -11.68 -37.92
N THR E 416 18.45 -11.32 -37.22
CA THR E 416 17.23 -12.07 -37.25
C THR E 416 16.10 -11.26 -37.85
N GLY E 417 16.27 -9.96 -37.98
CA GLY E 417 15.21 -9.17 -38.58
C GLY E 417 15.67 -7.79 -38.97
N LEU E 418 14.84 -7.14 -39.76
CA LEU E 418 15.12 -5.81 -40.28
C LEU E 418 14.04 -4.80 -39.99
N ILE E 419 14.41 -3.53 -39.90
CA ILE E 419 13.40 -2.48 -39.88
C ILE E 419 13.51 -1.68 -41.15
N LEU E 420 12.47 -1.69 -41.94
CA LEU E 420 12.47 -0.95 -43.20
C LEU E 420 11.45 0.15 -43.23
N THR E 421 11.75 1.18 -43.97
CA THR E 421 10.81 2.25 -44.20
C THR E 421 10.52 2.33 -45.67
N ARG E 422 9.25 2.26 -46.05
CA ARG E 422 8.93 2.35 -47.47
C ARG E 422 8.79 3.81 -47.78
N ASP E 423 9.91 4.46 -47.90
CA ASP E 423 9.93 5.87 -48.07
C ASP E 423 9.47 6.25 -49.45
N GLY E 424 9.00 7.46 -49.56
CA GLY E 424 8.58 8.04 -50.80
C GLY E 424 7.06 8.01 -50.93
N GLY E 425 6.43 9.18 -50.87
CA GLY E 425 4.98 9.29 -50.99
C GLY E 425 4.58 9.36 -52.46
N SER E 426 5.07 8.40 -53.23
CA SER E 426 4.86 8.32 -54.66
C SER E 426 3.43 7.96 -55.00
N THR E 427 2.88 8.58 -56.03
CA THR E 427 1.52 8.29 -56.46
C THR E 427 1.43 7.54 -57.78
N ASN E 428 2.49 7.60 -58.57
CA ASN E 428 2.52 6.96 -59.87
C ASN E 428 3.88 6.39 -60.13
N SER E 429 4.08 5.14 -59.77
CA SER E 429 5.38 4.52 -59.91
C SER E 429 5.28 3.03 -60.05
N THR E 430 6.24 2.48 -60.76
CA THR E 430 6.37 1.06 -60.92
C THR E 430 7.51 0.54 -60.05
N THR E 431 8.14 1.46 -59.32
CA THR E 431 9.27 1.20 -58.44
C THR E 431 9.05 1.72 -57.03
N GLU E 432 9.36 0.88 -56.05
CA GLU E 432 9.28 1.22 -54.63
C GLU E 432 10.67 1.22 -54.02
N THR E 433 10.92 2.11 -53.08
CA THR E 433 12.23 2.17 -52.42
C THR E 433 12.15 1.94 -50.93
N PHE E 434 12.97 1.04 -50.46
CA PHE E 434 13.01 0.75 -49.04
C PHE E 434 14.32 1.19 -48.44
N ARG E 435 14.25 1.80 -47.28
CA ARG E 435 15.45 2.26 -46.61
C ARG E 435 15.47 1.71 -45.19
N PRO E 436 16.60 1.52 -44.55
CA PRO E 436 16.68 1.16 -43.16
C PRO E 436 16.01 2.19 -42.30
N GLY E 437 15.31 1.75 -41.27
CA GLY E 437 14.65 2.65 -40.33
C GLY E 437 14.91 2.25 -38.89
N GLY E 438 14.13 2.78 -37.97
CA GLY E 438 14.32 2.43 -36.56
C GLY E 438 14.76 3.59 -35.70
N GLY E 439 15.14 3.27 -34.46
CA GLY E 439 15.51 4.22 -33.43
C GLY E 439 14.50 4.27 -32.29
N ASP E 440 13.27 3.85 -32.56
CA ASP E 440 12.25 3.78 -31.55
C ASP E 440 12.28 2.39 -31.01
N MET E 441 12.77 2.24 -29.82
CA MET E 441 13.00 0.94 -29.25
C MET E 441 11.80 0.09 -29.05
N ARG E 442 10.63 0.68 -29.03
CA ARG E 442 9.46 -0.13 -28.82
C ARG E 442 9.26 -1.05 -29.99
N ASP E 443 9.85 -0.76 -31.14
CA ASP E 443 9.69 -1.62 -32.27
C ASP E 443 10.47 -2.90 -32.09
N ASN E 444 11.58 -2.88 -31.35
CA ASN E 444 12.32 -4.11 -31.25
C ASN E 444 11.62 -5.04 -30.32
N TRP E 445 11.06 -4.49 -29.27
CA TRP E 445 10.41 -5.30 -28.32
C TRP E 445 9.21 -5.75 -28.94
N ARG E 446 8.48 -4.98 -29.71
CA ARG E 446 7.27 -5.40 -30.33
C ARG E 446 7.57 -6.59 -31.22
N SER E 447 8.74 -6.59 -31.85
CA SER E 447 9.12 -7.69 -32.72
C SER E 447 9.14 -9.00 -31.98
N GLU E 448 9.68 -9.02 -30.76
CA GLU E 448 9.68 -10.25 -29.96
C GLU E 448 8.35 -10.62 -29.28
N LEU E 449 7.58 -9.64 -28.85
CA LEU E 449 6.34 -9.85 -28.12
C LEU E 449 5.07 -9.98 -28.94
N TYR E 450 5.20 -10.00 -30.24
CA TYR E 450 4.07 -10.03 -31.15
C TYR E 450 3.11 -11.18 -30.97
N LYS E 451 3.55 -12.27 -30.40
CA LYS E 451 2.71 -13.43 -30.27
C LYS E 451 2.00 -13.50 -28.94
N TYR E 452 2.19 -12.52 -28.06
CA TYR E 452 1.54 -12.63 -26.76
C TYR E 452 0.43 -11.63 -26.51
N LYS E 453 -0.58 -12.07 -25.78
CA LYS E 453 -1.69 -11.24 -25.35
C LYS E 453 -2.02 -11.44 -23.89
N VAL E 454 -2.38 -10.39 -23.17
CA VAL E 454 -2.75 -10.56 -21.77
C VAL E 454 -4.24 -10.46 -21.56
N VAL E 455 -4.81 -11.48 -20.90
CA VAL E 455 -6.23 -11.44 -20.65
C VAL E 455 -6.53 -11.64 -19.19
N LYS E 456 -7.69 -11.17 -18.79
CA LYS E 456 -8.20 -11.33 -17.45
C LYS E 456 -9.16 -12.46 -17.41
N ILE E 457 -9.04 -13.30 -16.41
CA ILE E 457 -9.93 -14.44 -16.30
C ILE E 457 -11.17 -14.00 -15.57
N GLU E 458 -12.32 -14.34 -16.12
CA GLU E 458 -13.60 -13.97 -15.53
C GLU E 458 -14.41 -15.21 -15.17
N PRO E 459 -14.14 -15.85 -14.03
CA PRO E 459 -14.65 -17.14 -13.63
C PRO E 459 -16.10 -17.19 -13.26
N LEU E 460 -16.77 -16.09 -13.08
CA LEU E 460 -18.15 -16.16 -12.65
C LEU E 460 -19.11 -15.94 -13.80
N GLY E 461 -20.15 -16.75 -13.89
CA GLY E 461 -21.14 -16.55 -14.95
C GLY E 461 -22.43 -17.32 -14.71
N VAL E 462 -23.43 -17.08 -15.55
CA VAL E 462 -24.71 -17.73 -15.38
C VAL E 462 -25.21 -18.35 -16.65
N ALA E 463 -26.13 -19.31 -16.54
CA ALA E 463 -26.78 -19.95 -17.68
C ALA E 463 -28.08 -20.61 -17.22
N PRO E 464 -29.11 -20.78 -18.06
CA PRO E 464 -30.33 -21.48 -17.73
C PRO E 464 -30.16 -22.97 -17.61
N THR E 465 -30.80 -23.55 -16.61
CA THR E 465 -30.85 -24.99 -16.43
C THR E 465 -32.22 -25.37 -15.94
N ARG E 466 -32.44 -26.64 -15.71
CA ARG E 466 -33.71 -27.09 -15.16
C ARG E 466 -33.75 -27.23 -13.61
N CYS E 467 -32.67 -26.81 -12.91
CA CYS E 467 -32.45 -26.96 -11.48
C CYS E 467 -33.01 -25.78 -10.67
N LYS E 468 -33.90 -26.05 -9.74
CA LYS E 468 -34.45 -24.96 -8.96
C LYS E 468 -34.18 -25.13 -7.48
N ARG E 469 -33.83 -24.02 -6.78
CA ARG E 469 -33.66 -23.86 -5.32
C ARG E 469 -32.63 -22.78 -5.07
N VAL F 1 -5.42 -37.73 -17.09
CA VAL F 1 -6.04 -37.34 -18.36
C VAL F 1 -6.82 -35.99 -18.29
N SER F 2 -6.43 -35.11 -17.34
CA SER F 2 -7.02 -33.79 -17.10
C SER F 2 -6.58 -32.75 -18.10
N LEU F 3 -7.30 -31.64 -18.11
CA LEU F 3 -6.95 -30.51 -18.93
C LEU F 3 -6.29 -29.48 -18.05
N GLY F 4 -5.54 -28.57 -18.63
CA GLY F 4 -4.87 -27.56 -17.83
C GLY F 4 -5.77 -26.40 -17.51
N PHE F 5 -5.17 -25.30 -17.08
CA PHE F 5 -5.90 -24.16 -16.58
C PHE F 5 -7.04 -23.66 -17.45
N LEU F 6 -6.85 -23.42 -18.71
CA LEU F 6 -7.98 -23.02 -19.54
C LEU F 6 -8.23 -24.06 -20.57
N GLY F 7 -7.85 -25.28 -20.29
CA GLY F 7 -7.93 -26.34 -21.27
C GLY F 7 -9.33 -26.63 -21.79
N ALA F 8 -10.34 -26.37 -21.01
CA ALA F 8 -11.69 -26.63 -21.47
C ALA F 8 -12.21 -25.51 -22.33
N ALA F 9 -11.48 -24.43 -22.46
CA ALA F 9 -12.01 -23.35 -23.27
C ALA F 9 -12.18 -23.88 -24.66
N GLY F 10 -13.27 -23.57 -25.28
CA GLY F 10 -13.52 -24.02 -26.65
C GLY F 10 -14.39 -25.28 -26.65
N SER F 11 -14.50 -25.96 -25.51
CA SER F 11 -15.34 -27.14 -25.42
C SER F 11 -16.71 -26.62 -25.14
N THR F 12 -17.72 -27.45 -25.21
CA THR F 12 -19.03 -26.93 -24.99
C THR F 12 -19.29 -26.67 -23.54
N MET F 13 -20.33 -25.90 -23.25
CA MET F 13 -20.64 -25.54 -21.88
C MET F 13 -20.87 -26.75 -21.01
N GLY F 14 -21.52 -27.76 -21.55
CA GLY F 14 -21.82 -28.95 -20.78
C GLY F 14 -20.59 -29.79 -20.48
N ALA F 15 -19.49 -29.56 -21.19
CA ALA F 15 -18.28 -30.30 -20.96
C ALA F 15 -17.39 -29.55 -20.01
N ALA F 16 -17.33 -28.24 -20.22
CA ALA F 16 -16.49 -27.34 -19.47
C ALA F 16 -16.93 -27.24 -18.04
N SER F 17 -18.20 -27.52 -17.77
CA SER F 17 -18.70 -27.49 -16.42
C SER F 17 -18.05 -28.55 -15.54
N MET F 18 -17.32 -29.49 -16.13
CA MET F 18 -16.67 -30.53 -15.37
C MET F 18 -15.26 -30.15 -14.91
N THR F 19 -14.77 -28.97 -15.25
CA THR F 19 -13.41 -28.57 -14.89
C THR F 19 -13.41 -27.34 -14.01
N LEU F 20 -14.50 -27.06 -13.33
CA LEU F 20 -14.58 -25.84 -12.57
C LEU F 20 -13.49 -25.73 -11.50
N THR F 21 -13.02 -26.85 -10.95
CA THR F 21 -11.98 -26.77 -9.94
C THR F 21 -10.64 -26.46 -10.57
N VAL F 22 -10.49 -26.72 -11.85
CA VAL F 22 -9.25 -26.49 -12.53
C VAL F 22 -9.03 -25.01 -12.63
N GLN F 23 -10.10 -24.31 -12.98
CA GLN F 23 -9.96 -22.88 -13.06
C GLN F 23 -9.97 -22.24 -11.68
N ALA F 24 -10.81 -22.72 -10.77
CA ALA F 24 -10.89 -22.09 -9.45
C ALA F 24 -9.59 -22.16 -8.68
N ARG F 25 -8.84 -23.25 -8.80
CA ARG F 25 -7.62 -23.42 -8.04
C ARG F 25 -6.49 -22.54 -8.50
N ASN F 26 -6.60 -21.90 -9.64
CA ASN F 26 -5.53 -21.05 -10.08
C ASN F 26 -5.80 -19.59 -9.80
N LEU F 27 -6.89 -19.30 -9.15
CA LEU F 27 -7.16 -17.94 -8.80
C LEU F 27 -6.29 -17.82 -7.58
N LEU F 28 -5.73 -16.66 -7.30
CA LEU F 28 -4.78 -16.51 -6.19
C LEU F 28 -3.46 -17.33 -6.35
N SER F 29 -3.19 -17.90 -7.56
CA SER F 29 -1.98 -18.67 -7.88
C SER F 29 -1.79 -18.67 -9.40
N THR F 52 14.88 0.91 -4.98
CA THR F 52 14.13 0.20 -5.99
C THR F 52 12.64 0.27 -5.76
N HIS F 53 12.02 0.95 -6.66
CA HIS F 53 10.62 1.00 -6.70
C HIS F 53 10.11 -0.12 -7.60
N TRP F 54 10.86 -1.22 -7.61
CA TRP F 54 10.63 -2.36 -8.47
C TRP F 54 9.97 -3.48 -7.83
N GLY F 55 9.78 -3.21 -6.59
CA GLY F 55 9.20 -4.06 -5.57
C GLY F 55 7.73 -3.75 -5.42
N ILE F 56 7.39 -2.48 -5.52
CA ILE F 56 5.99 -2.09 -5.45
C ILE F 56 5.23 -2.67 -6.59
N LYS F 57 5.86 -2.78 -7.73
CA LYS F 57 5.29 -3.40 -8.91
C LYS F 57 4.71 -4.70 -8.62
N GLN F 58 5.49 -5.45 -7.95
CA GLN F 58 5.15 -6.81 -7.58
C GLN F 58 4.12 -6.85 -6.46
N LEU F 59 4.24 -5.95 -5.51
CA LEU F 59 3.32 -5.94 -4.38
C LEU F 59 1.92 -5.53 -4.78
N GLN F 60 1.81 -4.58 -5.70
CA GLN F 60 0.49 -4.16 -6.15
C GLN F 60 -0.18 -5.28 -6.87
N ALA F 61 0.59 -6.05 -7.64
CA ALA F 61 0.00 -7.16 -8.35
C ALA F 61 -0.58 -8.18 -7.39
N ARG F 62 0.09 -8.41 -6.27
CA ARG F 62 -0.40 -9.35 -5.29
C ARG F 62 -1.69 -8.87 -4.65
N VAL F 63 -1.75 -7.58 -4.35
CA VAL F 63 -2.96 -7.05 -3.75
C VAL F 63 -4.11 -7.12 -4.71
N LEU F 64 -3.87 -6.81 -5.97
CA LEU F 64 -4.93 -6.81 -6.94
C LEU F 64 -5.53 -8.19 -7.08
N ALA F 65 -4.70 -9.23 -7.09
CA ALA F 65 -5.24 -10.57 -7.24
C ALA F 65 -6.19 -10.89 -6.10
N VAL F 66 -5.85 -10.43 -4.91
CA VAL F 66 -6.72 -10.66 -3.77
C VAL F 66 -8.00 -9.90 -3.89
N GLU F 67 -7.94 -8.65 -4.31
CA GLU F 67 -9.16 -7.89 -4.42
C GLU F 67 -10.11 -8.48 -5.42
N HIS F 68 -9.61 -8.98 -6.54
CA HIS F 68 -10.53 -9.54 -7.49
C HIS F 68 -11.16 -10.79 -6.97
N TYR F 69 -10.40 -11.61 -6.28
CA TYR F 69 -10.93 -12.82 -5.73
C TYR F 69 -12.07 -12.48 -4.79
N LEU F 70 -11.84 -11.53 -3.91
CA LEU F 70 -12.86 -11.21 -2.94
C LEU F 70 -14.09 -10.60 -3.55
N ARG F 71 -13.98 -9.85 -4.64
CA ARG F 71 -15.18 -9.27 -5.22
C ARG F 71 -16.11 -10.38 -5.71
N ASP F 72 -15.55 -11.43 -6.29
CA ASP F 72 -16.41 -12.51 -6.75
C ASP F 72 -17.00 -13.26 -5.59
N GLN F 73 -16.24 -13.38 -4.52
CA GLN F 73 -16.76 -14.07 -3.36
C GLN F 73 -17.88 -13.27 -2.72
N GLN F 74 -17.80 -11.95 -2.79
CA GLN F 74 -18.84 -11.13 -2.21
C GLN F 74 -20.13 -11.38 -2.93
N LEU F 75 -20.08 -11.53 -4.25
CA LEU F 75 -21.30 -11.77 -4.97
C LEU F 75 -21.88 -13.13 -4.66
N LEU F 76 -21.04 -14.14 -4.55
CA LEU F 76 -21.61 -15.43 -4.25
C LEU F 76 -22.24 -15.38 -2.88
N GLY F 77 -21.64 -14.63 -1.99
CA GLY F 77 -22.18 -14.49 -0.66
C GLY F 77 -23.58 -13.92 -0.66
N ILE F 78 -23.75 -12.76 -1.27
CA ILE F 78 -25.06 -12.13 -1.26
C ILE F 78 -26.11 -12.87 -2.07
N TRP F 79 -25.72 -13.71 -3.00
CA TRP F 79 -26.67 -14.50 -3.76
C TRP F 79 -26.99 -15.83 -3.08
N GLY F 80 -26.33 -16.13 -1.95
CA GLY F 80 -26.52 -17.41 -1.26
C GLY F 80 -25.81 -18.64 -1.86
N CYS F 81 -24.71 -18.43 -2.61
CA CYS F 81 -23.93 -19.44 -3.31
C CYS F 81 -22.50 -19.51 -2.76
N SER F 82 -22.31 -19.08 -1.54
CA SER F 82 -20.95 -18.98 -1.01
C SER F 82 -20.15 -20.25 -0.89
N GLY F 83 -20.79 -21.37 -0.68
CA GLY F 83 -20.02 -22.59 -0.50
C GLY F 83 -19.92 -23.48 -1.71
N LYS F 84 -20.32 -23.02 -2.90
CA LYS F 84 -20.36 -23.95 -4.01
C LYS F 84 -19.97 -23.44 -5.38
N LEU F 85 -19.49 -24.34 -6.23
CA LEU F 85 -19.12 -23.99 -7.59
C LEU F 85 -20.32 -23.97 -8.52
N ILE F 86 -21.33 -24.79 -8.22
CA ILE F 86 -22.56 -24.82 -9.03
C ILE F 86 -23.73 -24.51 -8.10
N CYS F 87 -24.44 -23.40 -8.31
CA CYS F 87 -25.51 -22.94 -7.42
C CYS F 87 -26.83 -22.73 -8.13
N CYS F 88 -27.82 -23.44 -7.67
CA CYS F 88 -29.14 -23.35 -8.25
C CYS F 88 -29.85 -22.24 -7.52
N THR F 89 -30.65 -21.46 -8.21
CA THR F 89 -31.33 -20.36 -7.57
C THR F 89 -32.82 -20.43 -7.82
N ASN F 90 -33.55 -19.44 -7.31
CA ASN F 90 -34.99 -19.35 -7.49
C ASN F 90 -35.40 -18.28 -8.49
N VAL F 91 -34.47 -17.79 -9.28
CA VAL F 91 -34.81 -16.78 -10.28
C VAL F 91 -35.06 -17.45 -11.61
N PRO F 92 -36.24 -17.28 -12.25
CA PRO F 92 -36.61 -17.89 -13.50
C PRO F 92 -35.82 -17.27 -14.62
N TRP F 93 -35.59 -18.02 -15.66
CA TRP F 93 -34.91 -17.52 -16.84
C TRP F 93 -35.91 -16.84 -17.76
N ASN F 94 -35.56 -15.65 -18.25
CA ASN F 94 -36.32 -14.85 -19.19
C ASN F 94 -35.87 -15.14 -20.64
N SER F 95 -36.84 -15.47 -21.54
CA SER F 95 -36.59 -15.74 -22.96
C SER F 95 -36.07 -14.51 -23.68
N SER F 96 -36.29 -13.36 -23.05
CA SER F 96 -35.80 -12.09 -23.54
C SER F 96 -34.29 -12.06 -23.49
N TRP F 97 -33.70 -12.61 -22.42
CA TRP F 97 -32.26 -12.58 -22.26
C TRP F 97 -31.65 -13.50 -23.29
N SER F 98 -32.28 -14.66 -23.47
CA SER F 98 -31.79 -15.58 -24.49
C SER F 98 -32.86 -16.54 -24.94
N ASN F 99 -33.29 -16.40 -26.18
CA ASN F 99 -34.34 -17.25 -26.72
C ASN F 99 -33.76 -18.48 -27.35
N ARG F 100 -33.22 -19.34 -26.53
CA ARG F 100 -32.60 -20.55 -27.02
C ARG F 100 -33.08 -21.74 -26.23
N ASN F 101 -33.05 -22.94 -26.83
CA ASN F 101 -33.37 -24.20 -26.16
C ASN F 101 -32.11 -24.68 -25.43
N LEU F 102 -32.28 -25.57 -24.41
CA LEU F 102 -31.16 -26.09 -23.64
C LEU F 102 -30.21 -26.94 -24.44
N SER F 103 -30.69 -27.67 -25.43
CA SER F 103 -29.73 -28.48 -26.14
C SER F 103 -28.81 -27.60 -26.95
N GLU F 104 -29.30 -26.47 -27.43
CA GLU F 104 -28.40 -25.60 -28.15
C GLU F 104 -27.41 -24.95 -27.21
N ILE F 105 -27.88 -24.52 -26.04
CA ILE F 105 -26.96 -23.83 -25.17
C ILE F 105 -25.90 -24.74 -24.61
N TRP F 106 -26.30 -25.87 -24.08
CA TRP F 106 -25.34 -26.71 -23.43
C TRP F 106 -24.49 -27.56 -24.36
N ASP F 107 -25.01 -27.96 -25.52
CA ASP F 107 -24.24 -28.79 -26.42
C ASP F 107 -23.58 -28.10 -27.61
N ASN F 108 -24.09 -26.97 -28.12
CA ASN F 108 -23.48 -26.37 -29.30
C ASN F 108 -22.79 -25.04 -29.06
N MET F 109 -22.58 -24.68 -27.80
CA MET F 109 -21.94 -23.41 -27.49
C MET F 109 -20.87 -23.58 -26.48
N THR F 110 -19.88 -22.70 -26.56
CA THR F 110 -18.81 -22.65 -25.58
C THR F 110 -19.13 -21.57 -24.58
N TRP F 111 -18.43 -21.50 -23.47
CA TRP F 111 -18.73 -20.45 -22.52
C TRP F 111 -18.37 -19.09 -23.04
N LEU F 112 -17.37 -19.00 -23.91
CA LEU F 112 -17.01 -17.70 -24.43
C LEU F 112 -18.13 -17.17 -25.30
N GLN F 113 -18.73 -18.04 -26.11
CA GLN F 113 -19.81 -17.60 -26.96
C GLN F 113 -21.01 -17.18 -26.15
N TRP F 114 -21.29 -17.94 -25.11
CA TRP F 114 -22.42 -17.65 -24.26
C TRP F 114 -22.24 -16.32 -23.61
N ASP F 115 -21.04 -16.06 -23.11
CA ASP F 115 -20.83 -14.80 -22.43
C ASP F 115 -21.15 -13.65 -23.35
N LYS F 116 -20.79 -13.77 -24.62
CA LYS F 116 -21.12 -12.67 -25.51
C LYS F 116 -22.63 -12.54 -25.72
N GLU F 117 -23.32 -13.67 -25.86
CA GLU F 117 -24.75 -13.65 -26.15
C GLU F 117 -25.58 -13.01 -25.07
N ILE F 118 -25.17 -13.14 -23.82
CA ILE F 118 -25.97 -12.53 -22.78
C ILE F 118 -25.26 -11.41 -22.07
N SER F 119 -24.24 -10.84 -22.65
CA SER F 119 -23.47 -9.82 -21.96
C SER F 119 -24.29 -8.64 -21.43
N ASN F 120 -25.25 -8.14 -22.23
CA ASN F 120 -26.06 -6.95 -21.92
C ASN F 120 -27.06 -7.16 -20.76
N TYR F 121 -27.29 -8.42 -20.31
CA TYR F 121 -28.27 -8.75 -19.30
C TYR F 121 -27.64 -9.18 -18.01
N THR F 122 -26.31 -9.13 -17.89
CA THR F 122 -25.77 -9.67 -16.65
C THR F 122 -26.08 -8.81 -15.47
N GLN F 123 -26.25 -7.52 -15.67
CA GLN F 123 -26.54 -6.70 -14.51
C GLN F 123 -27.95 -6.91 -14.06
N ILE F 124 -28.83 -7.24 -14.98
CA ILE F 124 -30.22 -7.47 -14.63
C ILE F 124 -30.28 -8.73 -13.83
N ILE F 125 -29.59 -9.75 -14.31
CA ILE F 125 -29.61 -11.01 -13.64
C ILE F 125 -29.01 -10.88 -12.27
N TYR F 126 -27.90 -10.18 -12.14
CA TYR F 126 -27.30 -10.06 -10.83
C TYR F 126 -28.23 -9.35 -9.88
N GLY F 127 -28.93 -8.32 -10.34
CA GLY F 127 -29.85 -7.65 -9.45
C GLY F 127 -30.95 -8.58 -8.97
N LEU F 128 -31.46 -9.42 -9.86
CA LEU F 128 -32.51 -10.34 -9.46
C LEU F 128 -32.00 -11.38 -8.49
N LEU F 129 -30.79 -11.86 -8.66
CA LEU F 129 -30.29 -12.86 -7.76
C LEU F 129 -30.17 -12.31 -6.36
N GLU F 130 -29.70 -11.07 -6.25
CA GLU F 130 -29.57 -10.40 -4.96
C GLU F 130 -30.91 -10.23 -4.28
N GLU F 131 -31.92 -9.83 -5.05
CA GLU F 131 -33.23 -9.60 -4.48
C GLU F 131 -33.86 -10.88 -4.00
N SER F 132 -33.71 -11.94 -4.76
CA SER F 132 -34.30 -13.18 -4.37
C SER F 132 -33.70 -13.68 -3.09
N GLN F 133 -32.37 -13.60 -2.96
CA GLN F 133 -31.77 -14.08 -1.74
C GLN F 133 -32.17 -13.25 -0.56
N ASN F 134 -32.32 -11.95 -0.72
CA ASN F 134 -32.69 -11.17 0.44
C ASN F 134 -34.07 -11.58 0.93
N GLN F 135 -35.00 -11.82 0.01
CA GLN F 135 -36.32 -12.21 0.47
C GLN F 135 -36.27 -13.56 1.12
N GLN F 136 -35.46 -14.46 0.58
CA GLN F 136 -35.37 -15.77 1.14
C GLN F 136 -34.86 -15.75 2.54
N GLU F 137 -33.84 -14.93 2.83
CA GLU F 137 -33.35 -14.95 4.19
C GLU F 137 -34.37 -14.44 5.15
N LYS F 138 -35.12 -13.43 4.75
CA LYS F 138 -36.12 -12.94 5.67
C LYS F 138 -37.19 -13.99 5.92
N ASN F 139 -37.58 -14.72 4.90
CA ASN F 139 -38.62 -15.71 5.12
C ASN F 139 -38.14 -16.81 6.03
N GLU F 140 -36.87 -17.19 5.93
CA GLU F 140 -36.37 -18.24 6.79
C GLU F 140 -36.42 -17.77 8.23
N GLN F 141 -36.07 -16.51 8.46
CA GLN F 141 -36.08 -15.97 9.79
C GLN F 141 -37.47 -16.01 10.38
N ASP F 142 -38.48 -15.67 9.58
CA ASP F 142 -39.80 -15.69 10.14
C ASP F 142 -40.27 -17.11 10.45
N LEU F 143 -39.94 -18.07 9.62
CA LEU F 143 -40.42 -19.40 9.90
C LEU F 143 -39.83 -19.93 11.17
N LEU F 144 -38.57 -19.65 11.41
CA LEU F 144 -37.97 -20.11 12.63
C LEU F 144 -38.60 -19.45 13.83
N ALA F 145 -38.93 -18.18 13.73
CA ALA F 145 -39.56 -17.51 14.85
C ALA F 145 -40.92 -18.12 15.16
N LEU F 146 -41.66 -18.52 14.14
CA LEU F 146 -42.97 -19.12 14.40
C LEU F 146 -42.91 -20.47 15.11
N ASP F 147 -41.94 -21.35 14.73
CA ASP F 147 -41.73 -22.68 15.30
C ASP F 147 -41.29 -22.54 16.76
N UNK G 1 -54.03 -6.14 -0.96
CA UNK G 1 -54.52 -4.76 -0.94
C UNK G 1 -56.06 -4.74 -0.99
N UNK G 2 -56.63 -5.48 -1.95
CA UNK G 2 -58.05 -5.63 -2.21
C UNK G 2 -58.31 -7.04 -2.69
N UNK G 3 -57.91 -8.01 -1.89
CA UNK G 3 -58.09 -9.41 -2.21
C UNK G 3 -59.54 -9.78 -2.06
N UNK G 4 -59.97 -10.82 -2.75
CA UNK G 4 -61.36 -11.26 -2.60
C UNK G 4 -61.52 -12.75 -2.77
N UNK G 5 -62.31 -13.36 -1.89
CA UNK G 5 -62.52 -14.80 -1.97
C UNK G 5 -63.47 -15.18 -3.08
N UNK G 6 -63.32 -16.41 -3.56
CA UNK G 6 -64.22 -17.05 -4.50
C UNK G 6 -64.24 -18.55 -4.20
N UNK G 7 -65.34 -19.25 -4.46
CA UNK G 7 -65.33 -20.67 -4.15
C UNK G 7 -66.31 -21.49 -4.95
N UNK G 8 -66.04 -22.80 -5.03
CA UNK G 8 -66.95 -23.71 -5.66
C UNK G 8 -67.95 -24.16 -4.62
N UNK G 9 -69.19 -24.36 -5.02
CA UNK G 9 -70.17 -24.91 -4.09
C UNK G 9 -69.98 -26.40 -3.97
N UNK G 10 -70.24 -26.95 -2.80
CA UNK G 10 -70.23 -28.39 -2.58
C UNK G 10 -71.11 -28.70 -1.39
N UNK G 11 -71.66 -29.90 -1.36
CA UNK G 11 -72.45 -30.36 -0.24
C UNK G 11 -72.55 -31.86 -0.27
N UNK G 12 -72.84 -32.44 0.90
CA UNK G 12 -73.13 -33.86 1.08
C UNK G 12 -71.93 -34.76 0.81
N UNK G 13 -71.53 -34.84 -0.45
CA UNK G 13 -70.37 -35.64 -0.81
C UNK G 13 -69.15 -34.89 -0.37
N UNK G 14 -68.22 -35.57 0.26
CA UNK G 14 -67.03 -34.88 0.72
C UNK G 14 -65.97 -34.75 -0.36
N UNK G 15 -66.33 -34.06 -1.43
CA UNK G 15 -65.50 -33.79 -2.60
C UNK G 15 -64.48 -32.73 -2.24
N UNK G 16 -63.36 -32.68 -2.92
CA UNK G 16 -62.39 -31.65 -2.52
C UNK G 16 -63.03 -30.27 -2.47
N UNK G 17 -62.71 -29.55 -1.41
CA UNK G 17 -63.27 -28.24 -1.16
C UNK G 17 -62.58 -27.15 -1.93
N UNK G 18 -62.78 -27.14 -3.23
CA UNK G 18 -62.09 -26.18 -4.07
C UNK G 18 -62.45 -24.76 -3.68
N UNK G 19 -61.43 -23.90 -3.66
CA UNK G 19 -61.57 -22.52 -3.29
C UNK G 19 -60.38 -21.75 -3.83
N UNK G 20 -60.55 -20.45 -3.99
CA UNK G 20 -59.49 -19.58 -4.45
C UNK G 20 -59.71 -18.16 -3.99
N UNK G 21 -58.68 -17.36 -4.04
CA UNK G 21 -58.84 -15.95 -3.73
C UNK G 21 -58.02 -15.11 -4.66
N UNK G 22 -58.62 -14.01 -5.07
CA UNK G 22 -57.95 -13.05 -5.90
C UNK G 22 -56.91 -12.34 -5.12
N UNK G 23 -55.76 -12.13 -5.74
CA UNK G 23 -54.69 -11.35 -5.13
C UNK G 23 -54.79 -9.94 -5.64
N UNK G 24 -54.18 -9.03 -4.95
CA UNK G 24 -54.17 -7.65 -5.37
C UNK G 24 -52.81 -7.07 -5.06
N UNK G 25 -52.42 -6.06 -5.80
CA UNK G 25 -51.13 -5.41 -5.61
C UNK G 25 -49.97 -6.43 -5.74
N UNK G 26 -49.14 -6.55 -4.70
CA UNK G 26 -47.98 -7.43 -4.78
C UNK G 26 -48.34 -8.88 -4.50
N UNK G 27 -48.99 -9.50 -5.48
CA UNK G 27 -49.50 -10.83 -5.36
C UNK G 27 -48.38 -11.78 -5.03
N UNK G 28 -48.65 -12.64 -4.05
CA UNK G 28 -47.73 -13.67 -3.61
C UNK G 28 -46.33 -13.13 -3.33
N UNK G 29 -46.22 -11.95 -2.69
CA UNK G 29 -44.94 -11.39 -2.30
C UNK G 29 -44.97 -11.01 -0.82
N UNK G 30 -45.82 -11.70 -0.09
CA UNK G 30 -46.04 -11.53 1.34
C UNK G 30 -46.58 -12.82 1.91
N UNK G 31 -46.44 -13.02 3.21
CA UNK G 31 -47.05 -14.21 3.82
C UNK G 31 -48.55 -14.00 3.86
N UNK G 32 -49.28 -15.09 3.78
CA UNK G 32 -50.73 -15.03 3.76
C UNK G 32 -51.32 -16.25 4.44
N UNK G 33 -52.59 -16.17 4.79
CA UNK G 33 -53.25 -17.23 5.51
C UNK G 33 -54.74 -17.28 5.24
N UNK G 34 -55.38 -18.35 5.70
CA UNK G 34 -56.82 -18.46 5.57
C UNK G 34 -57.42 -18.98 6.86
N UNK G 35 -58.67 -18.59 7.11
CA UNK G 35 -59.44 -18.97 8.30
C UNK G 35 -60.92 -18.99 7.99
N UNK G 36 -61.73 -19.64 8.84
CA UNK G 36 -63.17 -19.63 8.56
C UNK G 36 -64.06 -19.60 9.78
N UNK G 37 -65.21 -18.91 9.63
CA UNK G 37 -66.22 -18.82 10.69
C UNK G 37 -67.30 -19.87 10.56
N UNK G 38 -67.20 -20.89 11.40
CA UNK G 38 -68.08 -22.06 11.28
C UNK G 38 -69.31 -21.99 12.15
N UNK G 39 -69.19 -21.40 13.32
CA UNK G 39 -70.33 -21.43 14.23
C UNK G 39 -70.35 -20.22 15.11
N UNK G 40 -70.38 -19.05 14.50
CA UNK G 40 -70.27 -17.77 15.21
C UNK G 40 -68.96 -17.74 15.99
N UNK G 41 -68.00 -18.48 15.46
CA UNK G 41 -66.66 -18.64 15.97
C UNK G 41 -65.81 -18.98 14.78
N UNK G 42 -64.52 -18.67 14.86
CA UNK G 42 -63.64 -18.93 13.74
C UNK G 42 -62.30 -19.45 14.17
N UNK G 43 -61.65 -20.13 13.25
CA UNK G 43 -60.32 -20.64 13.52
C UNK G 43 -59.46 -20.71 12.30
N UNK G 44 -58.15 -20.63 12.55
CA UNK G 44 -57.15 -20.68 11.49
C UNK G 44 -57.22 -21.96 10.74
N UNK G 45 -57.04 -21.88 9.44
CA UNK G 45 -56.99 -23.07 8.64
C UNK G 45 -55.54 -23.42 8.35
N UNK G 46 -54.85 -22.44 7.78
CA UNK G 46 -53.49 -22.64 7.29
C UNK G 46 -52.79 -21.34 7.01
N UNK G 47 -51.48 -21.44 6.78
CA UNK G 47 -50.65 -20.30 6.43
C UNK G 47 -49.65 -20.69 5.37
N UNK G 48 -49.20 -19.72 4.60
CA UNK G 48 -48.22 -20.01 3.56
C UNK G 48 -47.29 -18.83 3.31
N UNK G 49 -46.15 -19.09 2.69
CA UNK G 49 -45.29 -17.96 2.38
C UNK G 49 -45.32 -17.65 0.95
N UNK G 50 -44.32 -16.89 0.49
CA UNK G 50 -44.13 -16.57 -0.93
C UNK G 50 -43.06 -17.52 -1.51
N UNK G 51 -42.37 -18.23 -0.62
CA UNK G 51 -41.33 -19.19 -0.94
C UNK G 51 -41.87 -20.60 -0.74
N UNK G 52 -43.20 -20.73 -0.81
CA UNK G 52 -43.96 -21.97 -0.64
C UNK G 52 -43.86 -22.66 0.73
N UNK G 53 -43.82 -21.86 1.79
CA UNK G 53 -43.79 -22.39 3.15
C UNK G 53 -45.20 -22.93 3.42
N UNK G 54 -45.33 -24.00 4.20
CA UNK G 54 -46.65 -24.57 4.39
C UNK G 54 -46.94 -25.04 5.80
N UNK G 55 -47.63 -24.20 6.57
CA UNK G 55 -47.99 -24.60 7.92
C UNK G 55 -49.51 -24.78 7.97
N UNK G 56 -50.01 -25.67 8.81
CA UNK G 56 -51.46 -25.80 8.88
C UNK G 56 -51.91 -26.17 10.28
N UNK G 57 -53.16 -25.86 10.59
CA UNK G 57 -53.69 -26.08 11.93
C UNK G 57 -54.15 -27.50 12.17
N UNK G 58 -53.20 -28.42 12.13
CA UNK G 58 -53.44 -29.84 12.36
C UNK G 58 -54.56 -30.42 11.51
N UNK G 59 -54.63 -30.04 10.24
CA UNK G 59 -55.65 -30.57 9.36
C UNK G 59 -55.03 -31.41 8.27
N UNK G 60 -55.32 -32.70 8.30
CA UNK G 60 -54.75 -33.65 7.35
C UNK G 60 -55.13 -33.34 5.91
N UNK G 61 -56.32 -32.80 5.73
CA UNK G 61 -56.86 -32.48 4.42
C UNK G 61 -56.41 -31.11 3.92
N UNK G 62 -55.61 -30.39 4.69
CA UNK G 62 -55.24 -29.05 4.29
C UNK G 62 -54.49 -29.04 2.98
N UNK G 63 -54.71 -27.98 2.22
CA UNK G 63 -54.03 -27.76 0.96
C UNK G 63 -53.83 -26.29 0.76
N UNK G 64 -52.78 -25.91 0.06
CA UNK G 64 -52.58 -24.52 -0.25
C UNK G 64 -51.71 -24.39 -1.48
N UNK G 65 -51.93 -23.34 -2.25
CA UNK G 65 -51.12 -23.03 -3.41
C UNK G 65 -51.18 -21.56 -3.73
N UNK G 66 -50.18 -21.05 -4.43
CA UNK G 66 -50.28 -19.67 -4.89
C UNK G 66 -49.34 -19.42 -6.04
N UNK G 67 -49.99 -18.95 -7.08
CA UNK G 67 -49.34 -18.79 -8.35
C UNK G 67 -49.00 -17.39 -8.52
N UNK G 68 -47.72 -17.15 -8.71
CA UNK G 68 -47.15 -15.82 -8.77
C UNK G 68 -47.75 -14.93 -9.82
N UNK G 69 -48.06 -15.50 -10.95
CA UNK G 69 -48.65 -14.80 -12.06
C UNK G 69 -50.16 -14.83 -12.08
N UNK G 70 -50.73 -15.76 -11.35
CA UNK G 70 -52.14 -15.95 -11.50
C UNK G 70 -52.88 -14.91 -10.70
N UNK G 71 -52.12 -14.08 -9.98
CA UNK G 71 -52.69 -13.15 -9.04
C UNK G 71 -53.62 -13.94 -8.17
N UNK G 72 -53.18 -15.08 -7.68
CA UNK G 72 -54.11 -15.87 -6.90
C UNK G 72 -53.50 -16.83 -5.92
N UNK G 73 -54.33 -17.15 -4.95
CA UNK G 73 -54.07 -18.17 -3.94
C UNK G 73 -55.17 -19.20 -4.05
N UNK G 74 -54.89 -20.43 -3.63
CA UNK G 74 -55.88 -21.48 -3.65
C UNK G 74 -55.70 -22.45 -2.51
N UNK G 75 -56.79 -23.10 -2.14
CA UNK G 75 -56.72 -24.06 -1.04
C UNK G 75 -57.79 -25.13 -1.10
N UNK G 76 -57.67 -26.10 -1.99
CA UNK G 76 -58.73 -27.10 -2.09
C UNK G 76 -58.53 -28.19 -1.08
N UNK G 77 -59.33 -28.21 -0.03
CA UNK G 77 -59.09 -29.22 0.99
C UNK G 77 -59.30 -30.58 0.35
N UNK G 78 -58.49 -31.55 0.74
CA UNK G 78 -58.54 -32.91 0.19
C UNK G 78 -59.91 -33.56 0.29
N UNK G 79 -60.64 -33.26 1.35
CA UNK G 79 -61.95 -33.84 1.54
C UNK G 79 -62.80 -32.77 2.15
N UNK G 80 -64.10 -32.87 1.94
CA UNK G 80 -64.99 -31.83 2.43
C UNK G 80 -66.26 -32.28 3.12
N UNK G 81 -66.15 -32.84 4.30
CA UNK G 81 -67.39 -33.23 4.95
C UNK G 81 -68.23 -31.96 5.04
N UNK G 82 -69.54 -32.08 4.80
CA UNK G 82 -70.45 -30.93 4.82
C UNK G 82 -70.49 -30.24 6.17
N UNK G 83 -70.14 -30.98 7.21
CA UNK G 83 -70.11 -30.51 8.58
C UNK G 83 -69.06 -29.41 8.76
N UNK G 84 -68.11 -29.36 7.83
CA UNK G 84 -67.03 -28.42 7.84
C UNK G 84 -67.40 -27.11 7.17
N UNK G 85 -68.62 -27.00 6.63
CA UNK G 85 -68.99 -25.77 5.94
C UNK G 85 -68.81 -24.58 6.87
N UNK G 86 -68.20 -23.52 6.35
CA UNK G 86 -67.92 -22.31 7.11
C UNK G 86 -67.71 -21.10 6.22
N UNK G 87 -67.91 -19.92 6.76
CA UNK G 87 -67.68 -18.71 5.99
C UNK G 87 -66.20 -18.37 5.93
N UNK G 88 -65.52 -19.08 5.05
CA UNK G 88 -64.09 -18.96 4.83
C UNK G 88 -63.70 -17.69 4.07
N UNK G 89 -62.52 -17.16 4.44
CA UNK G 89 -61.93 -16.00 3.79
C UNK G 89 -60.41 -16.02 3.87
N UNK G 90 -59.80 -15.43 2.85
CA UNK G 90 -58.36 -15.23 2.77
C UNK G 90 -57.92 -14.03 3.59
N UNK G 91 -56.67 -14.01 4.03
CA UNK G 91 -56.13 -12.85 4.74
C UNK G 91 -54.63 -12.66 4.53
N UNK G 92 -54.19 -11.41 4.64
CA UNK G 92 -52.77 -11.08 4.54
C UNK G 92 -52.18 -11.06 5.93
N UNK G 93 -50.94 -11.52 6.07
CA UNK G 93 -50.28 -11.46 7.37
C UNK G 93 -49.52 -10.14 7.50
N UNK G 94 -49.53 -9.55 8.68
CA UNK G 94 -48.81 -8.31 8.93
C UNK G 94 -47.39 -8.52 9.38
N UNK G 95 -46.59 -7.50 9.16
CA UNK G 95 -45.26 -7.40 9.71
C UNK G 95 -44.44 -8.67 9.61
N UNK G 96 -44.03 -9.19 10.77
CA UNK G 96 -43.18 -10.36 10.84
C UNK G 96 -43.35 -11.14 12.12
N UNK G 97 -43.09 -12.44 12.03
CA UNK G 97 -43.02 -13.25 13.24
C UNK G 97 -41.83 -12.78 14.04
N UNK G 98 -40.77 -12.49 13.34
CA UNK G 98 -39.59 -11.95 13.95
C UNK G 98 -40.00 -10.59 14.42
N UNK G 99 -39.46 -10.14 15.51
CA UNK G 99 -39.83 -8.84 16.07
C UNK G 99 -41.30 -8.82 16.58
N UNK G 100 -41.96 -9.98 16.61
CA UNK G 100 -43.28 -10.20 17.21
C UNK G 100 -44.41 -9.27 16.82
N UNK G 101 -44.64 -9.00 15.57
CA UNK G 101 -45.75 -8.11 15.24
C UNK G 101 -46.65 -8.72 14.19
N UNK G 102 -46.74 -10.05 14.17
CA UNK G 102 -47.50 -10.76 13.14
C UNK G 102 -49.00 -10.82 13.37
N UNK G 103 -49.63 -9.67 13.32
CA UNK G 103 -51.07 -9.51 13.44
C UNK G 103 -51.71 -9.87 12.11
N UNK G 104 -52.97 -10.26 12.05
CA UNK G 104 -53.51 -10.34 10.69
C UNK G 104 -53.55 -8.91 10.17
N UNK G 105 -53.19 -8.69 8.91
CA UNK G 105 -53.20 -7.34 8.36
C UNK G 105 -54.53 -6.98 7.75
N UNK G 106 -55.08 -7.90 6.98
CA UNK G 106 -56.31 -7.59 6.28
C UNK G 106 -57.06 -8.84 5.93
N UNK G 107 -58.38 -8.75 5.95
CA UNK G 107 -59.16 -9.88 5.53
C UNK G 107 -59.89 -9.57 4.25
N UNK G 108 -59.92 -10.55 3.37
CA UNK G 108 -60.60 -10.51 2.10
C UNK G 108 -62.07 -10.72 2.32
N UNK G 109 -62.90 -10.19 1.43
CA UNK G 109 -64.30 -10.50 1.59
C UNK G 109 -64.47 -12.00 1.55
N UNK G 110 -65.31 -12.52 2.45
CA UNK G 110 -65.61 -13.95 2.53
C UNK G 110 -66.45 -14.37 1.37
N UNK G 111 -66.30 -15.62 0.94
CA UNK G 111 -67.13 -16.12 -0.16
C UNK G 111 -67.43 -17.58 0.00
N UNK G 112 -68.04 -17.97 1.09
CA UNK G 112 -68.25 -19.39 1.28
C UNK G 112 -69.39 -19.70 2.23
N UNK G 113 -69.90 -20.94 2.13
CA UNK G 113 -70.88 -21.55 3.00
C UNK G 113 -70.10 -22.30 4.07
N UNK H 1 -53.77 -26.01 21.72
CA UNK H 1 -52.57 -25.22 21.86
C UNK H 1 -52.96 -23.81 22.33
N UNK H 2 -52.60 -23.45 23.60
CA UNK H 2 -52.87 -22.15 24.23
C UNK H 2 -54.33 -21.75 24.13
N UNK H 3 -55.22 -22.68 24.48
CA UNK H 3 -56.64 -22.41 24.39
C UNK H 3 -56.97 -21.17 25.17
N UNK H 4 -57.85 -20.36 24.63
CA UNK H 4 -58.20 -19.11 25.29
C UNK H 4 -59.63 -18.76 25.04
N UNK H 5 -60.17 -17.97 25.95
CA UNK H 5 -61.53 -17.50 25.79
C UNK H 5 -61.73 -16.17 26.45
N UNK H 6 -62.62 -15.37 25.86
CA UNK H 6 -62.95 -14.09 26.42
C UNK H 6 -63.98 -14.20 27.52
N UNK H 7 -63.91 -13.23 28.40
CA UNK H 7 -64.80 -13.01 29.51
C UNK H 7 -66.13 -12.43 29.06
N UNK H 8 -67.14 -12.56 29.91
CA UNK H 8 -68.47 -11.97 29.76
C UNK H 8 -69.38 -12.61 28.74
N UNK H 9 -68.92 -12.72 27.50
CA UNK H 9 -69.68 -13.19 26.33
C UNK H 9 -70.70 -12.13 25.90
N UNK H 10 -71.52 -11.69 26.83
CA UNK H 10 -72.47 -10.66 26.54
C UNK H 10 -72.10 -9.37 27.26
N UNK H 11 -72.26 -8.27 26.55
CA UNK H 11 -72.03 -6.95 27.11
C UNK H 11 -73.01 -6.00 26.48
N UNK H 12 -73.28 -4.89 27.14
CA UNK H 12 -74.16 -3.90 26.53
C UNK H 12 -73.84 -2.53 27.06
N UNK H 13 -74.11 -1.51 26.27
CA UNK H 13 -73.92 -0.16 26.75
C UNK H 13 -74.85 0.85 26.15
N UNK H 14 -75.33 1.75 26.99
CA UNK H 14 -76.14 2.87 26.56
C UNK H 14 -75.26 4.03 26.17
N UNK H 15 -74.44 3.83 25.13
CA UNK H 15 -73.47 4.86 24.74
C UNK H 15 -72.71 5.28 26.00
N UNK H 16 -72.27 4.27 26.73
CA UNK H 16 -71.64 4.42 28.01
C UNK H 16 -70.34 5.14 27.93
N UNK H 17 -70.01 5.81 29.02
CA UNK H 17 -68.76 6.54 29.18
C UNK H 17 -67.55 5.61 29.17
N UNK H 18 -67.77 4.32 29.40
CA UNK H 18 -66.67 3.40 29.38
C UNK H 18 -67.17 2.03 29.08
N UNK H 19 -66.29 1.21 28.55
CA UNK H 19 -66.59 -0.19 28.32
C UNK H 19 -65.30 -0.99 28.45
N UNK H 20 -65.43 -2.26 28.79
CA UNK H 20 -64.24 -3.09 28.91
C UNK H 20 -64.55 -4.53 28.63
N UNK H 21 -63.49 -5.26 28.31
CA UNK H 21 -63.53 -6.67 28.00
C UNK H 21 -62.26 -7.31 28.49
N UNK H 22 -62.28 -8.60 28.64
CA UNK H 22 -61.10 -9.29 29.13
C UNK H 22 -61.03 -10.68 28.58
N UNK H 23 -59.85 -11.27 28.69
CA UNK H 23 -59.60 -12.63 28.21
C UNK H 23 -58.53 -13.30 29.04
N UNK H 24 -58.49 -14.60 28.97
CA UNK H 24 -57.48 -15.36 29.68
C UNK H 24 -57.13 -16.59 28.90
N UNK H 25 -55.98 -17.19 29.22
CA UNK H 25 -55.54 -18.34 28.46
C UNK H 25 -54.89 -19.44 29.27
N UNK H 26 -54.89 -20.61 28.63
CA UNK H 26 -54.32 -21.86 29.08
C UNK H 26 -52.80 -21.86 29.11
N UNK H 27 -52.20 -20.85 28.52
CA UNK H 27 -50.76 -20.78 28.44
C UNK H 27 -50.28 -19.35 28.56
N UNK H 28 -49.04 -19.22 28.98
CA UNK H 28 -48.42 -17.93 29.19
C UNK H 28 -47.91 -17.28 27.92
N UNK H 29 -48.84 -16.85 27.07
CA UNK H 29 -48.48 -16.21 25.80
C UNK H 29 -48.14 -14.77 26.07
N UNK H 30 -47.03 -14.56 26.75
CA UNK H 30 -46.66 -13.26 27.24
C UNK H 30 -46.44 -12.30 26.13
N UNK H 31 -47.13 -11.17 26.22
CA UNK H 31 -47.04 -10.09 25.26
C UNK H 31 -47.10 -10.62 23.85
N UNK H 32 -47.94 -11.61 23.61
CA UNK H 32 -48.01 -12.21 22.32
C UNK H 32 -49.45 -12.36 21.99
N UNK H 33 -50.08 -11.24 21.83
CA UNK H 33 -51.50 -11.20 21.62
C UNK H 33 -51.87 -10.09 20.71
N UNK H 34 -53.00 -10.27 20.08
CA UNK H 34 -53.55 -9.28 19.20
C UNK H 34 -55.03 -9.37 19.29
N UNK H 35 -55.71 -8.32 18.88
CA UNK H 35 -57.15 -8.39 18.90
C UNK H 35 -57.72 -7.82 17.63
N UNK H 36 -58.72 -8.51 17.13
CA UNK H 36 -59.43 -8.07 15.96
C UNK H 36 -60.79 -7.67 16.43
N UNK H 37 -61.42 -6.74 15.73
CA UNK H 37 -62.68 -6.25 16.23
C UNK H 37 -63.59 -5.68 15.19
N UNK H 38 -64.74 -5.29 15.68
CA UNK H 38 -65.81 -4.70 14.93
C UNK H 38 -66.32 -5.65 13.87
N UNK H 39 -66.47 -6.91 14.23
CA UNK H 39 -66.96 -7.91 13.31
C UNK H 39 -68.47 -7.86 13.22
N UNK H 40 -68.97 -6.80 12.62
CA UNK H 40 -70.40 -6.66 12.41
C UNK H 40 -71.03 -7.32 11.19
N UNK H 41 -70.50 -7.03 10.01
CA UNK H 41 -71.01 -7.61 8.77
C UNK H 41 -69.87 -8.14 7.89
N UNK H 42 -68.60 -7.93 8.27
CA UNK H 42 -67.50 -8.39 7.41
C UNK H 42 -66.15 -8.69 8.08
N UNK H 43 -65.94 -9.96 8.45
CA UNK H 43 -64.71 -10.46 9.04
C UNK H 43 -64.37 -9.58 10.23
N UNK H 44 -63.13 -9.10 10.33
CA UNK H 44 -62.77 -8.24 11.43
C UNK H 44 -61.55 -7.42 11.06
N UNK H 45 -61.38 -6.28 11.72
CA UNK H 45 -60.20 -5.46 11.48
C UNK H 45 -59.24 -5.60 12.63
N UNK H 46 -57.95 -5.43 12.42
CA UNK H 46 -57.10 -5.43 13.59
C UNK H 46 -57.43 -4.20 14.40
N UNK H 47 -57.53 -4.34 15.71
CA UNK H 47 -57.75 -3.20 16.58
C UNK H 47 -56.49 -2.86 17.34
N UNK H 48 -55.76 -3.90 17.71
CA UNK H 48 -54.55 -3.77 18.51
C UNK H 48 -53.59 -4.91 18.21
N UNK H 49 -52.31 -4.70 18.51
CA UNK H 49 -51.27 -5.71 18.28
C UNK H 49 -50.16 -5.66 19.30
N UNK H 50 -49.42 -6.75 19.45
CA UNK H 50 -48.30 -6.76 20.41
C UNK H 50 -48.78 -6.30 21.76
N UNK H 51 -49.88 -6.89 22.20
CA UNK H 51 -50.56 -6.66 23.46
C UNK H 51 -51.30 -5.35 23.52
N UNK H 52 -50.62 -4.23 23.37
CA UNK H 52 -51.32 -2.97 23.46
C UNK H 52 -50.94 -1.89 22.47
N UNK H 53 -50.45 -2.23 21.30
CA UNK H 53 -50.16 -1.20 20.33
C UNK H 53 -51.43 -0.95 19.58
N UNK H 54 -51.73 0.29 19.26
CA UNK H 54 -52.94 0.50 18.48
C UNK H 54 -52.72 0.12 17.05
N UNK H 55 -53.77 -0.37 16.41
CA UNK H 55 -53.74 -0.59 14.98
C UNK H 55 -53.68 0.79 14.34
N UNK H 56 -53.13 0.88 13.14
CA UNK H 56 -52.92 2.16 12.45
C UNK H 56 -54.15 3.03 12.28
N UNK H 57 -55.31 2.44 12.10
CA UNK H 57 -56.52 3.24 11.91
C UNK H 57 -57.49 2.99 13.05
N UNK H 58 -56.98 2.56 14.19
CA UNK H 58 -57.83 2.30 15.33
C UNK H 58 -58.38 3.60 15.85
N UNK H 59 -59.57 3.55 16.41
CA UNK H 59 -60.10 4.72 17.05
C UNK H 59 -59.24 5.02 18.24
N UNK H 60 -59.04 6.30 18.55
CA UNK H 60 -58.26 6.71 19.70
C UNK H 60 -58.90 6.26 21.00
N UNK H 61 -60.18 5.99 20.94
CA UNK H 61 -60.96 5.55 22.07
C UNK H 61 -60.54 4.17 22.54
N UNK H 62 -59.90 3.38 21.68
CA UNK H 62 -59.54 2.02 22.03
C UNK H 62 -58.27 1.99 22.88
N UNK H 63 -58.22 1.04 23.80
CA UNK H 63 -57.06 0.84 24.66
C UNK H 63 -56.90 -0.61 25.05
N UNK H 64 -55.70 -1.02 25.45
CA UNK H 64 -55.49 -2.41 25.84
C UNK H 64 -54.36 -2.60 26.83
N UNK H 65 -54.38 -3.74 27.50
CA UNK H 65 -53.37 -4.13 28.46
C UNK H 65 -53.24 -5.65 28.50
N UNK H 66 -52.09 -6.15 28.96
CA UNK H 66 -51.93 -7.61 29.02
C UNK H 66 -50.89 -8.06 30.01
N UNK H 67 -50.97 -9.35 30.33
CA UNK H 67 -50.06 -10.06 31.19
C UNK H 67 -50.01 -11.48 30.68
N UNK H 68 -49.02 -12.25 31.03
CA UNK H 68 -49.11 -13.59 30.50
C UNK H 68 -50.36 -14.27 31.01
N UNK H 69 -51.03 -14.96 30.11
CA UNK H 69 -52.25 -15.73 30.34
C UNK H 69 -53.42 -14.88 30.84
N UNK H 70 -53.36 -13.57 30.60
CA UNK H 70 -54.43 -12.63 30.95
C UNK H 70 -54.43 -11.43 30.01
N UNK H 71 -55.58 -10.86 29.78
CA UNK H 71 -55.64 -9.68 28.94
C UNK H 71 -56.83 -8.81 29.22
N UNK H 72 -56.76 -7.56 28.80
CA UNK H 72 -57.85 -6.63 28.93
C UNK H 72 -57.93 -5.69 27.75
N UNK H 73 -59.12 -5.18 27.50
CA UNK H 73 -59.37 -4.22 26.45
C UNK H 73 -60.37 -3.22 26.94
N UNK H 74 -60.32 -2.01 26.40
CA UNK H 74 -61.24 -1.00 26.85
C UNK H 74 -61.55 0.04 25.83
N UNK H 75 -62.65 0.73 26.06
CA UNK H 75 -63.01 1.83 25.22
C UNK H 75 -63.36 3.04 26.06
N UNK H 76 -62.96 4.20 25.56
CA UNK H 76 -63.24 5.51 26.15
C UNK H 76 -64.71 5.86 26.11
N UNK H 77 -65.42 5.27 25.19
CA UNK H 77 -66.84 5.47 25.08
C UNK H 77 -67.40 4.35 24.24
N UNK H 78 -68.63 3.97 24.51
CA UNK H 78 -69.31 3.02 23.64
C UNK H 78 -69.95 3.83 22.53
N UNK H 79 -69.10 4.37 21.70
CA UNK H 79 -69.45 5.30 20.65
C UNK H 79 -70.33 4.63 19.65
N UNK H 80 -71.08 5.42 18.91
CA UNK H 80 -71.94 4.86 17.90
C UNK H 80 -71.10 4.08 16.91
N UNK H 81 -71.69 3.03 16.37
CA UNK H 81 -71.04 2.13 15.41
C UNK H 81 -69.83 1.44 16.01
N UNK H 82 -69.96 1.04 17.27
CA UNK H 82 -68.92 0.32 17.97
C UNK H 82 -69.57 -0.73 18.85
N UNK H 83 -70.33 -1.63 18.25
CA UNK H 83 -71.08 -2.64 18.99
C UNK H 83 -71.14 -3.95 18.22
N UNK H 84 -70.05 -4.70 18.26
CA UNK H 84 -69.92 -5.93 17.49
C UNK H 84 -68.91 -6.82 18.17
N UNK H 85 -68.86 -8.07 17.76
CA UNK H 85 -67.92 -9.00 18.35
C UNK H 85 -66.49 -8.59 18.15
N UNK H 86 -65.69 -8.88 19.17
CA UNK H 86 -64.26 -8.64 19.13
C UNK H 86 -63.57 -9.82 19.76
N UNK H 87 -62.38 -10.20 19.27
CA UNK H 87 -61.72 -11.39 19.83
C UNK H 87 -60.21 -11.35 19.82
N UNK H 88 -59.64 -12.01 20.83
CA UNK H 88 -58.20 -12.17 21.01
C UNK H 88 -57.60 -13.30 20.17
N UNK H 89 -56.31 -13.18 19.85
CA UNK H 89 -55.54 -14.24 19.20
C UNK H 89 -54.17 -14.36 19.84
N UNK H 90 -53.58 -15.56 19.83
CA UNK H 90 -52.29 -15.79 20.45
C UNK H 90 -51.17 -15.88 19.44
N UNK H 91 -50.27 -14.92 19.47
CA UNK H 91 -49.20 -14.86 18.49
C UNK H 91 -48.15 -15.91 18.81
N UNK H 92 -48.22 -16.44 20.02
CA UNK H 92 -47.31 -17.44 20.50
C UNK H 92 -47.85 -18.85 20.29
N UNK H 93 -49.04 -18.97 19.72
CA UNK H 93 -49.64 -20.31 19.65
C UNK H 93 -49.48 -21.02 18.34
N UNK H 94 -49.30 -22.32 18.43
CA UNK H 94 -49.39 -23.10 17.24
C UNK H 94 -50.82 -22.99 16.82
N UNK H 95 -51.04 -22.82 15.55
CA UNK H 95 -52.35 -22.71 14.96
C UNK H 95 -53.17 -21.49 15.44
N UNK H 96 -52.53 -20.43 15.98
CA UNK H 96 -53.16 -19.14 16.35
C UNK H 96 -54.17 -19.14 17.52
N UNK H 97 -55.05 -20.13 17.55
CA UNK H 97 -56.01 -20.23 18.61
C UNK H 97 -56.84 -18.98 18.78
N UNK H 98 -57.41 -18.45 17.70
CA UNK H 98 -58.25 -17.28 17.90
C UNK H 98 -59.32 -17.68 18.89
N UNK H 99 -59.55 -16.83 19.87
CA UNK H 99 -60.49 -17.05 20.95
C UNK H 99 -61.93 -16.83 20.57
N UNK H 100 -62.83 -17.55 21.23
CA UNK H 100 -64.24 -17.25 21.11
C UNK H 100 -64.44 -15.98 21.89
N UNK H 101 -65.34 -15.10 21.45
CA UNK H 101 -65.43 -13.89 22.23
C UNK H 101 -66.75 -13.14 22.16
N UNK H 102 -66.87 -12.25 23.13
CA UNK H 102 -67.98 -11.38 23.42
C UNK H 102 -68.26 -10.30 22.42
N UNK H 103 -69.53 -9.87 22.43
CA UNK H 103 -70.02 -8.76 21.64
C UNK H 103 -70.88 -7.85 22.47
N UNK H 104 -70.80 -6.55 22.19
CA UNK H 104 -71.61 -5.58 22.87
C UNK H 104 -72.90 -5.32 22.14
N UNK H 105 -73.95 -5.13 22.92
CA UNK H 105 -75.28 -4.78 22.46
C UNK H 105 -75.62 -3.35 22.85
N UNK H 106 -76.61 -2.78 22.19
CA UNK H 106 -77.05 -1.46 22.60
C UNK H 106 -77.74 -1.55 23.97
N UNK H 107 -77.55 -0.51 24.82
CA UNK H 107 -78.17 -0.31 26.15
C UNK H 107 -77.61 -1.27 27.17
C1 NAG I . 44.99 4.55 1.03
C2 NAG I . 45.43 3.15 0.42
C3 NAG I . 45.92 2.24 1.59
C4 NAG I . 47.11 2.92 2.35
C5 NAG I . 46.63 4.32 2.87
C6 NAG I . 47.73 5.12 3.57
C7 NAG I . 44.10 2.35 -1.53
C8 NAG I . 42.83 1.79 -2.08
N2 NAG I . 44.22 2.57 -0.21
O3 NAG I . 46.38 0.99 1.03
O4 NAG I . 47.40 2.15 3.54
O5 NAG I . 46.13 5.15 1.75
O6 NAG I . 48.93 5.24 2.79
O7 NAG I . 45.02 2.63 -2.31
C1 NAG I . 48.72 1.40 3.57
C2 NAG I . 49.05 1.07 5.08
C3 NAG I . 50.40 0.28 5.13
C4 NAG I . 50.29 -1.02 4.25
C5 NAG I . 49.94 -0.60 2.77
C6 NAG I . 49.74 -1.80 1.84
C7 NAG I . 48.53 2.64 6.96
C8 NAG I . 48.73 3.99 7.63
N2 NAG I . 49.19 2.36 5.83
O3 NAG I . 50.69 -0.10 6.49
O4 NAG I . 51.55 -1.70 4.27
O5 NAG I . 48.68 0.19 2.77
O6 NAG I . 48.71 -2.69 2.29
O7 NAG I . 47.75 1.84 7.48
C1 NAG J . 25.54 -0.11 29.17
C2 NAG J . 26.03 0.95 28.11
C3 NAG J . 26.38 2.27 28.87
C4 NAG J . 25.12 2.79 29.64
C5 NAG J . 24.68 1.68 30.64
C6 NAG J . 23.42 2.01 31.44
C7 NAG J . 27.49 0.59 26.12
C8 NAG J . 28.71 -0.01 25.51
N2 NAG J . 27.22 0.40 27.43
O3 NAG J . 26.82 3.26 27.93
O4 NAG J . 25.46 4.01 30.37
O5 NAG J . 24.40 0.43 29.90
O6 NAG J . 22.28 2.33 30.64
O7 NAG J . 26.73 1.27 25.42
C1 NAG J . 24.62 5.23 30.06
C2 NAG J . 24.59 6.20 31.30
C3 NAG J . 23.69 7.43 30.92
C4 NAG J . 24.28 8.15 29.65
C5 NAG J . 24.32 7.11 28.48
C6 NAG J . 24.94 7.67 27.20
C7 NAG J . 24.66 5.31 33.62
C8 NAG J . 23.98 4.60 34.76
N2 NAG J . 24.00 5.51 32.47
O3 NAG J . 23.67 8.31 32.05
O4 NAG J . 23.46 9.27 29.24
O5 NAG J . 25.13 5.93 28.88
O6 NAG J . 26.29 8.10 27.41
O7 NAG J . 25.82 5.73 33.78
C1 BMA J . 24.02 10.64 29.53
C2 BMA J . 23.22 11.73 28.73
C3 BMA J . 23.86 13.11 29.04
C4 BMA J . 23.82 13.37 30.57
C5 BMA J . 24.60 12.23 31.28
C6 BMA J . 24.52 12.35 32.81
O2 BMA J . 21.83 11.71 29.11
O3 BMA J . 23.13 14.17 28.35
O4 BMA J . 24.43 14.63 30.85
O5 BMA J . 24.00 10.92 30.95
O6 BMA J . 23.17 12.37 33.25
C1 MAN J . 23.74 14.69 27.06
C2 MAN J . 23.18 16.14 26.78
C3 MAN J . 21.66 16.02 26.43
C4 MAN J . 21.46 15.06 25.20
C5 MAN J . 22.06 13.65 25.57
C6 MAN J . 21.97 12.65 24.42
O2 MAN J . 23.93 16.76 25.73
O3 MAN J . 21.14 17.33 26.13
O4 MAN J . 20.07 14.94 24.90
O5 MAN J . 23.50 13.80 25.93
O6 MAN J . 22.49 13.15 23.18
C1 MAN J . 23.05 12.46 34.74
C2 MAN J . 21.53 12.24 35.13
C3 MAN J . 20.72 13.44 34.56
C4 MAN J . 21.28 14.79 35.14
C5 MAN J . 22.80 14.91 34.74
C6 MAN J . 23.48 16.14 35.34
O2 MAN J . 21.39 12.10 36.54
O3 MAN J . 19.33 13.30 34.91
O4 MAN J . 20.57 15.86 34.51
O5 MAN J . 23.55 13.72 35.26
O6 MAN J . 24.78 16.37 34.77
C1 NAG K . 33.80 -30.63 13.26
C2 NAG K . 33.16 -31.42 12.04
C3 NAG K . 33.98 -32.73 11.82
C4 NAG K . 35.48 -32.39 11.53
C5 NAG K . 36.04 -31.57 12.75
C6 NAG K . 37.46 -31.04 12.55
C7 NAG K . 30.70 -31.26 11.70
C8 NAG K . 29.32 -31.64 12.13
N2 NAG K . 31.76 -31.74 12.38
O3 NAG K . 33.41 -33.44 10.69
O4 NAG K . 36.18 -33.66 11.46
O5 NAG K . 35.21 -30.36 12.96
O6 NAG K . 37.61 -30.29 11.35
O7 NAG K . 30.85 -30.49 10.73
C1 NAG K . 37.14 -33.83 10.29
C2 NAG K . 38.21 -34.93 10.71
C3 NAG K . 39.22 -35.09 9.50
C4 NAG K . 38.42 -35.49 8.20
C5 NAG K . 37.36 -34.38 7.88
C6 NAG K . 36.48 -34.72 6.68
C7 NAG K . 38.65 -34.90 13.16
C8 NAG K . 39.43 -34.37 14.34
N2 NAG K . 38.94 -34.47 11.92
O3 NAG K . 40.17 -36.12 9.82
O4 NAG K . 39.35 -35.62 7.11
O5 NAG K . 36.45 -34.22 9.05
O6 NAG K . 35.67 -33.63 6.29
O7 NAG K . 37.74 -35.72 13.37
C1 NAG L . 41.53 3.25 37.36
C2 NAG L . 40.74 4.62 37.50
C3 NAG L . 41.79 5.76 37.73
C4 NAG L . 42.65 5.47 39.00
C5 NAG L . 43.35 4.08 38.82
C6 NAG L . 44.17 3.63 40.03
C7 NAG L . 38.68 4.87 36.12
C8 NAG L . 38.01 5.01 34.79
N2 NAG L . 40.02 4.81 36.22
O3 NAG L . 41.05 6.99 37.91
O4 NAG L . 43.71 6.47 39.09
O5 NAG L . 42.34 3.04 38.59
O6 NAG L . 44.95 2.48 39.74
O7 NAG L . 37.95 4.80 37.13
C1 NAG L . 43.71 7.34 40.31
C2 NAG L . 45.13 8.04 40.39
C3 NAG L . 45.13 8.98 41.65
C4 NAG L . 43.97 10.04 41.55
C5 NAG L . 42.61 9.24 41.46
C6 NAG L . 41.37 10.13 41.28
C7 NAG L . 46.99 6.60 39.57
C8 NAG L . 48.01 5.52 39.82
N2 NAG L . 46.18 6.99 40.56
O3 NAG L . 46.41 9.66 41.72
O4 NAG L . 44.00 10.88 42.74
O5 NAG L . 42.65 8.34 40.28
O6 NAG L . 40.16 9.38 41.32
O7 NAG L . 46.93 7.10 38.43
C1 NAG M . 48.64 -4.26 23.51
C2 NAG M . 49.28 -4.27 22.06
C3 NAG M . 50.39 -5.38 22.09
C4 NAG M . 51.46 -5.09 23.20
C5 NAG M . 50.73 -4.97 24.59
C6 NAG M . 51.65 -4.50 25.71
C7 NAG M . 47.79 -3.82 20.13
C8 NAG M . 46.69 -4.27 19.22
N2 NAG M . 48.21 -4.62 21.10
O3 NAG M . 51.04 -5.44 20.81
O4 NAG M . 52.29 -6.27 23.34
O5 NAG M . 49.66 -3.96 24.52
O6 NAG M . 51.13 -4.85 26.99
O7 NAG M . 48.29 -2.70 19.95
C1 NAG M . 53.69 -6.26 22.78
C2 NAG M . 54.57 -7.22 23.66
C3 NAG M . 56.03 -7.22 23.08
C4 NAG M . 55.99 -7.69 21.59
C5 NAG M . 55.06 -6.72 20.77
C6 NAG M . 54.84 -7.22 19.34
C7 NAG M . 54.28 -7.60 26.10
C8 NAG M . 54.27 -7.08 27.52
N2 NAG M . 54.55 -6.78 25.08
O3 NAG M . 56.86 -8.11 23.84
O4 NAG M . 57.31 -7.66 21.04
O5 NAG M . 53.71 -6.68 21.39
O6 NAG M . 54.23 -8.51 19.28
O7 NAG M . 54.02 -8.81 25.92
C1 NAG N . 24.98 -4.92 35.74
C2 NAG N . 23.71 -4.17 35.15
C3 NAG N . 22.79 -3.71 36.32
C4 NAG N . 22.36 -4.95 37.17
C5 NAG N . 23.67 -5.64 37.72
C6 NAG N . 23.41 -6.92 38.51
C7 NAG N . 23.91 -2.84 33.08
C8 NAG N . 24.46 -1.65 32.36
N2 NAG N . 24.18 -3.01 34.37
O3 NAG N . 21.63 -3.07 35.77
O4 NAG N . 21.55 -4.50 38.30
O5 NAG N . 24.53 -6.03 36.58
O6 NAG N . 24.57 -7.32 39.25
O7 NAG N . 23.23 -3.67 32.44
C1 NAG N . 20.20 -5.18 38.46
C2 NAG N . 19.74 -4.99 39.96
C3 NAG N . 18.36 -5.71 40.13
C4 NAG N . 17.31 -5.11 39.12
C5 NAG N . 17.85 -5.30 37.66
C6 NAG N . 16.95 -4.68 36.60
C7 NAG N . 21.69 -4.91 41.53
C8 NAG N . 22.66 -5.62 42.42
N2 NAG N . 20.74 -5.61 40.88
O3 NAG N . 17.88 -5.51 41.48
O4 NAG N . 16.07 -5.81 39.27
O5 NAG N . 19.19 -4.65 37.55
O6 NAG N . 16.76 -3.28 36.78
O7 NAG N . 21.76 -3.68 41.42
C1 NAG O . 47.79 24.68 18.04
C2 NAG O . 47.89 25.08 19.57
C3 NAG O . 47.32 26.52 19.72
C4 NAG O . 48.14 27.51 18.83
C5 NAG O . 48.07 27.02 17.34
C6 NAG O . 48.98 27.81 16.39
C7 NAG O . 47.68 23.04 20.96
C8 NAG O . 46.85 22.07 21.76
N2 NAG O . 47.11 24.10 20.37
O3 NAG O . 47.40 26.91 21.09
O4 NAG O . 47.52 28.83 18.89
O5 NAG O . 48.55 25.64 17.24
O6 NAG O . 50.34 27.83 16.82
O7 NAG O . 48.89 22.81 20.87
C1 NAG O . 48.41 29.97 19.34
C2 NAG O . 47.84 31.33 18.76
C3 NAG O . 48.79 32.48 19.21
C4 NAG O . 48.91 32.53 20.79
C5 NAG O . 49.43 31.12 21.27
C6 NAG O . 49.50 30.99 22.79
C7 NAG O . 46.71 31.14 16.55
C8 NAG O . 46.81 31.10 15.05
N2 NAG O . 47.82 31.27 17.27
O3 NAG O . 48.24 33.72 18.72
O4 NAG O . 49.93 33.51 21.16
O5 NAG O . 48.54 30.04 20.78
O6 NAG O . 48.24 31.15 23.41
O7 NAG O . 45.59 31.05 17.07
C1 BMA O . 49.44 34.79 21.79
C2 BMA O . 50.69 35.58 22.37
C3 BMA O . 50.18 36.90 23.03
C4 BMA O . 49.38 37.75 21.97
C5 BMA O . 48.18 36.90 21.42
C6 BMA O . 47.41 37.58 20.30
O2 BMA O . 51.65 35.84 21.34
O3 BMA O . 51.29 37.65 23.55
O4 BMA O . 48.90 38.95 22.61
O5 BMA O . 48.70 35.62 20.86
O6 BMA O . 46.60 38.67 20.76
C1 NAG P . 32.90 2.07 38.66
C2 NAG P . 33.76 1.27 39.74
C3 NAG P . 32.86 1.00 40.98
C4 NAG P . 32.34 2.36 41.57
C5 NAG P . 31.52 3.12 40.44
C6 NAG P . 31.01 4.48 40.88
C7 NAG P . 35.43 -0.32 38.76
C8 NAG P . 35.74 -1.65 38.12
N2 NAG P . 34.17 -0.02 39.12
O3 NAG P . 33.67 0.31 41.95
O4 NAG P . 31.43 2.11 42.67
O5 NAG P . 32.40 3.31 39.25
O6 NAG P . 30.05 5.00 39.96
O7 NAG P . 36.36 0.48 38.95
C1 NAG P . 31.96 2.43 44.06
C2 NAG P . 30.73 2.49 45.06
C3 NAG P . 31.30 2.83 46.49
C4 NAG P . 32.35 1.75 46.92
C5 NAG P . 33.51 1.71 45.86
C6 NAG P . 34.53 0.60 46.11
C7 NAG P . 28.64 3.32 43.99
C8 NAG P . 27.75 4.47 43.59
N2 NAG P . 29.80 3.56 44.63
O3 NAG P . 30.21 2.85 47.45
O4 NAG P . 32.90 2.09 48.20
O5 NAG P . 32.94 1.45 44.51
O6 NAG P . 33.96 -0.70 46.06
O7 NAG P . 28.27 2.16 43.74
C1 NAG Q . 1.28 -33.21 29.02
C2 NAG Q . -0.28 -33.15 28.68
C3 NAG Q . -1.08 -33.31 30.03
C4 NAG Q . -0.72 -34.68 30.69
C5 NAG Q . 0.84 -34.73 30.93
C6 NAG Q . 1.33 -36.09 31.44
C7 NAG Q . -0.83 -30.70 28.26
C8 NAG Q . -1.13 -29.63 27.26
N2 NAG Q . -0.59 -31.95 27.84
O3 NAG Q . -2.49 -33.26 29.73
O4 NAG Q . -1.38 -34.73 32.00
O5 NAG Q . 1.56 -34.51 29.66
O6 NAG Q . 2.70 -36.06 31.80
O7 NAG Q . -0.82 -30.41 29.46
C1 NAG Q . -2.28 -35.90 32.27
C2 NAG Q . -2.36 -36.12 33.84
C3 NAG Q . -3.29 -37.35 34.11
C4 NAG Q . -4.70 -37.11 33.49
C5 NAG Q . -4.55 -36.85 31.95
C6 NAG Q . -5.87 -36.50 31.27
C7 NAG Q . -0.38 -35.60 35.28
C8 NAG Q . 0.99 -35.94 35.76
N2 NAG Q . -1.00 -36.39 34.38
O3 NAG Q . -3.42 -37.55 35.54
O4 NAG Q . -5.52 -38.27 33.71
O5 NAG Q . -3.62 -35.70 31.72
O6 NAG Q . -6.49 -35.34 31.85
O7 NAG Q . -0.94 -34.58 35.73
C1 NAG R . 25.10 -28.99 22.44
C2 NAG R . 26.52 -29.58 22.03
C3 NAG R . 26.26 -30.65 20.91
C4 NAG R . 25.31 -31.78 21.45
C5 NAG R . 23.98 -31.13 21.97
C6 NAG R . 23.08 -32.14 22.68
C7 NAG R . 28.23 -27.80 22.37
C8 NAG R . 29.15 -26.73 21.86
N2 NAG R . 27.44 -28.51 21.54
O3 NAG R . 27.52 -31.21 20.50
O4 NAG R . 24.91 -32.65 20.36
O5 NAG R . 24.27 -30.08 22.96
O6 NAG R . 21.84 -31.55 23.07
O7 NAG R . 28.23 -28.02 23.60
C1 NAG R . 25.54 -34.02 20.28
C2 NAG R . 24.62 -34.93 19.39
C3 NAG R . 25.28 -36.35 19.30
C4 NAG R . 26.73 -36.23 18.70
C5 NAG R . 27.58 -35.28 19.63
C6 NAG R . 28.98 -35.00 19.08
C7 NAG R . 22.17 -34.43 19.52
C8 NAG R . 20.84 -34.58 20.21
N2 NAG R . 23.27 -35.04 20.01
O3 NAG R . 24.49 -37.20 18.44
O4 NAG R . 27.34 -37.53 18.67
O5 NAG R . 26.90 -33.96 19.74
O6 NAG R . 28.96 -34.44 17.77
O7 NAG R . 22.23 -33.73 18.50
C1 NAG S . 35.79 21.55 31.40
C2 NAG S . 35.60 21.74 32.97
C3 NAG S . 34.33 22.64 33.20
C4 NAG S . 34.49 24.01 32.46
C5 NAG S . 34.68 23.73 30.93
C6 NAG S . 34.90 24.99 30.07
C7 NAG S . 36.38 19.64 34.06
C8 NAG S . 36.07 18.29 34.62
N2 NAG S . 35.39 20.40 33.56
O3 NAG S . 34.16 22.85 34.62
O4 NAG S . 33.30 24.83 32.62
O5 NAG S . 35.87 22.86 30.74
O6 NAG S . 34.51 24.77 28.73
O7 NAG S . 37.55 20.04 34.07
C1 NAG S . 33.43 26.04 33.51
C2 NAG S . 32.22 27.02 33.21
C3 NAG S . 32.35 28.26 34.15
C4 NAG S . 32.38 27.80 35.65
C5 NAG S . 33.59 26.83 35.86
C6 NAG S . 33.69 26.24 37.28
C7 NAG S . 31.27 27.45 30.94
C8 NAG S . 31.47 27.90 29.52
N2 NAG S . 32.30 27.45 31.78
O3 NAG S . 31.24 29.15 33.94
O4 NAG S . 32.51 28.93 36.51
O5 NAG S . 33.46 25.68 34.92
O6 NAG S . 35.01 25.82 37.60
O7 NAG S . 30.14 27.09 31.31
C1 NAG T . 51.75 -11.67 31.39
C2 NAG T . 52.36 -10.27 30.92
C3 NAG T . 53.92 -10.35 31.06
C4 NAG T . 54.32 -10.67 32.55
C5 NAG T . 53.63 -12.02 32.97
C6 NAG T . 53.84 -12.38 34.44
C7 NAG T . 51.05 -9.14 29.12
C8 NAG T . 50.69 -8.97 27.67
N2 NAG T . 51.97 -10.05 29.50
O3 NAG T . 54.47 -9.08 30.66
O4 NAG T . 55.77 -10.85 32.53
O5 NAG T . 52.16 -11.92 32.78
O6 NAG T . 53.14 -13.57 34.81
O7 NAG T . 50.48 -8.43 29.98
C1 NAG T . 56.59 -10.30 33.67
C2 NAG T . 57.97 -9.77 33.09
C3 NAG T . 58.84 -9.27 34.29
C4 NAG T . 58.08 -8.14 35.07
C5 NAG T . 56.71 -8.73 35.59
C6 NAG T . 55.83 -7.67 36.29
C7 NAG T . 59.24 -10.75 31.18
C8 NAG T . 59.89 -11.95 30.52
N2 NAG T . 58.65 -10.90 32.37
O3 NAG T . 60.09 -8.74 33.81
O4 NAG T . 58.88 -7.71 36.18
O5 NAG T . 55.91 -9.23 34.43
O6 NAG T . 54.70 -8.26 36.91
O7 NAG T . 59.25 -9.67 30.58
C1 NAG U . -4.88 -47.33 -0.97
C2 NAG U . -5.95 -47.67 -2.09
C3 NAG U . -5.36 -48.80 -2.99
C4 NAG U . -3.99 -48.33 -3.62
C5 NAG U . -3.00 -47.93 -2.46
C6 NAG U . -1.68 -47.35 -2.97
C7 NAG U . -8.22 -47.36 -1.10
C8 NAG U . -9.43 -47.93 -0.41
N2 NAG U . -7.19 -48.16 -1.42
O3 NAG U . -6.30 -49.09 -4.03
O4 NAG U . -3.44 -49.49 -4.29
O5 NAG U . -3.62 -46.89 -1.60
O6 NAG U . -0.80 -47.00 -1.91
O7 NAG U . -8.19 -46.15 -1.36
C1 NAG U . -2.99 -49.32 -5.73
C2 NAG U . -2.10 -50.56 -6.11
C3 NAG U . -1.59 -50.35 -7.58
C4 NAG U . -2.81 -50.20 -8.55
C5 NAG U . -3.70 -48.99 -8.08
C6 NAG U . -4.98 -48.83 -8.90
C7 NAG U . -0.74 -51.62 -4.31
C8 NAG U . 0.46 -51.58 -3.41
N2 NAG U . -0.94 -50.62 -5.18
O3 NAG U . -0.80 -51.49 -7.97
O4 NAG U . -2.34 -49.95 -9.87
O5 NAG U . -4.11 -49.19 -6.66
O6 NAG U . -5.83 -49.97 -8.83
O7 NAG U . -1.52 -52.59 -4.24
C1 NAG V . 20.81 53.50 -1.76
C2 NAG V . 21.39 54.96 -1.52
C3 NAG V . 21.63 55.13 0.02
C4 NAG V . 20.28 54.91 0.81
C5 NAG V . 19.75 53.47 0.48
C6 NAG V . 18.41 53.12 1.11
C7 NAG V . 22.85 55.58 -3.44
C8 NAG V . 24.21 55.64 -4.06
N2 NAG V . 22.70 55.06 -2.22
O3 NAG V . 22.10 56.46 0.26
O4 NAG V . 20.60 54.97 2.23
O5 NAG V . 19.58 53.33 -0.99
O6 NAG V . 17.38 54.06 0.81
O7 NAG V . 21.88 56.02 -4.07
C1 NAG V . 19.69 55.80 3.11
C2 NAG V . 19.85 55.29 4.60
C3 NAG V . 18.93 56.18 5.51
C4 NAG V . 19.29 57.69 5.35
C5 NAG V . 19.11 58.09 3.83
C6 NAG V . 19.50 59.54 3.54
C7 NAG V . 20.23 52.82 4.65
C8 NAG V . 19.65 51.43 4.74
N2 NAG V . 19.40 53.88 4.69
O3 NAG V . 19.12 55.80 6.89
O4 NAG V . 18.42 58.49 6.16
O5 NAG V . 19.99 57.22 3.00
O6 NAG V . 19.11 59.92 2.22
O7 NAG V . 21.45 52.96 4.54
C1 NAG W . 22.97 47.87 -14.06
C2 NAG W . 22.26 48.78 -15.06
C3 NAG W . 22.79 48.54 -16.48
C4 NAG W . 24.28 48.82 -16.56
C5 NAG W . 24.92 47.92 -15.50
C6 NAG W . 26.43 48.14 -15.43
C7 NAG W . 20.01 49.38 -14.45
C8 NAG W . 18.56 49.26 -14.84
N2 NAG W . 20.83 48.53 -15.04
O3 NAG W . 22.09 49.38 -17.40
O4 NAG W . 24.79 48.48 -17.88
O5 NAG W . 24.36 48.16 -14.19
O6 NAG W . 26.71 49.29 -14.64
O7 NAG W . 20.39 50.22 -13.66
C1 NAG W . 25.52 49.53 -18.58
C2 NAG W . 26.39 48.87 -19.71
C3 NAG W . 27.20 50.00 -20.42
C4 NAG W . 26.25 51.10 -20.98
C5 NAG W . 25.40 51.68 -19.79
C6 NAG W . 24.36 52.71 -20.24
C7 NAG W . 27.19 46.57 -19.18
C8 NAG W . 28.19 45.68 -18.52
N2 NAG W . 27.33 47.90 -19.09
O3 NAG W . 27.95 49.43 -21.52
O4 NAG W . 27.01 52.14 -21.59
O5 NAG W . 24.66 50.58 -19.12
O6 NAG W . 23.79 53.41 -19.13
O7 NAG W . 26.26 46.05 -19.81
C1 NAG X . 22.11 34.67 8.99
C2 NAG X . 21.87 34.57 10.55
C3 NAG X . 20.71 35.55 10.93
C4 NAG X . 21.08 37.02 10.51
C5 NAG X . 21.36 37.04 8.96
C6 NAG X . 21.81 38.40 8.45
C7 NAG X . 22.05 32.38 11.72
C8 NAG X . 21.58 30.97 11.91
N2 NAG X . 21.46 33.18 10.82
O3 NAG X . 20.52 35.48 12.35
O4 NAG X . 19.92 37.88 10.76
O5 NAG X . 22.43 36.06 8.63
O6 NAG X . 22.95 38.92 9.13
O7 NAG X . 23.01 32.79 12.39
C1 NAG X . 20.10 38.99 11.78
C2 NAG X . 19.08 40.15 11.46
C3 NAG X . 19.30 41.29 12.51
C4 NAG X . 19.11 40.73 13.95
C5 NAG X . 20.11 39.55 14.18
C6 NAG X . 19.93 38.87 15.54
C7 NAG X . 18.40 40.72 9.11
C8 NAG X . 18.75 41.26 7.75
N2 NAG X . 19.33 40.68 10.07
O3 NAG X . 18.35 42.34 12.28
O4 NAG X . 19.37 41.78 14.90
O5 NAG X . 19.92 38.51 13.14
O6 NAG X . 18.63 38.33 15.72
O7 NAG X . 17.24 40.32 9.32
C1 NAG Y . -8.10 33.11 -7.78
C2 NAG Y . -6.51 33.06 -7.87
C3 NAG Y . -6.06 33.90 -9.10
C4 NAG Y . -6.69 33.31 -10.41
C5 NAG Y . -8.26 33.34 -10.24
C6 NAG Y . -8.99 32.67 -11.41
C7 NAG Y . -4.81 33.18 -6.07
C8 NAG Y . -4.29 33.81 -4.82
N2 NAG Y . -5.94 33.63 -6.62
O3 NAG Y . -4.63 33.87 -9.22
O4 NAG Y . -6.26 34.16 -11.51
O5 NAG Y . -8.66 32.60 -9.03
O6 NAG Y . -10.40 32.59 -11.18
O7 NAG Y . -4.18 32.25 -6.57
C1 NAG Y . -5.87 33.45 -12.79
C2 NAG Y . -6.10 34.43 -14.01
C3 NAG Y . -5.76 33.64 -15.32
C4 NAG Y . -4.27 33.16 -15.25
C5 NAG Y . -4.09 32.24 -13.99
C6 NAG Y . -2.64 31.82 -13.77
C7 NAG Y . -7.82 36.22 -13.85
C8 NAG Y . -9.27 36.64 -13.81
N2 NAG Y . -7.50 34.92 -13.99
O3 NAG Y . -5.94 34.49 -16.46
O4 NAG Y . -3.95 32.37 -16.44
O5 NAG Y . -4.50 32.99 -12.77
O6 NAG Y . -1.78 32.91 -13.48
O7 NAG Y . -6.95 37.09 -13.74
C1 BMA Y . -3.20 33.08 -17.55
C2 BMA Y . -2.02 32.21 -18.03
C3 BMA Y . -1.22 33.04 -19.02
C4 BMA Y . -2.16 33.40 -20.16
C5 BMA Y . -3.35 34.19 -19.62
C6 BMA Y . -4.31 34.52 -20.74
O2 BMA Y . -2.49 31.03 -18.66
O3 BMA Y . -0.07 32.31 -19.55
O4 BMA Y . -1.45 34.20 -21.10
O5 BMA Y . -4.06 33.42 -18.64
O6 BMA Y . -3.82 35.56 -21.57
C1 NAG Z . -11.86 29.20 27.09
C2 NAG Z . -11.73 27.97 28.08
C3 NAG Z . -12.05 28.48 29.53
C4 NAG Z . -11.05 29.62 29.93
C5 NAG Z . -11.18 30.78 28.88
C6 NAG Z . -10.18 31.92 29.07
C7 NAG Z . -12.45 25.67 27.50
C8 NAG Z . -13.53 24.72 27.06
N2 NAG Z . -12.74 26.96 27.66
O3 NAG Z . -11.91 27.38 30.45
O4 NAG Z . -11.44 30.14 31.23
O5 NAG Z . -10.93 30.25 27.52
O6 NAG Z . -8.83 31.47 29.17
O7 NAG Z . -11.31 25.22 27.69
C1 NAG Z . -10.35 30.23 32.27
C2 NAG Z . -10.78 31.28 33.39
C3 NAG Z . -9.62 31.37 34.44
C4 NAG Z . -9.34 29.94 35.03
C5 NAG Z . -8.95 28.96 33.87
C6 NAG Z . -8.75 27.52 34.33
C7 NAG Z . -12.19 33.12 32.45
C8 NAG Z . -12.29 34.49 31.84
N2 NAG Z . -10.98 32.62 32.77
O3 NAG Z . -10.01 32.26 35.49
O4 NAG Z . -8.26 30.03 35.97
O5 NAG Z . -10.05 28.93 32.87
O6 NAG Z . -8.21 26.70 33.30
O7 NAG Z . -13.24 32.49 32.67
C1 NAG AA . -10.66 44.52 -11.21
C2 NAG AA . -11.57 45.76 -10.79
C3 NAG AA . -12.93 45.62 -11.53
C4 NAG AA . -12.70 45.58 -13.08
C5 NAG AA . -11.77 44.35 -13.41
C6 NAG AA . -11.41 44.19 -14.89
C7 NAG AA . -11.16 46.49 -8.43
C8 NAG AA . -11.37 46.34 -6.96
N2 NAG AA . -11.77 45.66 -9.31
O3 NAG AA . -13.74 46.75 -11.16
O4 NAG AA . -13.97 45.36 -13.75
O5 NAG AA . -10.50 44.48 -12.67
O6 NAG AA . -10.95 42.87 -15.17
O7 NAG AA . -10.40 47.38 -8.83
C1 NAG AA . -14.43 46.45 -14.68
C2 NAG AA . -15.58 45.88 -15.60
C3 NAG AA . -16.02 47.03 -16.58
C4 NAG AA . -16.51 48.27 -15.76
C5 NAG AA . -15.34 48.76 -14.83
C6 NAG AA . -15.74 49.90 -13.89
C7 NAG AA . -15.39 43.46 -16.15
C8 NAG AA . -14.79 42.37 -17.00
N2 NAG AA . -15.03 44.73 -16.39
O3 NAG AA . -17.10 46.55 -17.41
O4 NAG AA . -16.87 49.32 -16.65
O5 NAG AA . -14.91 47.63 -13.95
O6 NAG AA . -16.84 49.57 -13.05
O7 NAG AA . -16.20 43.16 -15.26
C1 NAG BA . -5.72 51.02 -8.41
C2 NAG BA . -5.30 50.56 -9.87
C3 NAG BA . -4.38 51.66 -10.47
C4 NAG BA . -5.11 53.04 -10.49
C5 NAG BA . -5.55 53.39 -9.02
C6 NAG BA . -6.37 54.67 -8.89
C7 NAG BA . -5.01 48.10 -10.12
C8 NAG BA . -4.25 46.84 -9.84
N2 NAG BA . -4.57 49.28 -9.67
O3 NAG BA . -4.07 51.26 -11.82
O4 NAG BA . -4.17 54.06 -10.90
O5 NAG BA . -6.40 52.31 -8.48
O6 NAG BA . -6.46 55.10 -7.53
O7 NAG BA . -6.06 48.00 -10.77
C1 NAG BA . -4.49 54.85 -12.14
C2 NAG BA . -3.66 56.20 -12.08
C3 NAG BA . -3.98 57.03 -13.38
C4 NAG BA . -3.62 56.17 -14.66
C5 NAG BA . -4.45 54.85 -14.61
C6 NAG BA . -4.15 53.89 -15.77
C7 NAG BA . -3.29 57.10 -9.79
C8 NAG BA . -3.77 57.91 -8.61
N2 NAG BA . -4.06 56.98 -10.88
O3 NAG BA . -3.23 58.26 -13.36
O4 NAG BA . -3.92 56.94 -15.87
O5 NAG BA . -4.18 54.12 -13.35
O6 NAG BA . -2.77 53.50 -15.80
O7 NAG BA . -2.18 56.56 -9.72
C1 NAG CA . 2.40 48.84 6.94
C2 NAG CA . 3.74 48.63 7.75
C3 NAG CA . 3.58 49.40 9.11
C4 NAG CA . 3.27 50.91 8.89
C5 NAG CA . 1.98 51.01 8.01
C6 NAG CA . 1.57 52.44 7.64
C7 NAG CA . 4.82 46.41 7.45
C8 NAG CA . 4.88 44.95 7.79
N2 NAG CA . 3.89 47.18 8.02
O3 NAG CA . 4.79 49.25 9.88
O4 NAG CA . 2.90 51.49 10.17
O5 NAG CA . 2.16 50.27 6.74
O6 NAG CA . 2.64 53.17 7.04
O7 NAG CA . 5.64 46.88 6.64
C1 NAG CA . 3.92 52.32 10.92
C2 NAG CA . 3.14 53.47 11.67
C3 NAG CA . 4.16 54.29 12.52
C4 NAG CA . 4.91 53.34 13.52
C5 NAG CA . 5.65 52.23 12.70
C6 NAG CA . 6.35 51.19 13.59
C7 NAG CA . 1.33 54.97 10.87
C8 NAG CA . 0.74 55.84 9.79
N2 NAG CA . 2.50 54.34 10.65
O3 NAG CA . 3.47 55.31 13.27
O4 NAG CA . 5.85 54.10 14.28
O5 NAG CA . 4.67 51.49 11.85
O6 NAG CA . 5.44 50.50 14.43
O7 NAG CA . 0.72 54.84 11.94
C1 NAG DA . -16.03 35.32 -7.03
C2 NAG DA . -15.58 34.43 -8.28
C3 NAG DA . -16.68 34.56 -9.39
C4 NAG DA . -18.08 34.09 -8.84
C5 NAG DA . -18.43 34.96 -7.58
C6 NAG DA . -19.73 34.52 -6.88
C7 NAG DA . -13.15 34.26 -8.78
C8 NAG DA . -11.87 34.91 -9.26
N2 NAG DA . -14.28 34.97 -8.75
O3 NAG DA . -16.29 33.75 -10.50
O4 NAG DA . -19.04 34.36 -9.90
O5 NAG DA . -17.35 34.85 -6.57
O6 NAG DA . -19.92 35.15 -5.62
O7 NAG DA . -13.12 33.08 -8.41
C1 NAG DA . -20.12 33.33 -10.15
C2 NAG DA . -20.81 33.68 -11.52
C3 NAG DA . -21.96 32.64 -11.78
C4 NAG DA . -21.38 31.19 -11.76
C5 NAG DA . -20.69 30.93 -10.37
C6 NAG DA . -20.04 29.55 -10.29
C7 NAG DA . -21.17 36.01 -12.36
C8 NAG DA . -21.77 37.37 -12.17
N2 NAG DA . -21.37 35.06 -11.42
O3 NAG DA . -22.56 32.90 -13.05
O4 NAG DA . -22.45 30.25 -11.96
O5 NAG DA . -19.62 31.95 -10.15
O6 NAG DA . -19.73 29.21 -8.94
O7 NAG DA . -20.51 35.77 -13.38
C1 NAG EA . -37.58 10.21 9.69
C2 NAG EA . -37.94 8.96 8.78
C3 NAG EA . -39.41 9.12 8.27
C4 NAG EA . -40.38 9.21 9.51
C5 NAG EA . -39.95 10.43 10.41
C6 NAG EA . -40.72 10.51 11.72
C7 NAG EA . -36.29 7.79 7.35
C8 NAG EA . -35.31 7.76 6.22
N2 NAG EA . -36.98 8.91 7.65
O3 NAG EA . -39.74 7.99 7.45
O4 NAG EA . -41.73 9.48 9.06
O5 NAG EA . -38.53 10.27 10.80
O6 NAG EA . -40.47 11.72 12.41
O7 NAG EA . -36.45 6.75 8.01
C1 NAG EA . -42.72 8.34 9.15
C2 NAG EA . -44.17 8.95 9.15
C3 NAG EA . -45.20 7.76 9.22
C4 NAG EA . -44.97 6.78 8.01
C5 NAG EA . -43.49 6.25 8.08
C6 NAG EA . -43.13 5.34 6.90
C7 NAG EA . -44.42 11.15 10.30
C8 NAG EA . -44.58 11.95 11.58
N2 NAG EA . -44.33 9.81 10.35
O3 NAG EA . -46.53 8.28 9.15
O4 NAG EA . -45.88 5.68 8.10
O5 NAG EA . -42.55 7.39 8.05
O6 NAG EA . -43.34 5.95 5.63
O7 NAG EA . -44.37 11.77 9.23
C1 NAG FA . 35.30 39.18 -10.43
C2 NAG FA . 35.21 40.40 -9.41
C3 NAG FA . 36.42 41.34 -9.69
C4 NAG FA . 37.77 40.57 -9.54
C5 NAG FA . 37.76 39.38 -10.57
C6 NAG FA . 38.99 38.48 -10.50
C7 NAG FA . 32.81 40.96 -9.07
C8 NAG FA . 31.61 41.78 -9.45
N2 NAG FA . 33.97 41.15 -9.69
O3 NAG FA . 36.37 42.43 -8.73
O4 NAG FA . 38.85 41.48 -9.91
O5 NAG FA . 36.59 38.53 -10.30
O6 NAG FA . 38.92 37.41 -11.45
O7 NAG FA . 32.68 40.12 -8.17
C1 NAG FA . 40.00 41.59 -8.94
C2 NAG FA . 41.08 42.54 -9.60
C3 NAG FA . 42.31 42.64 -8.62
C4 NAG FA . 41.82 43.18 -7.23
C5 NAG FA . 40.73 42.21 -6.65
C6 NAG FA . 40.14 42.70 -5.33
C7 NAG FA . 41.18 42.39 -12.10
C8 NAG FA . 41.67 41.70 -13.33
N2 NAG FA . 41.53 41.92 -10.89
O3 NAG FA . 43.28 43.54 -9.17
O4 NAG FA . 42.95 43.24 -6.34
O5 NAG FA . 39.61 42.11 -7.63
O6 NAG FA . 39.33 41.69 -4.73
O7 NAG FA . 40.46 43.40 -12.21
C1 NAG GA . -21.19 26.92 17.91
C2 NAG GA . -20.51 27.68 19.04
C3 NAG GA . -20.27 26.74 20.20
C4 NAG GA . -21.60 26.17 20.65
C5 NAG GA . -22.23 25.46 19.47
C6 NAG GA . -23.61 25.00 19.89
C7 NAG GA . -18.68 29.17 19.44
C8 NAG GA . -17.67 30.06 18.78
N2 NAG GA . -19.28 28.31 18.64
O3 NAG GA . -19.63 27.41 21.26
O4 NAG GA . -21.30 25.19 21.64
O5 NAG GA . -22.41 26.36 18.39
O6 NAG GA . -23.83 23.67 19.45
O7 NAG GA . -18.94 29.24 20.62
C1 NAG GA . -22.02 25.38 22.87
C2 NAG GA . -21.67 24.22 23.79
C3 NAG GA . -22.32 24.41 25.16
C4 NAG GA . -21.90 25.76 25.72
C5 NAG GA . -22.24 26.86 24.73
C6 NAG GA . -21.83 28.22 25.27
C7 NAG GA . -21.50 22.11 22.56
C8 NAG GA . -22.15 21.63 21.30
N2 NAG GA . -22.22 22.97 23.26
O3 NAG GA . -21.82 23.38 26.01
O4 NAG GA . -22.59 26.01 26.94
O5 NAG GA . -21.63 26.61 23.47
O6 NAG GA . -22.56 29.23 24.58
O7 NAG GA . -20.40 21.73 22.88
C1 NAG HA . 7.80 44.67 -22.59
C2 NAG HA . 6.52 45.15 -23.41
C3 NAG HA . 6.41 44.26 -24.70
C4 NAG HA . 7.71 44.38 -25.57
C5 NAG HA . 8.93 43.93 -24.69
C6 NAG HA . 10.28 44.04 -25.40
C7 NAG HA . 4.71 45.91 -21.87
C8 NAG HA . 3.49 45.59 -21.05
N2 NAG HA . 5.30 44.93 -22.57
O3 NAG HA . 5.27 44.72 -25.46
O4 NAG HA . 7.59 43.46 -26.69
O5 NAG HA . 8.99 44.77 -23.45
O6 NAG HA . 11.34 43.50 -24.63
O7 NAG HA . 5.15 47.07 -21.87
C1 NAG HA . 7.84 44.04 -28.07
C2 NAG HA . 7.83 42.84 -29.10
C3 NAG HA . 8.09 43.43 -30.54
C4 NAG HA . 7.00 44.51 -30.87
C5 NAG HA . 7.07 45.65 -29.80
C6 NAG HA . 6.03 46.75 -30.00
C7 NAG HA . 8.71 40.55 -28.61
C8 NAG HA . 9.86 39.66 -28.25
N2 NAG HA . 8.91 41.88 -28.75
O3 NAG HA . 8.03 42.37 -31.50
O4 NAG HA . 7.25 45.05 -32.17
O5 NAG HA . 6.86 45.06 -28.44
O6 NAG HA . 6.32 47.90 -29.23
O7 NAG HA . 7.59 40.05 -28.77
C1 NAG IA . -27.09 -12.52 32.75
C2 NAG IA . -26.73 -13.98 33.24
C3 NAG IA . -26.57 -13.94 34.80
C4 NAG IA . -25.42 -12.93 35.19
C5 NAG IA . -25.79 -11.51 34.61
C6 NAG IA . -24.70 -10.46 34.85
C7 NAG IA . -27.64 -16.07 32.26
C8 NAG IA . -28.82 -16.91 31.88
N2 NAG IA . -27.84 -14.88 32.85
O3 NAG IA . -26.24 -15.26 35.26
O4 NAG IA . -25.42 -12.83 36.64
O5 NAG IA . -26.02 -11.59 33.14
O6 NAG IA . -23.46 -10.80 34.25
O7 NAG IA . -26.50 -16.49 32.02
C1 NAG IA . -24.13 -13.18 37.35
C2 NAG IA . -24.32 -12.82 38.87
C3 NAG IA . -22.98 -13.17 39.62
C4 NAG IA . -22.64 -14.69 39.41
C5 NAG IA . -22.49 -14.97 37.88
C6 NAG IA . -22.21 -16.45 37.56
C7 NAG IA . -25.79 -10.85 39.32
C8 NAG IA . -25.97 -9.36 39.41
N2 NAG IA . -24.58 -11.36 39.00
O3 NAG IA . -23.16 -12.91 41.03
O4 NAG IA . -21.43 -15.00 40.11
O5 NAG IA . -23.76 -14.59 37.19
O6 NAG IA . -21.75 -16.62 36.23
O7 NAG IA . -26.77 -11.59 39.54
C1 NAG JA . -42.36 -1.73 25.71
C2 NAG JA . -43.90 -1.89 26.06
C3 NAG JA . -44.58 -0.49 25.88
C4 NAG JA . -43.90 0.57 26.79
C5 NAG JA . -42.36 0.63 26.46
C6 NAG JA . -41.54 1.57 27.35
C7 NAG JA . -45.09 -4.01 25.47
C8 NAG JA . -45.64 -4.93 24.43
N2 NAG JA . -44.48 -2.86 25.10
O3 NAG JA . -45.97 -0.61 26.22
O4 NAG JA . -44.47 1.85 26.41
O5 NAG JA . -41.76 -0.72 26.60
O6 NAG JA . -41.70 1.32 28.74
O7 NAG JA . -45.20 -4.32 26.67
C1 NAG JA . -44.87 2.78 27.53
C2 NAG JA . -45.12 4.20 26.88
C3 NAG JA . -45.49 5.18 28.04
C4 NAG JA . -46.77 4.66 28.80
C5 NAG JA . -46.44 3.23 29.37
C6 NAG JA . -47.65 2.56 30.05
C7 NAG JA . -43.81 4.88 24.86
C8 NAG JA . -42.51 5.31 24.26
N2 NAG JA . -43.88 4.65 26.20
O3 NAG JA . -45.75 6.48 27.47
O4 NAG JA . -47.09 5.54 29.92
O5 NAG JA . -46.04 2.33 28.25
O6 NAG JA . -47.27 1.37 30.74
O7 NAG JA . -44.79 4.72 24.13
C1 BMA JA . -48.34 6.37 29.76
C2 BMA JA . -48.74 7.00 31.15
C3 BMA JA . -50.05 7.83 30.95
C4 BMA JA . -49.84 8.94 29.84
C5 BMA JA . -49.41 8.22 28.50
C6 BMA JA . -49.06 9.22 27.37
O2 BMA JA . -47.68 7.82 31.67
O3 BMA JA . -50.44 8.44 32.19
O4 BMA JA . -51.05 9.65 29.64
O5 BMA JA . -48.19 7.41 28.75
O6 BMA JA . -49.11 8.60 26.08
C1 NAG KA . 43.65 17.04 -37.67
C2 NAG KA . 44.55 17.38 -38.93
C3 NAG KA . 43.89 18.57 -39.72
C4 NAG KA . 42.44 18.16 -40.17
C5 NAG KA . 41.61 17.81 -38.88
C6 NAG KA . 40.19 17.34 -39.20
C7 NAG KA . 47.01 17.04 -38.67
C8 NAG KA . 48.33 17.50 -38.13
N2 NAG KA . 45.90 17.77 -38.46
O3 NAG KA . 44.70 18.85 -40.87
O4 NAG KA . 41.82 19.30 -40.84
O5 NAG KA . 42.28 16.72 -38.13
O6 NAG KA . 40.15 16.26 -40.14
O7 NAG KA . 46.96 15.96 -39.30
C1 NAG KA . 41.26 19.00 -42.22
C2 NAG KA . 40.56 20.31 -42.78
C3 NAG KA . 40.01 19.98 -44.21
C4 NAG KA . 41.16 19.48 -45.14
C5 NAG KA . 41.81 18.20 -44.50
C6 NAG KA . 43.00 17.65 -45.27
C7 NAG KA . 39.17 21.93 -41.49
C8 NAG KA . 38.00 22.21 -40.58
N2 NAG KA . 39.42 20.67 -41.88
O3 NAG KA . 39.42 21.17 -44.78
O4 NAG KA . 40.64 19.18 -46.43
O5 NAG KA . 42.30 18.54 -43.13
O6 NAG KA . 43.36 16.34 -44.84
O7 NAG KA . 39.88 22.89 -41.87
C1 NAG LA . 49.86 11.71 -26.76
C2 NAG LA . 50.77 10.55 -27.35
C3 NAG LA . 51.83 10.18 -26.28
C4 NAG LA . 52.69 11.44 -25.93
C5 NAG LA . 51.73 12.57 -25.40
C6 NAG LA . 52.43 13.91 -25.13
C7 NAG LA . 49.48 9.13 -28.95
C8 NAG LA . 48.60 7.96 -29.22
N2 NAG LA . 49.90 9.39 -27.69
O3 NAG LA . 52.64 9.12 -26.80
O4 NAG LA . 53.63 11.10 -24.88
O5 NAG LA . 50.70 12.86 -26.41
O6 NAG LA . 53.20 14.37 -26.23
O7 NAG LA . 49.81 9.85 -29.89
C1 NAG LA . 55.05 11.55 -25.08
C2 NAG LA . 55.79 11.54 -23.69
C3 NAG LA . 57.27 12.01 -23.92
C4 NAG LA . 57.98 11.08 -24.96
C5 NAG LA . 57.16 11.14 -26.31
C6 NAG LA . 57.71 10.23 -27.41
C7 NAG LA . 54.16 12.14 -21.89
C8 NAG LA . 53.53 13.20 -21.03
N2 NAG LA . 55.10 12.51 -22.78
O3 NAG LA . 57.95 11.96 -22.66
O4 NAG LA . 59.34 11.54 -25.21
O5 NAG LA . 55.76 10.71 -26.05
O6 NAG LA . 57.12 10.53 -28.68
O7 NAG LA . 53.80 10.97 -21.76
C1 BMA LA . 60.45 10.58 -24.85
C2 BMA LA . 61.75 10.91 -25.68
C3 BMA LA . 62.85 9.86 -25.30
C4 BMA LA . 63.12 9.90 -23.75
C5 BMA LA . 61.77 9.59 -23.00
C6 BMA LA . 61.89 9.69 -21.48
O2 BMA LA . 62.18 12.26 -25.44
O3 BMA LA . 64.06 10.14 -26.04
O4 BMA LA . 64.09 8.91 -23.42
O5 BMA LA . 60.73 10.58 -23.42
O6 BMA LA . 62.35 10.97 -21.03
C1 NAG MA . 25.35 22.21 -27.51
C2 NAG MA . 24.04 22.72 -28.27
C3 NAG MA . 23.99 22.02 -29.67
C4 NAG MA . 25.28 22.36 -30.50
C5 NAG MA . 26.54 21.91 -29.67
C6 NAG MA . 27.84 22.34 -30.36
C7 NAG MA . 22.01 23.20 -26.94
C8 NAG MA . 20.83 22.72 -26.15
N2 NAG MA . 22.86 22.33 -27.47
O3 NAG MA . 22.83 22.47 -30.39
O4 NAG MA . 25.29 21.54 -31.70
O5 NAG MA . 26.54 22.53 -28.32
O6 NAG MA . 28.98 21.86 -29.66
O7 NAG MA . 22.15 24.42 -27.09
C1 NAG MA . 25.06 22.23 -33.02
C2 NAG MA . 25.53 21.23 -34.15
C3 NAG MA . 25.28 21.91 -35.54
C4 NAG MA . 23.76 22.31 -35.68
C5 NAG MA . 23.37 23.28 -34.50
C6 NAG MA . 21.88 23.64 -34.49
C7 NAG MA . 27.50 19.72 -33.81
C8 NAG MA . 28.98 19.55 -33.62
N2 NAG MA . 26.99 20.96 -33.97
O3 NAG MA . 25.64 21.00 -36.59
O4 NAG MA . 23.55 22.95 -36.94
O5 NAG MA . 23.68 22.61 -33.20
O6 NAG MA . 21.64 24.86 -33.77
O7 NAG MA . 26.78 18.72 -33.83
C1 NAG NA . 24.47 -12.20 -29.70
C2 NAG NA . 25.20 -11.00 -28.96
C3 NAG NA . 26.73 -11.34 -28.87
C4 NAG NA . 26.93 -12.68 -28.10
C5 NAG NA . 26.17 -13.80 -28.87
C6 NAG NA . 26.23 -15.16 -28.18
C7 NAG NA . 24.68 -8.58 -29.24
C8 NAG NA . 24.53 -7.38 -30.11
N2 NAG NA . 25.03 -9.76 -29.76
O3 NAG NA . 27.39 -10.26 -28.18
O4 NAG NA . 28.34 -13.02 -28.05
O5 NAG NA . 24.75 -13.44 -28.97
O6 NAG NA . 25.61 -15.22 -26.90
O7 NAG NA . 24.48 -8.45 -28.03
C1 NAG NA . 28.94 -13.13 -26.66
C2 NAG NA . 30.19 -14.09 -26.69
C3 NAG NA . 30.77 -14.17 -25.24
C4 NAG NA . 31.16 -12.73 -24.76
C5 NAG NA . 29.88 -11.82 -24.79
C6 NAG NA . 30.14 -10.37 -24.43
C7 NAG NA . 30.25 -16.08 -28.19
C8 NAG NA . 29.73 -17.44 -28.53
N2 NAG NA . 29.75 -15.44 -27.12
O3 NAG NA . 31.91 -15.04 -25.26
O4 NAG NA . 31.62 -12.76 -23.37
O5 NAG NA . 29.32 -11.82 -26.16
O6 NAG NA . 31.03 -9.75 -25.35
O7 NAG NA . 31.12 -15.57 -28.90
C1 BMA NA . 33.11 -12.55 -23.16
C2 BMA NA . 33.37 -12.32 -21.64
C3 BMA NA . 34.89 -12.08 -21.46
C4 BMA NA . 35.67 -13.32 -21.98
C5 BMA NA . 35.32 -13.53 -23.48
C6 BMA NA . 35.95 -14.80 -24.03
O2 BMA NA . 32.93 -13.44 -20.87
O3 BMA NA . 35.20 -11.89 -20.04
O4 BMA NA . 37.07 -13.09 -21.83
O5 BMA NA . 33.87 -13.68 -23.63
O6 BMA NA . 35.43 -15.95 -23.36
C1 MAN NA . 35.46 -10.45 -19.62
C2 MAN NA . 36.13 -10.42 -18.19
C3 MAN NA . 35.05 -10.89 -17.14
C4 MAN NA . 33.78 -9.97 -17.22
C5 MAN NA . 33.20 -10.05 -18.68
C6 MAN NA . 31.98 -9.16 -18.90
O2 MAN NA . 36.65 -9.12 -17.89
O3 MAN NA . 35.62 -10.86 -15.82
O4 MAN NA . 32.81 -10.42 -16.28
O5 MAN NA . 34.25 -9.62 -19.66
O6 MAN NA . 32.26 -7.77 -18.77
C1 MAN NA . 36.13 -17.22 -23.67
C2 MAN NA . 35.35 -18.40 -22.95
C3 MAN NA . 35.51 -18.19 -21.40
C4 MAN NA . 37.03 -18.18 -21.02
C5 MAN NA . 37.74 -17.01 -21.81
C6 MAN NA . 39.25 -16.95 -21.61
O2 MAN NA . 35.84 -19.66 -23.40
O3 MAN NA . 34.82 -19.24 -20.72
O4 MAN NA . 37.14 -17.98 -19.61
O5 MAN NA . 37.53 -17.19 -23.27
O6 MAN NA . 39.60 -16.44 -20.32
C1 NAG OA . -4.13 2.77 -43.87
C2 NAG OA . -5.38 3.54 -43.28
C3 NAG OA . -6.20 4.14 -44.47
C4 NAG OA . -5.30 5.10 -45.32
C5 NAG OA . -4.06 4.29 -45.83
C6 NAG OA . -3.01 5.14 -46.56
C7 NAG OA . -6.67 2.77 -41.29
C8 NAG OA . -7.50 1.73 -40.61
N2 NAG OA . -6.21 2.56 -42.53
O3 NAG OA . -7.30 4.88 -43.93
O4 NAG OA . -6.06 5.48 -46.50
O5 NAG OA . -3.35 3.72 -44.68
O6 NAG OA . -2.26 4.31 -47.45
O7 NAG OA . -6.41 3.83 -40.69
C1 NAG OA . -6.26 6.95 -46.74
C2 NAG OA . -6.58 7.13 -48.28
C3 NAG OA . -6.80 8.65 -48.56
C4 NAG OA . -7.97 9.19 -47.66
C5 NAG OA . -7.57 8.96 -46.15
C6 NAG OA . -8.66 9.39 -45.17
C7 NAG OA . -5.48 5.68 -49.98
C8 NAG OA . -4.23 5.26 -50.72
N2 NAG OA . -5.40 6.65 -49.07
O3 NAG OA . -7.15 8.80 -49.95
O4 NAG OA . -8.16 10.63 -47.88
O5 NAG OA . -7.33 7.51 -45.92
O6 NAG OA . -9.91 8.73 -45.40
O7 NAG OA . -6.54 5.11 -50.25
C1 NAG PA . 32.85 -15.32 -38.10
C2 NAG PA . 32.83 -15.79 -39.63
C3 NAG PA . 32.72 -17.33 -39.65
C4 NAG PA . 33.91 -17.99 -38.86
C5 NAG PA . 33.88 -17.45 -37.39
C6 NAG PA . 35.04 -17.95 -36.53
C7 NAG PA . 31.69 -14.15 -41.11
C8 NAG PA . 30.43 -13.59 -41.72
N2 NAG PA . 31.64 -15.19 -40.28
O3 NAG PA . 32.74 -17.75 -41.04
O4 NAG PA . 33.67 -19.43 -38.78
O5 NAG PA . 33.95 -15.97 -37.39
O6 NAG PA . 34.73 -17.94 -35.14
O7 NAG PA . 32.78 -13.62 -41.41
C1 NAG PA . 34.55 -20.32 -39.62
C2 NAG PA . 34.41 -21.78 -39.06
C3 NAG PA . 35.29 -22.74 -39.94
C4 NAG PA . 34.82 -22.65 -41.44
C5 NAG PA . 34.97 -21.16 -41.93
C6 NAG PA . 34.48 -20.92 -43.35
C7 NAG PA . 34.09 -21.88 -36.59
C8 NAG PA . 34.68 -21.88 -35.20
N2 NAG PA . 34.91 -21.81 -37.65
O3 NAG PA . 35.13 -24.09 -39.48
O4 NAG PA . 35.63 -23.52 -42.25
O5 NAG PA . 34.17 -20.27 -41.03
O6 NAG PA . 35.39 -21.36 -44.34
O7 NAG PA . 32.86 -21.94 -36.72
C1 NAG QA . 36.60 -9.12 -42.82
C2 NAG QA . 37.55 -9.56 -41.63
C3 NAG QA . 38.99 -9.02 -41.95
C4 NAG QA . 39.49 -9.59 -43.32
C5 NAG QA . 38.46 -9.20 -44.44
C6 NAG QA . 38.75 -9.78 -45.81
C7 NAG QA . 36.49 -9.63 -39.38
C8 NAG QA . 35.87 -8.93 -38.22
N2 NAG QA . 36.97 -8.93 -40.43
O3 NAG QA . 39.85 -9.47 -40.89
O4 NAG QA . 40.73 -8.88 -43.65
O5 NAG QA . 37.11 -9.68 -44.08
O6 NAG QA . 39.08 -11.17 -45.78
O7 NAG QA . 36.54 -10.87 -39.35
C1 NAG QA . 41.99 -9.68 -43.88
C2 NAG QA . 42.88 -8.84 -44.90
C3 NAG QA . 44.22 -9.60 -45.14
C4 NAG QA . 44.97 -9.78 -43.76
C5 NAG QA . 44.04 -10.62 -42.81
C6 NAG QA . 44.60 -10.77 -41.39
C7 NAG QA . 41.95 -7.46 -46.76
C8 NAG QA . 41.25 -7.37 -48.09
N2 NAG QA . 42.19 -8.66 -46.20
O3 NAG QA . 45.03 -8.85 -46.06
O4 NAG QA . 46.28 -10.43 -43.98
O5 NAG QA . 42.74 -9.91 -42.64
O6 NAG QA . 45.75 -11.61 -41.32
O7 NAG QA . 42.29 -6.40 -46.20
C1 NAG RA . 27.85 5.55 -45.44
C2 NAG RA . 27.60 7.10 -45.23
C3 NAG RA . 27.13 7.68 -46.61
C4 NAG RA . 28.22 7.41 -47.72
C5 NAG RA . 28.47 5.87 -47.80
C6 NAG RA . 29.55 5.46 -48.77
C7 NAG RA . 26.73 7.46 -42.92
C8 NAG RA . 25.57 7.56 -41.97
N2 NAG RA . 26.50 7.23 -44.23
O3 NAG RA . 26.91 9.09 -46.48
O4 NAG RA . 27.66 7.77 -49.01
O5 NAG RA . 28.86 5.35 -46.48
O6 NAG RA . 30.78 6.18 -48.60
O7 NAG RA . 27.87 7.59 -42.47
C1 NAG RA . 28.16 9.01 -49.68
C2 NAG RA . 27.93 8.81 -51.24
C3 NAG RA . 28.35 10.13 -51.97
C4 NAG RA . 27.52 11.34 -51.42
C5 NAG RA . 27.79 11.47 -49.87
C6 NAG RA . 26.91 12.54 -49.22
C7 NAG RA . 28.30 6.62 -52.39
C8 NAG RA . 29.22 5.53 -52.86
N2 NAG RA . 28.78 7.68 -51.73
O3 NAG RA . 28.09 10.00 -53.38
O4 NAG RA . 27.92 12.53 -52.07
O5 NAG RA . 27.44 10.18 -49.21
O6 NAG RA . 25.52 12.28 -49.37
O7 NAG RA . 27.08 6.49 -52.61
C1 NAG SA . 25.99 0.59 -54.99
C2 NAG SA . 27.48 0.65 -54.43
C3 NAG SA . 28.44 1.19 -55.54
C4 NAG SA . 28.33 0.25 -56.81
C5 NAG SA . 26.84 0.25 -57.32
C6 NAG SA . 26.60 -0.68 -58.50
C7 NAG SA . 28.12 1.32 -52.12
C8 NAG SA . 28.02 2.28 -50.96
N2 NAG SA . 27.45 1.56 -53.25
O3 NAG SA . 29.79 1.19 -55.04
O4 NAG SA . 29.28 0.46 -57.92
O5 NAG SA . 25.96 -0.23 -56.21
O6 NAG SA . 25.24 -0.63 -58.93
O7 NAG SA . 28.83 0.32 -51.99
C1 NAG SA . 29.68 1.86 -58.32
C2 NAG SA . 31.00 1.74 -59.18
C3 NAG SA . 31.46 3.19 -59.57
C4 NAG SA . 30.31 3.93 -60.35
C5 NAG SA . 29.03 3.96 -59.45
C6 NAG SA . 27.82 4.59 -60.16
C7 NAG SA . 32.82 0.06 -58.80
C8 NAG SA . 33.84 -0.55 -57.89
N2 NAG SA . 32.06 1.07 -58.36
O3 NAG SA . 32.63 3.12 -60.40
O4 NAG SA . 30.73 5.26 -60.65
O5 NAG SA . 28.64 2.57 -59.06
O6 NAG SA . 27.49 3.94 -61.38
O7 NAG SA . 32.68 -0.39 -59.95
C1 NAG TA . 22.77 -18.34 -34.74
C2 NAG TA . 22.66 -18.62 -33.18
C3 NAG TA . 23.26 -20.03 -32.88
C4 NAG TA . 22.49 -21.12 -33.70
C5 NAG TA . 22.61 -20.76 -35.23
C6 NAG TA . 21.82 -21.69 -36.16
C7 NAG TA . 22.84 -16.66 -31.68
C8 NAG TA . 23.68 -15.60 -31.06
N2 NAG TA . 23.41 -17.56 -32.48
O3 NAG TA . 23.13 -20.29 -31.47
O4 NAG TA . 23.12 -22.41 -33.45
O5 NAG TA . 22.07 -19.40 -35.47
O6 NAG TA . 20.42 -21.72 -35.87
O7 NAG TA . 21.62 -16.69 -31.46
C1 NAG TA . 22.19 -23.51 -33.00
C2 NAG TA . 23.06 -24.76 -32.56
C3 NAG TA . 22.08 -25.91 -32.14
C4 NAG TA . 21.13 -25.42 -30.99
C5 NAG TA . 20.34 -24.16 -31.49
C6 NAG TA . 19.45 -23.54 -30.41
C7 NAG TA . 25.17 -25.66 -33.57
C8 NAG TA . 25.96 -26.08 -34.77
N2 NAG TA . 23.91 -25.19 -33.71
O3 NAG TA . 22.83 -27.06 -31.67
O4 NAG TA . 20.22 -26.47 -30.64
O5 NAG TA . 21.30 -23.11 -31.92
O6 NAG TA . 18.61 -22.52 -30.94
O7 NAG TA . 25.69 -25.77 -32.44
C1 NAG UA . -12.87 -29.54 -30.65
C2 NAG UA . -13.12 -30.38 -29.33
C3 NAG UA . -13.12 -31.90 -29.71
C4 NAG UA . -14.25 -32.17 -30.77
C5 NAG UA . -13.98 -31.27 -32.03
C6 NAG UA . -15.10 -31.32 -33.08
C7 NAG UA . -12.30 -29.52 -27.14
C8 NAG UA . -11.22 -29.18 -26.16
N2 NAG UA . -12.04 -30.06 -28.35
O3 NAG UA . -13.37 -32.67 -28.52
O4 NAG UA . -14.15 -33.57 -31.18
O5 NAG UA . -13.92 -29.84 -31.62
O6 NAG UA . -14.78 -30.58 -34.24
O7 NAG UA . -13.47 -29.28 -26.80
C1 NAG UA . -15.43 -34.38 -31.15
C2 NAG UA . -15.30 -35.58 -32.20
C3 NAG UA . -16.64 -36.38 -32.19
C4 NAG UA . -16.91 -36.93 -30.73
C5 NAG UA . -16.99 -35.71 -29.74
C6 NAG UA . -17.17 -36.14 -28.29
C7 NAG UA . -13.87 -35.10 -34.20
C8 NAG UA . -13.73 -34.51 -35.57
N2 NAG UA . -15.06 -35.03 -33.57
O3 NAG UA . -16.54 -37.50 -33.10
O4 NAG UA . -18.16 -37.64 -30.72
O5 NAG UA . -15.73 -34.92 -29.82
O6 NAG UA . -16.13 -37.00 -27.83
O7 NAG UA . -12.88 -35.63 -33.67
C1 NAG VA . -2.64 -9.41 -41.74
C2 NAG VA . -2.59 -8.32 -42.89
C3 NAG VA . -3.93 -7.53 -42.85
C4 NAG VA . -5.15 -8.50 -43.03
C5 NAG VA . -5.10 -9.61 -41.92
C6 NAG VA . -6.18 -10.67 -42.11
C7 NAG VA . -0.19 -7.62 -43.12
C8 NAG VA . 0.90 -6.63 -42.81
N2 NAG VA . -1.44 -7.40 -42.65
O3 NAG VA . -3.94 -6.57 -43.93
O4 NAG VA . -6.31 -7.71 -42.74
O5 NAG VA . -3.79 -10.31 -41.96
O6 NAG VA . -6.34 -11.47 -40.94
O7 NAG VA . 0.07 -8.61 -43.79
C1 NAG VA . -7.32 -7.52 -43.82
C2 NAG VA . -8.62 -6.91 -43.14
C3 NAG VA . -9.69 -6.67 -44.25
C4 NAG VA . -9.11 -5.73 -45.37
C5 NAG VA . -7.82 -6.41 -45.98
C6 NAG VA . -7.13 -5.59 -47.05
C7 NAG VA . -8.86 -7.83 -40.82
C8 NAG VA . -9.38 -8.89 -39.88
N2 NAG VA . -9.11 -7.92 -42.14
O3 NAG VA . -10.85 -6.05 -43.66
O4 NAG VA . -10.09 -5.53 -46.39
O5 NAG VA . -6.83 -6.65 -44.88
O6 NAG VA . -7.83 -5.62 -48.30
O7 NAG VA . -8.22 -6.88 -40.34
C1 NAG WA . 47.83 -6.09 -26.13
C2 NAG WA . 48.31 -7.50 -26.69
C3 NAG WA . 48.63 -8.42 -25.47
C4 NAG WA . 49.74 -7.78 -24.56
C5 NAG WA . 49.21 -6.38 -24.07
C6 NAG WA . 50.19 -5.60 -23.20
C7 NAG WA . 47.09 -8.05 -28.80
C8 NAG WA . 45.91 -8.66 -29.50
N2 NAG WA . 47.18 -8.10 -27.46
O3 NAG WA . 49.09 -9.69 -25.97
O4 NAG WA . 49.96 -8.65 -23.41
O5 NAG WA . 48.89 -5.54 -25.26
O6 NAG WA . 49.61 -4.41 -22.69
O7 NAG WA . 47.97 -7.50 -29.49
C1 NAG WA . 51.41 -8.97 -23.09
C2 NAG WA . 51.47 -9.66 -21.67
C3 NAG WA . 52.97 -9.95 -21.33
C4 NAG WA . 53.59 -10.87 -22.44
C5 NAG WA . 53.47 -10.13 -23.83
C6 NAG WA . 53.97 -10.99 -25.00
C7 NAG WA . 49.88 -9.04 -19.83
C8 NAG WA . 49.37 -8.05 -18.83
N2 NAG WA . 50.90 -8.73 -20.64
O3 NAG WA . 53.05 -10.64 -20.06
O4 NAG WA . 54.97 -11.11 -22.15
O5 NAG WA . 52.03 -9.83 -24.10
O6 NAG WA . 54.09 -10.23 -26.20
O7 NAG WA . 49.34 -10.17 -19.88
C1 NAG XA . -38.40 -10.28 -19.48
C2 NAG XA . -39.58 -10.14 -18.41
C3 NAG XA . -40.62 -9.15 -19.00
C4 NAG XA . -39.97 -7.76 -19.34
C5 NAG XA . -38.77 -8.00 -20.34
C6 NAG XA . -37.94 -6.78 -20.69
C7 NAG XA . -39.74 -12.37 -17.28
C8 NAG XA . -40.37 -13.73 -17.17
N2 NAG XA . -40.16 -11.50 -18.22
O3 NAG XA . -41.66 -8.97 -18.03
O4 NAG XA . -41.02 -6.99 -20.01
O5 NAG XA . -37.82 -8.97 -19.75
O6 NAG XA . -36.88 -7.08 -21.60
O7 NAG XA . -38.83 -12.06 -16.50
C1 NAG XA . -41.11 -5.51 -19.70
C2 NAG XA . -41.83 -4.81 -20.92
C3 NAG XA . -41.89 -3.27 -20.62
C4 NAG XA . -42.66 -3.02 -19.27
C5 NAG XA . -41.92 -3.79 -18.12
C6 NAG XA . -42.65 -3.68 -16.77
C7 NAG XA . -41.45 -5.89 -23.12
C8 NAG XA . -40.59 -6.09 -24.35
N2 NAG XA . -41.06 -5.05 -22.17
O3 NAG XA . -42.58 -2.60 -21.69
O4 NAG XA . -42.70 -1.62 -18.98
O5 NAG XA . -41.84 -5.24 -18.45
O6 NAG XA . -41.86 -4.19 -15.70
O7 NAG XA . -42.52 -6.52 -23.04
C1 NAG YA . 46.61 28.84 2.53
C2 NAG YA . 47.81 27.93 3.06
C3 NAG YA . 49.11 28.78 3.04
C4 NAG YA . 49.41 29.31 1.60
C5 NAG YA . 48.19 30.17 1.13
C6 NAG YA . 48.31 30.66 -0.31
C7 NAG YA . 47.49 26.30 4.91
C8 NAG YA . 47.24 26.06 6.38
N2 NAG YA . 47.55 27.55 4.47
O3 NAG YA . 50.21 27.96 3.49
O4 NAG YA . 50.61 30.10 1.64
O5 NAG YA . 46.95 29.35 1.18
O6 NAG YA . 49.39 31.59 -0.49
O7 NAG YA . 47.63 25.34 4.15
C1 NAG ZA . 43.39 -16.43 40.42
C2 NAG ZA . 44.38 -15.77 41.49
C3 NAG ZA . 45.56 -16.77 41.75
C4 NAG ZA . 44.97 -18.13 42.29
C5 NAG ZA . 43.97 -18.71 41.24
C6 NAG ZA . 43.27 -19.99 41.71
C7 NAG ZA . 44.43 -13.28 41.36
C8 NAG ZA . 44.97 -12.02 40.77
N2 NAG ZA . 44.89 -14.48 40.94
O3 NAG ZA . 46.44 -16.21 42.73
O4 NAG ZA . 46.05 -19.05 42.49
O5 NAG ZA . 42.89 -17.71 40.96
O6 NAG ZA . 42.50 -19.80 42.89
O7 NAG ZA . 43.56 -13.19 42.25
C1 NAG AB . 50.65 23.13 31.43
C2 NAG AB . 50.60 24.52 30.67
C3 NAG AB . 51.06 25.64 31.68
C4 NAG AB . 50.15 25.65 32.95
C5 NAG AB . 50.21 24.24 33.63
C6 NAG AB . 49.27 24.11 34.84
C7 NAG AB . 51.23 24.84 28.27
C8 NAG AB . 52.26 24.77 27.18
N2 NAG AB . 51.55 24.48 29.52
O3 NAG AB . 50.96 26.93 31.03
O4 NAG AB . 50.61 26.65 33.86
O5 NAG AB . 49.80 23.21 32.64
O6 NAG AB . 49.54 22.93 35.60
O7 NAG AB . 50.09 25.23 27.99
C1 NAG BB . 56.19 14.04 16.46
C2 NAG BB . 57.42 13.67 17.40
C3 NAG BB . 58.45 12.84 16.56
C4 NAG BB . 57.75 11.56 15.98
C5 NAG BB . 56.53 11.99 15.10
C6 NAG BB . 55.74 10.79 14.55
C7 NAG BB . 57.80 15.41 19.14
C8 NAG BB . 58.43 16.69 19.57
N2 NAG BB . 58.03 14.93 17.90
O3 NAG BB . 59.55 12.43 17.41
O4 NAG BB . 58.68 10.85 15.12
O5 NAG BB . 55.60 12.80 15.94
O6 NAG BB . 54.65 11.21 13.72
O7 NAG BB . 57.06 14.80 19.93
C1 NAG CB . 36.68 -33.58 35.39
C2 NAG CB . 36.03 -35.05 35.33
C3 NAG CB . 34.49 -34.92 35.59
C4 NAG CB . 34.26 -34.24 37.00
C5 NAG CB . 34.96 -32.84 37.02
C6 NAG CB . 34.88 -32.16 38.40
C7 NAG CB . 37.12 -36.65 33.74
C8 NAG CB . 37.28 -37.17 32.35
N2 NAG CB . 36.25 -35.65 33.98
O3 NAG CB . 33.88 -36.22 35.58
O4 NAG CB . 32.85 -34.08 37.21
O5 NAG CB . 36.41 -33.00 36.72
O6 NAG CB . 35.28 -30.79 38.33
O7 NAG CB . 37.79 -37.16 34.66
C1 NAG DB . -3.91 -50.29 18.54
C2 NAG DB . -4.55 -51.38 19.53
C3 NAG DB . -3.55 -51.60 20.72
C4 NAG DB . -2.17 -52.10 20.15
C5 NAG DB . -1.61 -51.04 19.13
C6 NAG DB . -0.30 -51.48 18.45
C7 NAG DB . -7.02 -51.32 19.59
C8 NAG DB . -8.31 -50.75 20.14
N2 NAG DB . -5.84 -50.87 20.04
O3 NAG DB . -4.08 -52.58 21.63
O4 NAG DB . -1.25 -52.25 21.24
O5 NAG DB . -2.61 -50.80 18.05
O6 NAG DB . -0.44 -52.70 17.72
O7 NAG DB . -7.10 -52.19 18.71
C1 NAG EB . 8.33 -39.85 3.00
C2 NAG EB . 8.53 -41.11 3.96
C3 NAG EB . 10.00 -41.12 4.48
C4 NAG EB . 10.99 -41.17 3.26
C5 NAG EB . 10.73 -39.93 2.34
C6 NAG EB . 11.60 -39.92 1.08
C7 NAG EB . 6.56 -41.78 5.36
C8 NAG EB . 5.68 -41.52 6.54
N2 NAG EB . 7.60 -40.96 5.12
O3 NAG EB . 10.20 -42.29 5.30
O4 NAG EB . 12.34 -41.12 3.75
O5 NAG EB . 9.31 -39.93 1.89
O6 NAG EB . 11.45 -38.72 0.33
O7 NAG EB . 6.30 -42.74 4.61
C1 NAG FB . -19.06 52.49 6.83
C2 NAG FB . -18.91 54.06 6.55
C3 NAG FB . -19.29 54.82 7.86
C4 NAG FB . -20.76 54.47 8.27
C5 NAG FB . -20.88 52.92 8.48
C6 NAG FB . -22.32 52.46 8.78
C7 NAG FB . -17.18 54.88 4.97
C8 NAG FB . -15.73 55.13 4.66
N2 NAG FB . -17.51 54.35 6.16
O3 NAG FB . -19.18 56.25 7.63
O4 NAG FB . -21.10 55.14 9.49
O5 NAG FB . -20.45 52.21 7.23
O6 NAG FB . -22.39 51.06 8.97
O7 NAG FB . -18.04 55.18 4.13
C1 NAG GB . -6.08 55.30 10.04
C2 NAG GB . -4.54 55.73 9.97
C3 NAG GB . -4.43 57.18 10.56
C4 NAG GB . -5.33 58.18 9.73
C5 NAG GB . -6.81 57.65 9.73
C6 NAG GB . -7.74 58.45 8.83
C7 NAG GB . -2.68 54.07 10.25
C8 NAG GB . -1.93 53.07 11.09
N2 NAG GB . -3.74 54.73 10.76
O3 NAG GB . -3.05 57.57 10.49
O4 NAG GB . -5.40 59.47 10.42
O5 NAG GB . -6.86 56.25 9.24
O6 NAG GB . -9.09 57.99 8.90
O7 NAG GB . -2.31 54.26 9.08
C1 NAG HB . -28.86 43.57 22.50
C2 NAG HB . -28.28 43.65 21.02
C3 NAG HB . -29.32 43.00 20.03
C4 NAG HB . -29.56 41.50 20.45
C5 NAG HB . -30.08 41.47 21.94
C6 NAG HB . -30.26 40.05 22.48
C7 NAG HB . -26.77 45.57 20.51
C8 NAG HB . -26.59 47.04 20.24
N2 NAG HB . -28.01 45.08 20.72
O3 NAG HB . -28.81 43.04 18.68
O4 NAG HB . -30.54 40.92 19.59
O5 NAG HB . -29.10 42.14 22.85
O6 NAG HB . -29.07 39.26 22.43
O7 NAG HB . -25.76 44.85 20.54
C1 NAG IB . 13.24 56.64 -18.69
C2 NAG IB . 14.55 57.14 -19.28
C3 NAG IB . 14.25 58.00 -20.50
C4 NAG IB . 13.42 57.19 -21.48
C5 NAG IB . 12.15 56.70 -20.82
C6 NAG IB . 11.36 55.82 -21.79
C7 NAG IB . 15.96 58.99 -18.54
C8 NAG IB . 17.31 58.83 -19.17
N2 NAG IB . 15.30 57.87 -18.28
O3 NAG IB . 15.47 58.41 -21.13
O4 NAG IB . 13.07 58.01 -22.60
O5 NAG IB . 12.50 55.91 -19.68
O6 NAG IB . 10.38 55.07 -21.06
O7 NAG IB . 15.49 60.09 -18.27
C1 NAG JB . -21.09 0.78 29.95
C2 NAG JB . -22.31 1.03 30.80
C3 NAG JB . -22.32 2.45 31.30
C4 NAG JB . -21.04 2.69 32.08
C5 NAG JB . -19.84 2.40 31.19
C6 NAG JB . -18.53 2.59 31.92
C7 NAG JB . -24.19 1.72 29.41
C8 NAG JB . -23.42 2.79 28.69
N2 NAG JB . -23.47 0.75 29.99
O3 NAG JB . -23.44 2.65 32.15
O4 NAG JB . -20.98 4.03 32.58
O5 NAG JB . -19.91 1.05 30.72
O6 NAG JB . -17.46 2.48 30.99
O7 NAG JB . -25.41 1.73 29.45
C1 NAG KB . 47.06 23.83 -16.32
C2 NAG KB . 46.84 24.14 -17.87
C3 NAG KB . 47.99 25.09 -18.35
C4 NAG KB . 48.01 26.40 -17.51
C5 NAG KB . 48.22 26.02 -16.00
C6 NAG KB . 48.22 27.22 -15.05
C7 NAG KB . 46.08 22.37 -19.48
C8 NAG KB . 46.36 21.08 -20.17
N2 NAG KB . 46.98 22.85 -18.62
O3 NAG KB . 47.77 25.43 -19.74
O4 NAG KB . 49.05 27.26 -17.97
O5 NAG KB . 47.13 25.10 -15.58
O6 NAG KB . 49.39 28.01 -15.16
O7 NAG KB . 45.02 22.97 -19.71
C1 NAG LB . 21.43 -12.55 -56.06
C2 NAG LB . 22.53 -12.23 -57.18
C3 NAG LB . 21.80 -12.11 -58.57
C4 NAG LB . 21.05 -13.45 -58.89
C5 NAG LB . 20.01 -13.74 -57.74
C6 NAG LB . 19.28 -15.07 -57.93
C7 NAG LB . 24.49 -10.83 -56.52
C8 NAG LB . 25.06 -9.49 -56.20
N2 NAG LB . 23.20 -10.94 -56.85
O3 NAG LB . 22.78 -11.84 -59.60
O4 NAG LB . 20.37 -13.33 -60.14
O5 NAG LB . 20.72 -13.80 -56.43
O6 NAG LB . 18.22 -15.23 -56.98
O7 NAG LB . 25.23 -11.83 -56.48
C1 NAG MB . 54.55 2.58 -35.42
C2 NAG MB . 55.26 3.15 -34.11
C3 NAG MB . 56.69 2.49 -34.00
C4 NAG MB . 56.55 0.93 -33.95
C5 NAG MB . 55.82 0.43 -35.24
C6 NAG MB . 55.53 -1.07 -35.23
C7 NAG MB . 55.13 5.49 -33.26
C8 NAG MB . 55.28 6.96 -33.51
N2 NAG MB . 55.38 4.62 -34.26
O3 NAG MB . 57.34 2.95 -32.79
O4 NAG MB . 57.85 0.34 -33.87
O5 NAG MB . 54.51 1.11 -35.34
O6 NAG MB . 54.68 -1.47 -34.16
O7 NAG MB . 54.79 5.11 -32.13
C1 NAG NB . -33.09 -25.44 -30.95
C2 NAG NB . -33.77 -26.73 -31.61
C3 NAG NB . -33.05 -27.02 -32.98
C4 NAG NB . -33.20 -25.78 -33.92
C5 NAG NB . -32.58 -24.52 -33.22
C6 NAG NB . -32.78 -23.23 -34.03
C7 NAG NB . -34.58 -28.31 -29.88
C8 NAG NB . -34.35 -29.49 -28.98
N2 NAG NB . -33.61 -27.90 -30.71
O3 NAG NB . -33.65 -28.17 -33.61
O4 NAG NB . -32.50 -26.03 -35.14
O5 NAG NB . -33.24 -24.30 -31.89
O6 NAG NB . -34.16 -22.88 -34.23
O7 NAG NB . -35.67 -27.72 -29.82
C1 NAG OB . -25.88 -4.90 -26.56
C2 NAG OB . -26.44 -5.95 -27.63
C3 NAG OB . -25.85 -5.60 -29.04
C4 NAG OB . -26.22 -4.12 -29.42
C5 NAG OB . -25.66 -3.15 -28.32
C6 NAG OB . -26.04 -1.68 -28.56
C7 NAG OB . -26.81 -8.22 -26.65
C8 NAG OB . -26.27 -9.55 -26.21
N2 NAG OB . -26.00 -7.30 -27.21
O3 NAG OB . -26.42 -6.50 -30.01
O4 NAG OB . -25.64 -3.80 -30.69
O5 NAG OB . -26.23 -3.54 -26.99
O6 NAG OB . -25.38 -0.81 -27.66
O7 NAG OB . -28.01 -7.98 -26.48
#